data_7AZ5
#
_entry.id   7AZ5
#
_cell.length_a   68.886
_cell.length_b   80.166
_cell.length_c   83.371
_cell.angle_alpha   62.790
_cell.angle_beta   71.290
_cell.angle_gamma   81.660
#
_symmetry.space_group_name_H-M   'P 1'
#
loop_
_entity.id
_entity.type
_entity.pdbx_description
1 polymer 'Beta sliding clamp'
2 polymer 'Peptide 47'
3 non-polymer 'TETRAETHYLENE GLYCOL'
4 non-polymer DI(HYDROXYETHYL)ETHER
5 water water
#
loop_
_entity_poly.entity_id
_entity_poly.type
_entity_poly.pdbx_seq_one_letter_code
_entity_poly.pdbx_strand_id
1 'polypeptide(L)'
;MGSSHHHHHHSSGLVPRGSHMKFTVEREHLLKPLQQVSGPLGGRPTLPILGNLLLQVADGTLSLTGTDLEMEMVARVALV
QPHEPGATTVPARKFFDICRGLPEGAEIAVQLEGERMLVRSGRSRFSLSTLPAADFPNLDDWQSEVEFTLPQATMKRLIE
ATQFSMAHQDVRYYLNGMLFETEGEELRTVATDGHRLAVCSMPIGQSLPSHSVIVPRKGVIELMRMLDGGDNPLRVQIGS
NNIRAHVGDFIFTSKLVDGRFPDYRRVLPKNPDKHLEAGCDLLKQAFARAAILSNEKFRGVRLYVSENQLKITANNPEQE
EAEEILDVTYSGAEMEIGFNVSYVLDVLNALKCENVRMMLTDSVSSVQIEDAASQSAAYVVMPMRL
;
A,B,C,D
2 'polypeptide(L)' (ACE)Q(ALC)DL(OIC)L H,I,J,K
#
# COMPACT_ATOMS: atom_id res chain seq x y z
N SER A 19 -13.12 29.95 -33.07
CA SER A 19 -11.87 30.71 -33.19
C SER A 19 -11.09 30.36 -34.46
N HIS A 20 -10.37 31.36 -35.02
CA HIS A 20 -9.60 31.24 -36.28
C HIS A 20 -8.20 30.62 -36.06
N MET A 21 -7.77 30.42 -34.81
CA MET A 21 -6.44 29.94 -34.47
C MET A 21 -5.86 28.86 -35.41
N LYS A 22 -4.70 29.17 -36.01
CA LYS A 22 -3.95 28.26 -36.90
C LYS A 22 -2.47 28.59 -36.74
N PHE A 23 -1.61 27.58 -36.59
CA PHE A 23 -0.15 27.78 -36.55
C PHE A 23 0.55 26.52 -37.04
N THR A 24 1.76 26.68 -37.55
CA THR A 24 2.63 25.61 -38.01
C THR A 24 4.00 25.91 -37.40
N VAL A 25 4.54 24.97 -36.63
CA VAL A 25 5.83 25.14 -35.95
C VAL A 25 6.61 23.84 -36.00
N GLU A 26 7.94 23.96 -35.90
CA GLU A 26 8.84 22.83 -35.83
C GLU A 26 8.70 22.20 -34.47
N ARG A 27 8.64 20.85 -34.41
CA ARG A 27 8.60 20.06 -33.17
C ARG A 27 9.69 20.54 -32.20
N GLU A 28 10.90 20.76 -32.73
CA GLU A 28 12.08 21.17 -31.95
C GLU A 28 11.90 22.52 -31.26
N HIS A 29 11.02 23.40 -31.76
CA HIS A 29 10.76 24.72 -31.17
C HIS A 29 9.56 24.68 -30.22
N LEU A 30 8.86 23.54 -30.18
CA LEU A 30 7.67 23.35 -29.35
C LEU A 30 7.85 22.48 -28.08
N LEU A 31 8.79 21.51 -28.08
CA LEU A 31 8.99 20.57 -26.95
C LEU A 31 9.37 21.20 -25.62
N LYS A 32 10.41 22.06 -25.58
CA LYS A 32 10.83 22.74 -24.36
C LYS A 32 9.69 23.62 -23.81
N PRO A 33 9.04 24.54 -24.60
CA PRO A 33 7.88 25.28 -24.07
C PRO A 33 6.80 24.40 -23.47
N LEU A 34 6.37 23.32 -24.17
CA LEU A 34 5.33 22.38 -23.69
C LEU A 34 5.71 21.72 -22.37
N GLN A 35 6.95 21.25 -22.25
CA GLN A 35 7.40 20.62 -21.01
C GLN A 35 7.36 21.65 -19.86
N GLN A 36 7.87 22.87 -20.10
CA GLN A 36 7.92 23.94 -19.11
C GLN A 36 6.55 24.39 -18.59
N VAL A 37 5.61 24.70 -19.51
CA VAL A 37 4.28 25.18 -19.10
C VAL A 37 3.44 24.11 -18.44
N SER A 38 3.77 22.85 -18.66
CA SER A 38 3.07 21.72 -18.07
C SER A 38 3.49 21.44 -16.65
N GLY A 39 4.64 21.96 -16.24
CA GLY A 39 5.18 21.84 -14.88
C GLY A 39 4.17 22.00 -13.75
N PRO A 40 3.37 23.11 -13.71
CA PRO A 40 2.38 23.26 -12.61
C PRO A 40 1.19 22.30 -12.64
N LEU A 41 1.08 21.46 -13.68
CA LEU A 41 -0.06 20.57 -13.83
C LEU A 41 0.03 19.32 -12.99
N GLY A 42 -0.98 19.14 -12.14
CA GLY A 42 -1.09 17.98 -11.26
C GLY A 42 -1.52 16.75 -12.03
N GLY A 43 -1.29 15.58 -11.45
CA GLY A 43 -1.66 14.30 -12.04
C GLY A 43 -3.15 14.04 -12.07
N ARG A 44 -3.89 14.61 -11.09
CA ARG A 44 -5.35 14.44 -10.94
C ARG A 44 -6.09 15.80 -10.93
N PRO A 45 -6.28 16.54 -12.06
CA PRO A 45 -7.01 17.83 -11.99
C PRO A 45 -8.43 17.66 -11.48
N THR A 46 -8.84 18.53 -10.54
CA THR A 46 -10.17 18.54 -9.93
C THR A 46 -11.19 19.03 -10.95
N LEU A 47 -10.73 19.92 -11.86
CA LEU A 47 -11.52 20.51 -12.95
C LEU A 47 -10.87 20.15 -14.27
N PRO A 48 -11.66 19.72 -15.29
CA PRO A 48 -11.04 19.34 -16.58
C PRO A 48 -10.16 20.42 -17.23
N ILE A 49 -10.53 21.69 -17.13
CA ILE A 49 -9.73 22.80 -17.68
C ILE A 49 -8.34 22.89 -17.04
N LEU A 50 -8.22 22.44 -15.77
CA LEU A 50 -6.94 22.44 -15.07
C LEU A 50 -5.96 21.41 -15.64
N GLY A 51 -6.45 20.50 -16.49
CA GLY A 51 -5.58 19.55 -17.18
C GLY A 51 -5.21 20.01 -18.59
N ASN A 52 -5.66 21.24 -18.95
CA ASN A 52 -5.44 21.85 -20.26
C ASN A 52 -4.38 22.95 -20.29
N LEU A 53 -3.80 23.17 -21.47
CA LEU A 53 -2.89 24.29 -21.65
C LEU A 53 -3.65 25.27 -22.51
N LEU A 54 -3.58 26.58 -22.19
CA LEU A 54 -4.18 27.62 -23.02
C LEU A 54 -3.17 27.98 -24.15
N LEU A 55 -3.63 27.96 -25.42
CA LEU A 55 -2.85 28.27 -26.63
C LEU A 55 -3.40 29.55 -27.22
N GLN A 56 -2.53 30.54 -27.48
CA GLN A 56 -2.97 31.83 -28.02
C GLN A 56 -2.06 32.26 -29.16
N VAL A 57 -2.64 32.65 -30.28
CA VAL A 57 -1.89 33.20 -31.41
C VAL A 57 -2.31 34.65 -31.55
N ALA A 58 -1.33 35.55 -31.50
CA ALA A 58 -1.54 36.99 -31.67
C ALA A 58 -0.20 37.64 -31.98
N ASP A 59 -0.20 38.61 -32.91
CA ASP A 59 0.98 39.40 -33.31
C ASP A 59 2.22 38.52 -33.64
N GLY A 60 2.04 37.48 -34.46
CA GLY A 60 3.11 36.56 -34.87
C GLY A 60 3.74 35.70 -33.78
N THR A 61 3.11 35.60 -32.60
CA THR A 61 3.60 34.84 -31.45
C THR A 61 2.59 33.80 -31.00
N LEU A 62 3.08 32.60 -30.64
CA LEU A 62 2.26 31.55 -30.03
C LEU A 62 2.60 31.59 -28.52
N SER A 63 1.59 31.80 -27.68
CA SER A 63 1.73 31.77 -26.22
C SER A 63 1.07 30.49 -25.69
N LEU A 64 1.75 29.81 -24.75
CA LEU A 64 1.26 28.59 -24.12
C LEU A 64 1.25 28.83 -22.62
N THR A 65 0.14 28.51 -21.94
CA THR A 65 0.01 28.72 -20.49
C THR A 65 -0.51 27.46 -19.85
N GLY A 66 0.08 27.13 -18.70
CA GLY A 66 -0.34 26.05 -17.80
C GLY A 66 -0.53 26.65 -16.42
N THR A 67 -1.57 26.22 -15.67
CA THR A 67 -1.82 26.74 -14.31
C THR A 67 -2.31 25.66 -13.33
N ASP A 68 -2.21 25.95 -12.03
CA ASP A 68 -2.76 25.10 -10.96
C ASP A 68 -3.60 25.97 -10.06
N LEU A 69 -3.84 27.23 -10.48
CA LEU A 69 -4.58 28.31 -9.81
C LEU A 69 -3.72 29.12 -8.82
N GLU A 70 -2.62 28.55 -8.26
CA GLU A 70 -1.70 29.21 -7.32
C GLU A 70 -0.59 29.86 -8.15
N MET A 71 -0.21 29.19 -9.22
CA MET A 71 0.84 29.68 -10.09
C MET A 71 0.50 29.40 -11.52
N GLU A 72 1.25 30.05 -12.42
CA GLU A 72 1.10 29.88 -13.85
C GLU A 72 2.46 30.01 -14.52
N MET A 73 2.65 29.28 -15.60
CA MET A 73 3.89 29.32 -16.38
C MET A 73 3.49 29.59 -17.80
N VAL A 74 4.07 30.62 -18.41
CA VAL A 74 3.80 31.08 -19.77
C VAL A 74 5.07 30.91 -20.60
N ALA A 75 4.91 30.49 -21.87
CA ALA A 75 6.01 30.35 -22.82
C ALA A 75 5.60 31.00 -24.11
N ARG A 76 6.53 31.74 -24.76
CA ARG A 76 6.27 32.42 -26.04
C ARG A 76 7.14 31.82 -27.12
N VAL A 77 6.52 31.49 -28.27
CA VAL A 77 7.17 30.88 -29.43
C VAL A 77 6.94 31.80 -30.64
N ALA A 78 8.02 32.25 -31.28
CA ALA A 78 7.92 33.10 -32.46
C ALA A 78 7.38 32.28 -33.62
N LEU A 79 6.43 32.82 -34.38
CA LEU A 79 5.84 32.13 -35.52
C LEU A 79 6.37 32.72 -36.80
N VAL A 80 7.03 31.89 -37.63
CA VAL A 80 7.62 32.34 -38.90
C VAL A 80 6.85 31.80 -40.10
N GLN A 81 6.04 30.77 -39.89
CA GLN A 81 5.23 30.21 -40.97
C GLN A 81 3.83 30.81 -40.93
N PRO A 82 3.03 30.76 -42.04
CA PRO A 82 1.68 31.32 -42.00
C PRO A 82 0.85 30.87 -40.78
N HIS A 83 0.13 31.82 -40.18
CA HIS A 83 -0.66 31.57 -38.97
C HIS A 83 -1.86 32.50 -38.93
N GLU A 84 -2.87 32.12 -38.13
CA GLU A 84 -4.07 32.92 -37.94
C GLU A 84 -4.32 33.08 -36.45
N PRO A 85 -4.66 34.33 -36.01
CA PRO A 85 -4.89 34.57 -34.58
C PRO A 85 -6.09 33.82 -34.02
N GLY A 86 -6.04 33.55 -32.73
CA GLY A 86 -7.11 32.88 -32.02
C GLY A 86 -6.60 32.27 -30.75
N ALA A 87 -7.47 31.53 -30.07
CA ALA A 87 -7.13 30.87 -28.82
C ALA A 87 -8.04 29.69 -28.54
N THR A 88 -7.49 28.71 -27.80
CA THR A 88 -8.19 27.52 -27.35
C THR A 88 -7.42 26.91 -26.18
N THR A 89 -7.98 25.90 -25.53
CA THR A 89 -7.30 25.15 -24.48
C THR A 89 -7.31 23.68 -24.94
N VAL A 90 -6.22 22.97 -24.69
CA VAL A 90 -6.06 21.60 -25.13
C VAL A 90 -5.48 20.69 -24.00
N PRO A 91 -5.89 19.38 -23.89
CA PRO A 91 -5.27 18.50 -22.87
C PRO A 91 -3.75 18.52 -22.98
N ALA A 92 -3.07 18.93 -21.92
CA ALA A 92 -1.60 19.09 -21.87
C ALA A 92 -0.83 17.81 -22.13
N ARG A 93 -1.16 16.74 -21.40
CA ARG A 93 -0.47 15.44 -21.48
C ARG A 93 -0.56 14.85 -22.88
N LYS A 94 -1.78 14.80 -23.44
CA LYS A 94 -2.00 14.26 -24.79
C LYS A 94 -1.27 15.08 -25.84
N PHE A 95 -1.36 16.41 -25.79
CA PHE A 95 -0.70 17.27 -26.75
C PHE A 95 0.81 17.14 -26.68
N PHE A 96 1.36 17.12 -25.45
CA PHE A 96 2.81 16.94 -25.27
C PHE A 96 3.26 15.57 -25.83
N ASP A 97 2.55 14.48 -25.44
CA ASP A 97 2.89 13.13 -25.91
C ASP A 97 2.89 13.01 -27.43
N ILE A 98 1.89 13.64 -28.09
CA ILE A 98 1.78 13.65 -29.55
C ILE A 98 3.02 14.31 -30.15
N CYS A 99 3.37 15.53 -29.71
CA CYS A 99 4.53 16.27 -30.23
C CYS A 99 5.84 15.52 -29.96
N ARG A 100 6.00 15.00 -28.72
CA ARG A 100 7.17 14.22 -28.32
C ARG A 100 7.30 12.90 -29.15
N GLY A 101 6.17 12.28 -29.43
CA GLY A 101 6.10 11.03 -30.17
C GLY A 101 6.35 11.16 -31.67
N LEU A 102 6.23 12.40 -32.21
CA LEU A 102 6.49 12.63 -33.63
C LEU A 102 7.99 12.57 -33.92
N PRO A 103 8.43 12.27 -35.17
CA PRO A 103 9.88 12.15 -35.43
C PRO A 103 10.65 13.46 -35.34
N GLU A 104 11.97 13.36 -35.11
CA GLU A 104 12.86 14.52 -35.05
C GLU A 104 12.74 15.32 -36.36
N GLY A 105 12.63 16.64 -36.24
CA GLY A 105 12.50 17.52 -37.40
C GLY A 105 11.09 17.64 -37.96
N ALA A 106 10.09 17.06 -37.28
CA ALA A 106 8.71 17.13 -37.75
C ALA A 106 8.17 18.56 -37.67
N GLU A 107 7.34 18.89 -38.63
CA GLU A 107 6.61 20.14 -38.70
C GLU A 107 5.21 19.81 -38.16
N ILE A 108 4.75 20.58 -37.17
CA ILE A 108 3.44 20.36 -36.54
C ILE A 108 2.46 21.46 -36.98
N ALA A 109 1.42 21.09 -37.74
CA ALA A 109 0.41 22.01 -38.24
C ALA A 109 -0.84 21.85 -37.35
N VAL A 110 -1.24 22.95 -36.73
CA VAL A 110 -2.35 22.98 -35.78
C VAL A 110 -3.45 23.91 -36.30
N GLN A 111 -4.71 23.45 -36.23
CA GLN A 111 -5.87 24.25 -36.58
C GLN A 111 -7.11 23.81 -35.82
N LEU A 112 -8.07 24.72 -35.65
CA LEU A 112 -9.34 24.38 -35.00
C LEU A 112 -10.37 24.00 -36.04
N GLU A 113 -11.24 23.06 -35.69
CA GLU A 113 -12.35 22.56 -36.49
C GLU A 113 -13.47 22.27 -35.51
N GLY A 114 -14.34 23.27 -35.33
CA GLY A 114 -15.43 23.22 -34.36
C GLY A 114 -14.86 23.28 -32.96
N GLU A 115 -15.20 22.28 -32.14
CA GLU A 115 -14.74 22.14 -30.76
C GLU A 115 -13.55 21.18 -30.65
N ARG A 116 -12.91 20.86 -31.78
CA ARG A 116 -11.76 20.00 -31.77
C ARG A 116 -10.53 20.72 -32.34
N MET A 117 -9.36 20.32 -31.88
CA MET A 117 -8.11 20.89 -32.35
C MET A 117 -7.42 19.82 -33.16
N LEU A 118 -7.14 20.14 -34.42
CA LEU A 118 -6.46 19.20 -35.30
C LEU A 118 -4.99 19.43 -35.27
N VAL A 119 -4.25 18.34 -35.17
CA VAL A 119 -2.78 18.33 -35.16
C VAL A 119 -2.39 17.43 -36.32
N ARG A 120 -1.61 17.97 -37.26
CA ARG A 120 -1.19 17.23 -38.44
C ARG A 120 0.30 17.37 -38.62
N SER A 121 0.94 16.26 -38.98
CA SER A 121 2.38 16.17 -39.23
C SER A 121 2.57 14.95 -40.10
N GLY A 122 3.12 15.13 -41.30
CA GLY A 122 3.31 14.05 -42.28
C GLY A 122 1.98 13.41 -42.56
N ARG A 123 1.85 12.09 -42.30
CA ARG A 123 0.56 11.41 -42.44
C ARG A 123 -0.03 11.00 -41.06
N SER A 124 0.31 11.77 -40.04
CA SER A 124 -0.19 11.58 -38.69
C SER A 124 -1.21 12.70 -38.48
N ARG A 125 -2.39 12.32 -38.00
CA ARG A 125 -3.53 13.22 -37.78
C ARG A 125 -4.09 12.94 -36.40
N PHE A 126 -4.32 14.00 -35.61
CA PHE A 126 -4.85 13.88 -34.24
C PHE A 126 -5.93 14.92 -34.03
N SER A 127 -7.07 14.50 -33.50
CA SER A 127 -8.18 15.39 -33.22
C SER A 127 -8.35 15.40 -31.70
N LEU A 128 -8.13 16.57 -31.06
CA LEU A 128 -8.19 16.70 -29.60
C LEU A 128 -9.42 17.48 -29.15
N SER A 129 -9.99 17.12 -27.99
CA SER A 129 -11.16 17.85 -27.47
C SER A 129 -10.64 19.17 -26.88
N THR A 130 -11.42 20.23 -26.95
CA THR A 130 -10.97 21.51 -26.41
C THR A 130 -11.95 22.02 -25.38
N LEU A 131 -11.57 23.08 -24.66
CA LEU A 131 -12.45 23.84 -23.77
C LEU A 131 -12.21 25.30 -24.08
N PRO A 132 -13.25 26.18 -24.11
CA PRO A 132 -13.02 27.58 -24.51
C PRO A 132 -11.91 28.31 -23.78
N ALA A 133 -11.12 29.09 -24.53
CA ALA A 133 -10.03 29.91 -23.98
C ALA A 133 -10.58 30.89 -22.94
N ALA A 134 -11.83 31.35 -23.13
CA ALA A 134 -12.54 32.25 -22.21
C ALA A 134 -12.75 31.63 -20.82
N ASP A 135 -12.72 30.28 -20.72
CA ASP A 135 -12.88 29.59 -19.43
C ASP A 135 -11.56 29.36 -18.70
N PHE A 136 -10.42 29.63 -19.37
CA PHE A 136 -9.11 29.41 -18.75
C PHE A 136 -8.89 30.32 -17.53
N PRO A 137 -8.55 29.74 -16.38
CA PRO A 137 -8.38 30.56 -15.16
C PRO A 137 -7.16 31.49 -15.25
N ASN A 138 -7.34 32.77 -14.89
CA ASN A 138 -6.29 33.81 -14.89
C ASN A 138 -6.01 34.26 -13.45
N LEU A 139 -4.70 34.48 -13.11
CA LEU A 139 -4.37 35.05 -11.81
C LEU A 139 -4.81 36.52 -11.86
N ASP A 140 -5.28 37.07 -10.75
CA ASP A 140 -5.75 38.46 -10.69
C ASP A 140 -4.61 39.44 -11.00
N ASP A 141 -4.98 40.62 -11.53
CA ASP A 141 -4.02 41.69 -11.82
C ASP A 141 -3.38 42.16 -10.52
N TRP A 142 -2.11 42.53 -10.60
CA TRP A 142 -1.37 43.02 -9.43
C TRP A 142 -0.29 43.99 -9.89
N GLN A 143 0.27 44.75 -8.95
CA GLN A 143 1.31 45.73 -9.25
C GLN A 143 2.66 45.31 -8.64
N SER A 144 3.77 45.42 -9.40
CA SER A 144 5.07 45.11 -8.78
C SER A 144 5.48 46.29 -7.89
N GLU A 145 6.07 45.98 -6.75
CA GLU A 145 6.55 46.95 -5.78
C GLU A 145 8.07 46.90 -5.63
N VAL A 146 8.69 45.76 -5.96
CA VAL A 146 10.14 45.53 -5.92
C VAL A 146 10.52 44.84 -7.22
N GLU A 147 11.58 45.34 -7.87
CA GLU A 147 12.06 44.78 -9.13
C GLU A 147 13.56 44.71 -9.14
N PHE A 148 14.11 43.63 -9.70
CA PHE A 148 15.56 43.46 -9.87
C PHE A 148 15.86 42.41 -10.91
N THR A 149 17.09 42.45 -11.44
CA THR A 149 17.61 41.54 -12.46
C THR A 149 18.84 40.87 -11.90
N LEU A 150 18.98 39.57 -12.14
CA LEU A 150 20.12 38.79 -11.66
C LEU A 150 20.40 37.64 -12.61
N PRO A 151 21.63 37.09 -12.66
CA PRO A 151 21.90 35.95 -13.56
C PRO A 151 21.14 34.71 -13.09
N GLN A 152 20.71 33.88 -14.04
CA GLN A 152 20.02 32.60 -13.81
C GLN A 152 20.82 31.71 -12.85
N ALA A 153 22.15 31.65 -13.03
CA ALA A 153 23.05 30.83 -12.18
C ALA A 153 23.02 31.27 -10.73
N THR A 154 22.87 32.58 -10.49
CA THR A 154 22.80 33.14 -9.15
C THR A 154 21.49 32.70 -8.48
N MET A 155 20.35 32.80 -9.21
CA MET A 155 19.05 32.38 -8.68
C MET A 155 19.02 30.89 -8.43
N LYS A 156 19.57 30.08 -9.36
CA LYS A 156 19.65 28.62 -9.24
C LYS A 156 20.43 28.23 -7.99
N ARG A 157 21.62 28.84 -7.79
CA ARG A 157 22.47 28.61 -6.61
C ARG A 157 21.70 28.91 -5.31
N LEU A 158 21.03 30.08 -5.21
CA LEU A 158 20.24 30.47 -4.04
C LEU A 158 19.15 29.44 -3.70
N ILE A 159 18.44 28.93 -4.72
CA ILE A 159 17.38 27.95 -4.54
C ILE A 159 17.94 26.55 -4.21
N GLU A 160 18.92 26.04 -5.03
CA GLU A 160 19.54 24.72 -4.84
C GLU A 160 20.20 24.57 -3.49
N ALA A 161 20.83 25.65 -3.01
CA ALA A 161 21.53 25.63 -1.74
C ALA A 161 20.58 25.49 -0.56
N THR A 162 19.29 25.86 -0.71
CA THR A 162 18.39 25.88 0.45
C THR A 162 17.10 25.07 0.35
N GLN A 163 16.63 24.71 -0.86
CA GLN A 163 15.31 24.12 -1.08
C GLN A 163 15.03 22.85 -0.29
N PHE A 164 16.04 21.96 -0.09
CA PHE A 164 15.87 20.69 0.63
C PHE A 164 15.45 20.94 2.09
N SER A 165 15.75 22.15 2.64
CA SER A 165 15.37 22.47 4.03
C SER A 165 13.94 23.04 4.18
N MET A 166 13.20 23.22 3.06
CA MET A 166 11.82 23.70 3.15
C MET A 166 10.98 22.61 3.77
N ALA A 167 9.96 22.98 4.55
CA ALA A 167 9.01 22.00 5.06
C ALA A 167 8.16 21.52 3.86
N HIS A 168 7.59 20.31 3.96
N HIS A 168 7.57 20.32 3.95
CA HIS A 168 6.77 19.73 2.89
CA HIS A 168 6.72 19.81 2.87
C HIS A 168 5.28 19.96 3.14
C HIS A 168 5.25 20.04 3.18
N GLN A 169 4.75 19.45 4.27
CA GLN A 169 3.35 19.61 4.65
C GLN A 169 3.27 19.92 6.13
N ASP A 170 4.03 20.94 6.59
CA ASP A 170 4.02 21.33 8.00
C ASP A 170 2.73 22.09 8.27
N VAL A 171 2.24 22.02 9.50
CA VAL A 171 1.04 22.72 9.97
C VAL A 171 1.27 24.24 9.93
N ARG A 172 2.53 24.64 10.12
CA ARG A 172 2.97 26.02 10.04
C ARG A 172 3.15 26.23 8.54
N TYR A 173 2.02 26.53 7.86
CA TYR A 173 1.92 26.72 6.41
C TYR A 173 3.01 27.65 5.80
N TYR A 174 3.42 28.69 6.54
CA TYR A 174 4.46 29.66 6.13
C TYR A 174 5.85 29.02 6.01
N LEU A 175 6.03 27.76 6.49
CA LEU A 175 7.31 27.05 6.36
C LEU A 175 7.36 26.18 5.08
N ASN A 176 6.18 25.91 4.47
CA ASN A 176 6.03 25.12 3.24
C ASN A 176 6.35 26.00 2.04
N GLY A 177 7.55 26.54 2.08
CA GLY A 177 8.01 27.48 1.07
C GLY A 177 9.34 28.08 1.43
N MET A 178 9.73 29.11 0.70
CA MET A 178 11.04 29.72 0.85
C MET A 178 10.93 31.21 0.98
N LEU A 179 11.67 31.75 1.94
CA LEU A 179 11.77 33.18 2.13
C LEU A 179 12.75 33.74 1.12
N PHE A 180 12.33 34.79 0.38
CA PHE A 180 13.18 35.54 -0.54
C PHE A 180 13.27 36.92 0.10
N GLU A 181 14.47 37.31 0.47
CA GLU A 181 14.69 38.58 1.15
C GLU A 181 15.74 39.43 0.48
N THR A 182 15.40 40.69 0.23
CA THR A 182 16.30 41.69 -0.34
C THR A 182 16.79 42.56 0.81
N GLU A 183 18.10 42.81 0.85
CA GLU A 183 18.76 43.64 1.86
C GLU A 183 20.04 44.21 1.27
N GLY A 184 20.11 45.54 1.19
CA GLY A 184 21.24 46.26 0.62
C GLY A 184 21.38 45.91 -0.85
N GLU A 185 22.51 45.29 -1.22
CA GLU A 185 22.74 44.84 -2.58
C GLU A 185 22.60 43.29 -2.68
N GLU A 186 22.11 42.65 -1.61
CA GLU A 186 22.00 41.20 -1.56
C GLU A 186 20.60 40.64 -1.64
N LEU A 187 20.50 39.44 -2.25
CA LEU A 187 19.31 38.64 -2.30
C LEU A 187 19.62 37.39 -1.46
N ARG A 188 18.72 37.09 -0.53
CA ARG A 188 18.86 35.99 0.43
C ARG A 188 17.68 35.04 0.35
N THR A 189 17.95 33.74 0.46
CA THR A 189 16.90 32.73 0.52
C THR A 189 17.01 31.99 1.86
N VAL A 190 15.89 31.78 2.52
CA VAL A 190 15.84 31.05 3.78
C VAL A 190 14.77 29.96 3.68
N ALA A 191 15.15 28.74 4.12
CA ALA A 191 14.24 27.61 4.16
C ALA A 191 14.45 26.85 5.46
N THR A 192 13.34 26.53 6.14
CA THR A 192 13.40 25.75 7.38
C THR A 192 12.15 24.91 7.54
N ASP A 193 12.29 23.77 8.23
CA ASP A 193 11.19 22.86 8.52
C ASP A 193 11.01 22.78 10.04
N GLY A 194 11.72 23.64 10.78
CA GLY A 194 11.64 23.65 12.24
C GLY A 194 12.65 22.79 12.96
N HIS A 195 13.38 21.93 12.23
CA HIS A 195 14.42 21.07 12.81
C HIS A 195 15.76 21.50 12.22
N ARG A 196 15.76 21.90 10.96
CA ARG A 196 16.97 22.34 10.26
C ARG A 196 16.66 23.54 9.37
N LEU A 197 17.66 24.37 9.13
CA LEU A 197 17.54 25.59 8.38
C LEU A 197 18.71 25.70 7.39
N ALA A 198 18.44 26.36 6.25
CA ALA A 198 19.41 26.66 5.21
C ALA A 198 19.22 28.12 4.82
N VAL A 199 20.33 28.85 4.70
CA VAL A 199 20.34 30.27 4.34
C VAL A 199 21.50 30.50 3.38
N CYS A 200 21.20 31.17 2.26
CA CYS A 200 22.20 31.52 1.26
C CYS A 200 21.97 32.99 0.86
N SER A 201 23.05 33.77 0.73
CA SER A 201 23.02 35.20 0.34
C SER A 201 23.95 35.41 -0.84
N MET A 202 23.51 36.18 -1.84
CA MET A 202 24.32 36.49 -3.04
C MET A 202 24.23 37.99 -3.36
N PRO A 203 25.35 38.63 -3.76
CA PRO A 203 25.26 40.03 -4.21
C PRO A 203 24.57 40.11 -5.57
N ILE A 204 23.76 41.13 -5.80
CA ILE A 204 23.11 41.23 -7.10
C ILE A 204 23.47 42.54 -7.85
N GLY A 205 24.37 43.35 -7.26
CA GLY A 205 24.89 44.59 -7.84
C GLY A 205 23.85 45.64 -8.16
N GLN A 206 22.91 45.86 -7.23
CA GLN A 206 21.77 46.76 -7.37
C GLN A 206 21.28 47.09 -5.98
N SER A 207 21.14 48.38 -5.62
CA SER A 207 20.63 48.77 -4.30
C SER A 207 19.15 48.39 -4.23
N LEU A 208 18.72 47.72 -3.16
CA LEU A 208 17.34 47.25 -3.07
C LEU A 208 16.68 47.68 -1.78
N PRO A 209 15.34 47.91 -1.78
CA PRO A 209 14.67 48.21 -0.50
C PRO A 209 14.58 46.92 0.32
N SER A 210 14.50 47.04 1.66
CA SER A 210 14.38 45.87 2.52
C SER A 210 13.00 45.27 2.35
N HIS A 211 12.94 44.04 1.84
CA HIS A 211 11.70 43.35 1.56
C HIS A 211 11.89 41.85 1.73
N SER A 212 10.83 41.16 2.18
CA SER A 212 10.86 39.72 2.36
C SER A 212 9.50 39.15 2.05
N VAL A 213 9.49 38.07 1.26
CA VAL A 213 8.27 37.37 0.81
C VAL A 213 8.49 35.87 0.86
N ILE A 214 7.38 35.13 0.93
CA ILE A 214 7.39 33.67 0.99
C ILE A 214 6.80 33.12 -0.28
N VAL A 215 7.61 32.36 -1.02
CA VAL A 215 7.18 31.73 -2.26
C VAL A 215 6.75 30.31 -1.87
N PRO A 216 5.54 29.82 -2.29
CA PRO A 216 5.14 28.44 -1.94
C PRO A 216 6.15 27.44 -2.48
N ARG A 217 6.34 26.29 -1.76
CA ARG A 217 7.34 25.29 -2.17
C ARG A 217 7.15 24.81 -3.62
N LYS A 218 5.91 24.55 -4.07
CA LYS A 218 5.62 24.15 -5.46
C LYS A 218 6.17 25.20 -6.47
N GLY A 219 5.99 26.50 -6.18
CA GLY A 219 6.51 27.59 -7.00
C GLY A 219 8.02 27.67 -7.06
N VAL A 220 8.66 27.41 -5.92
CA VAL A 220 10.12 27.38 -5.74
C VAL A 220 10.69 26.32 -6.68
N ILE A 221 10.11 25.10 -6.65
CA ILE A 221 10.51 23.97 -7.50
C ILE A 221 10.31 24.33 -8.99
N GLU A 222 9.16 24.98 -9.32
CA GLU A 222 8.85 25.46 -10.69
C GLU A 222 9.88 26.45 -11.20
N LEU A 223 10.16 27.51 -10.43
CA LEU A 223 11.14 28.54 -10.73
C LEU A 223 12.54 27.90 -10.92
N MET A 224 12.94 26.96 -10.04
CA MET A 224 14.22 26.26 -10.13
C MET A 224 14.37 25.51 -11.46
N ARG A 225 13.33 24.76 -11.87
CA ARG A 225 13.35 23.94 -13.07
C ARG A 225 13.34 24.77 -14.36
N MET A 226 12.87 26.03 -14.31
CA MET A 226 12.87 26.87 -15.51
C MET A 226 14.23 27.50 -15.77
N LEU A 227 15.15 27.50 -14.77
CA LEU A 227 16.49 28.07 -14.93
C LEU A 227 17.47 27.02 -15.47
N ASP A 228 18.31 27.39 -16.43
CA ASP A 228 19.32 26.47 -16.99
C ASP A 228 20.76 27.03 -16.90
N GLY A 229 20.94 28.13 -16.16
CA GLY A 229 22.23 28.76 -15.94
C GLY A 229 22.89 29.41 -17.15
N GLY A 230 22.08 29.70 -18.17
CA GLY A 230 22.53 30.34 -19.40
C GLY A 230 22.77 31.83 -19.27
N ASP A 231 23.16 32.47 -20.39
CA ASP A 231 23.47 33.90 -20.52
C ASP A 231 22.26 34.83 -20.35
N ASN A 232 21.04 34.26 -20.32
CA ASN A 232 19.84 35.08 -20.18
C ASN A 232 19.59 35.52 -18.75
N PRO A 233 19.52 36.85 -18.51
CA PRO A 233 19.24 37.34 -17.16
C PRO A 233 17.83 36.99 -16.69
N LEU A 234 17.63 36.96 -15.39
CA LEU A 234 16.32 36.70 -14.84
C LEU A 234 15.77 38.02 -14.27
N ARG A 235 14.59 38.45 -14.73
CA ARG A 235 13.95 39.67 -14.24
C ARG A 235 12.91 39.24 -13.22
N VAL A 236 13.03 39.74 -11.98
CA VAL A 236 12.13 39.41 -10.88
C VAL A 236 11.28 40.63 -10.52
N GLN A 237 9.97 40.42 -10.38
CA GLN A 237 9.00 41.42 -9.96
C GLN A 237 8.23 40.89 -8.77
N ILE A 238 8.25 41.63 -7.67
CA ILE A 238 7.59 41.23 -6.43
C ILE A 238 6.49 42.22 -6.12
N GLY A 239 5.27 41.71 -5.98
CA GLY A 239 4.11 42.52 -5.60
C GLY A 239 3.76 42.25 -4.15
N SER A 240 2.65 42.80 -3.66
CA SER A 240 2.23 42.55 -2.26
C SER A 240 1.81 41.08 -2.04
N ASN A 241 1.20 40.45 -3.06
CA ASN A 241 0.71 39.07 -2.95
C ASN A 241 1.18 38.13 -4.05
N ASN A 242 2.12 38.57 -4.90
CA ASN A 242 2.58 37.76 -6.03
C ASN A 242 4.03 37.99 -6.31
N ILE A 243 4.63 37.04 -7.05
CA ILE A 243 5.99 37.12 -7.56
C ILE A 243 5.96 36.71 -9.05
N ARG A 244 6.84 37.30 -9.83
CA ARG A 244 6.98 36.98 -11.25
C ARG A 244 8.45 36.93 -11.59
N ALA A 245 8.83 35.93 -12.38
CA ALA A 245 10.18 35.71 -12.85
C ALA A 245 10.13 35.53 -14.37
N HIS A 246 10.88 36.37 -15.11
CA HIS A 246 10.94 36.27 -16.57
C HIS A 246 12.35 35.95 -16.99
N VAL A 247 12.52 34.88 -17.76
CA VAL A 247 13.79 34.46 -18.35
C VAL A 247 13.53 34.01 -19.77
N GLY A 248 14.25 34.61 -20.72
CA GLY A 248 14.11 34.34 -22.14
C GLY A 248 12.65 34.45 -22.58
N ASP A 249 12.10 33.36 -23.08
CA ASP A 249 10.72 33.31 -23.56
C ASP A 249 9.74 32.76 -22.51
N PHE A 250 10.20 32.58 -21.26
CA PHE A 250 9.40 32.02 -20.18
C PHE A 250 9.01 33.03 -19.13
N ILE A 251 7.77 32.94 -18.63
CA ILE A 251 7.28 33.84 -17.59
C ILE A 251 6.61 33.01 -16.51
N PHE A 252 7.16 33.03 -15.28
CA PHE A 252 6.61 32.31 -14.15
C PHE A 252 5.98 33.31 -13.18
N THR A 253 4.72 33.06 -12.80
CA THR A 253 4.02 33.90 -11.83
C THR A 253 3.44 33.00 -10.76
N SER A 254 3.55 33.41 -9.49
CA SER A 254 2.95 32.67 -8.37
C SER A 254 2.39 33.63 -7.36
N LYS A 255 1.37 33.16 -6.65
CA LYS A 255 0.81 33.85 -5.50
C LYS A 255 1.87 33.66 -4.41
N LEU A 256 1.91 34.55 -3.43
CA LEU A 256 2.83 34.38 -2.30
C LEU A 256 2.10 33.73 -1.12
N VAL A 257 2.84 33.15 -0.16
CA VAL A 257 2.27 32.56 1.05
C VAL A 257 2.01 33.74 1.98
N ASP A 258 0.74 33.91 2.37
CA ASP A 258 0.32 35.00 3.23
C ASP A 258 0.54 34.64 4.68
N GLY A 259 1.76 34.91 5.16
CA GLY A 259 2.17 34.66 6.53
C GLY A 259 3.45 35.37 6.92
N ARG A 260 3.86 35.20 8.18
CA ARG A 260 5.06 35.81 8.74
C ARG A 260 6.15 34.74 8.90
N PHE A 261 7.27 34.88 8.18
CA PHE A 261 8.36 33.92 8.27
C PHE A 261 9.22 34.19 9.51
N PRO A 262 9.63 33.17 10.28
CA PRO A 262 10.48 33.43 11.46
C PRO A 262 11.84 34.07 11.11
N ASP A 263 12.63 34.46 12.12
CA ASP A 263 13.92 35.09 11.91
C ASP A 263 15.08 34.09 11.95
N TYR A 264 15.79 33.86 10.82
CA TYR A 264 16.90 32.89 10.76
C TYR A 264 18.00 33.18 11.77
N ARG A 265 18.22 34.49 12.07
CA ARG A 265 19.27 34.97 12.98
C ARG A 265 19.16 34.42 14.39
N ARG A 266 17.96 34.12 14.87
CA ARG A 266 17.81 33.58 16.23
C ARG A 266 18.19 32.08 16.36
N VAL A 267 18.45 31.41 15.22
CA VAL A 267 18.82 29.99 15.16
C VAL A 267 20.36 29.84 15.13
N LEU A 268 21.07 30.87 14.64
CA LEU A 268 22.53 30.88 14.54
C LEU A 268 23.20 30.74 15.91
N PRO A 269 24.16 29.79 16.08
CA PRO A 269 24.86 29.68 17.37
C PRO A 269 25.49 31.05 17.65
N LYS A 270 25.22 31.62 18.84
CA LYS A 270 25.66 32.96 19.19
C LYS A 270 27.19 33.08 19.28
N ASN A 271 27.81 32.36 20.21
CA ASN A 271 29.25 32.39 20.35
C ASN A 271 29.77 30.94 20.39
N PRO A 272 29.87 30.24 19.22
CA PRO A 272 30.36 28.85 19.23
C PRO A 272 31.81 28.73 19.68
N ASP A 273 32.07 27.92 20.70
CA ASP A 273 33.41 27.72 21.24
C ASP A 273 34.12 26.47 20.66
N LYS A 274 33.37 25.64 19.93
CA LYS A 274 33.90 24.41 19.37
C LYS A 274 33.82 24.43 17.84
N HIS A 275 34.97 24.25 17.17
CA HIS A 275 35.06 24.28 15.72
C HIS A 275 35.67 22.98 15.19
N LEU A 276 34.93 22.29 14.33
CA LEU A 276 35.37 21.05 13.71
C LEU A 276 35.54 21.26 12.22
N GLU A 277 36.65 20.78 11.65
CA GLU A 277 36.90 20.86 10.22
C GLU A 277 37.25 19.45 9.73
N ALA A 278 36.62 19.04 8.61
CA ALA A 278 36.84 17.71 8.04
C ALA A 278 36.52 17.73 6.55
N GLY A 279 37.07 16.73 5.84
CA GLY A 279 36.82 16.54 4.42
C GLY A 279 35.36 16.21 4.24
N CYS A 280 34.68 16.93 3.33
CA CYS A 280 33.26 16.79 3.05
C CYS A 280 32.87 15.36 2.64
N ASP A 281 33.59 14.76 1.65
CA ASP A 281 33.28 13.41 1.19
C ASP A 281 33.55 12.35 2.25
N LEU A 282 34.62 12.52 3.02
CA LEU A 282 34.99 11.59 4.11
C LEU A 282 33.90 11.56 5.19
N LEU A 283 33.36 12.74 5.54
CA LEU A 283 32.27 12.87 6.53
C LEU A 283 31.02 12.25 5.96
N LYS A 284 30.71 12.55 4.69
CA LYS A 284 29.51 12.08 4.01
C LYS A 284 29.46 10.55 3.95
N GLN A 285 30.54 9.91 3.50
CA GLN A 285 30.59 8.46 3.39
C GLN A 285 30.51 7.74 4.75
N ALA A 286 31.07 8.35 5.82
CA ALA A 286 31.04 7.79 7.17
C ALA A 286 29.61 7.88 7.74
N PHE A 287 28.93 9.02 7.56
CA PHE A 287 27.54 9.17 7.99
C PHE A 287 26.62 8.24 7.19
N ALA A 288 26.86 8.11 5.86
CA ALA A 288 26.03 7.24 4.98
C ALA A 288 26.13 5.76 5.41
N ARG A 289 27.34 5.28 5.78
CA ARG A 289 27.50 3.90 6.24
C ARG A 289 26.89 3.74 7.64
N ALA A 290 27.12 4.71 8.54
CA ALA A 290 26.57 4.63 9.91
C ALA A 290 25.04 4.63 9.88
N ALA A 291 24.42 5.40 8.95
CA ALA A 291 22.96 5.50 8.75
C ALA A 291 22.27 4.14 8.54
N ILE A 292 22.98 3.18 7.92
CA ILE A 292 22.44 1.83 7.65
C ILE A 292 21.92 1.19 8.94
N LEU A 293 22.63 1.41 10.05
CA LEU A 293 22.25 0.79 11.30
C LEU A 293 21.62 1.78 12.29
N SER A 294 21.12 2.92 11.77
CA SER A 294 20.38 3.90 12.57
C SER A 294 18.92 3.47 12.61
N ASN A 295 18.16 3.93 13.62
CA ASN A 295 16.73 3.67 13.75
C ASN A 295 16.06 4.15 12.46
N GLU A 296 15.22 3.32 11.85
CA GLU A 296 14.53 3.63 10.58
C GLU A 296 13.62 4.86 10.64
N LYS A 297 13.02 5.12 11.79
CA LYS A 297 12.11 6.25 11.96
C LYS A 297 12.85 7.52 12.40
N PHE A 298 13.66 7.43 13.47
CA PHE A 298 14.34 8.57 14.08
C PHE A 298 15.70 8.89 13.49
N ARG A 299 16.38 7.93 12.85
CA ARG A 299 17.65 8.15 12.12
C ARG A 299 18.78 8.80 12.96
N GLY A 300 18.74 8.58 14.27
CA GLY A 300 19.70 9.14 15.19
C GLY A 300 21.10 8.55 15.11
N VAL A 301 22.10 9.43 15.09
CA VAL A 301 23.51 9.07 15.15
C VAL A 301 24.12 9.88 16.27
N ARG A 302 25.15 9.34 16.89
CA ARG A 302 25.86 9.99 17.96
C ARG A 302 27.24 10.42 17.44
N LEU A 303 27.62 11.65 17.73
CA LEU A 303 28.92 12.19 17.37
C LEU A 303 29.71 12.39 18.67
N TYR A 304 30.90 11.79 18.77
CA TYR A 304 31.77 12.04 19.89
C TYR A 304 32.98 12.79 19.34
N VAL A 305 33.15 14.07 19.75
CA VAL A 305 34.26 14.89 19.30
C VAL A 305 35.34 15.00 20.38
N SER A 306 36.59 14.67 20.01
CA SER A 306 37.78 14.74 20.89
C SER A 306 38.95 15.30 20.08
N GLU A 307 40.14 15.50 20.71
CA GLU A 307 41.30 16.06 20.03
C GLU A 307 41.58 15.37 18.69
N ASN A 308 41.29 16.11 17.60
CA ASN A 308 41.46 15.73 16.19
C ASN A 308 40.81 14.39 15.80
N GLN A 309 39.67 14.07 16.42
CA GLN A 309 38.96 12.84 16.11
C GLN A 309 37.46 12.99 16.24
N LEU A 310 36.75 12.36 15.30
CA LEU A 310 35.30 12.28 15.32
C LEU A 310 34.91 10.78 15.28
N LYS A 311 34.08 10.38 16.24
CA LYS A 311 33.54 9.02 16.29
C LYS A 311 32.04 9.10 16.06
N ILE A 312 31.56 8.39 15.05
CA ILE A 312 30.14 8.37 14.71
C ILE A 312 29.61 6.99 15.05
N THR A 313 28.55 6.91 15.86
CA THR A 313 27.93 5.63 16.19
C THR A 313 26.45 5.67 15.91
N ALA A 314 25.91 4.53 15.49
CA ALA A 314 24.48 4.40 15.24
C ALA A 314 24.02 3.07 15.74
N ASN A 315 22.83 3.05 16.39
N ASN A 315 22.85 3.02 16.38
CA ASN A 315 22.17 1.88 16.97
CA ASN A 315 22.24 1.79 16.89
C ASN A 315 20.72 1.83 16.53
C ASN A 315 20.74 1.81 16.63
N ASN A 316 20.14 0.61 16.47
CA ASN A 316 18.73 0.48 16.14
C ASN A 316 18.00 -0.42 17.20
N PRO A 317 16.65 -0.55 17.15
CA PRO A 317 15.96 -1.39 18.14
C PRO A 317 16.41 -2.86 18.15
N GLU A 318 16.90 -3.38 16.99
CA GLU A 318 17.44 -4.75 16.86
C GLU A 318 18.80 -4.89 17.54
N GLN A 319 19.31 -3.80 18.12
CA GLN A 319 20.58 -3.71 18.86
C GLN A 319 21.79 -3.86 17.94
N GLU A 320 21.64 -3.58 16.63
CA GLU A 320 22.76 -3.60 15.69
C GLU A 320 23.51 -2.28 15.87
N GLU A 321 24.80 -2.23 15.55
CA GLU A 321 25.59 -1.03 15.76
C GLU A 321 26.60 -0.76 14.68
N ALA A 322 26.74 0.52 14.30
CA ALA A 322 27.73 0.98 13.34
C ALA A 322 28.63 1.96 14.05
N GLU A 323 29.91 1.93 13.76
CA GLU A 323 30.88 2.84 14.35
C GLU A 323 31.90 3.25 13.29
N GLU A 324 32.12 4.56 13.17
CA GLU A 324 33.04 5.17 12.22
C GLU A 324 33.97 6.10 12.98
N ILE A 325 35.27 5.99 12.74
CA ILE A 325 36.25 6.88 13.37
C ILE A 325 36.98 7.65 12.28
N LEU A 326 37.02 8.99 12.42
CA LEU A 326 37.64 9.87 11.44
C LEU A 326 38.66 10.81 12.05
N ASP A 327 39.73 11.10 11.30
CA ASP A 327 40.73 12.09 11.65
C ASP A 327 40.14 13.39 11.16
N VAL A 328 39.97 14.34 12.06
CA VAL A 328 39.40 15.67 11.74
C VAL A 328 40.28 16.72 12.43
N THR A 329 40.06 17.99 12.14
CA THR A 329 40.74 19.06 12.85
C THR A 329 39.73 19.51 13.90
N TYR A 330 40.09 19.29 15.17
CA TYR A 330 39.27 19.61 16.32
C TYR A 330 40.09 19.95 17.53
N SER A 331 40.00 21.19 17.96
CA SER A 331 40.58 21.71 19.20
C SER A 331 39.41 22.39 19.88
N GLY A 332 39.04 21.80 21.00
CA GLY A 332 37.91 22.17 21.84
C GLY A 332 37.72 21.08 22.88
N ALA A 333 36.84 21.31 23.87
CA ALA A 333 36.54 20.32 24.91
C ALA A 333 35.76 19.15 24.32
N GLU A 334 36.00 17.95 24.84
CA GLU A 334 35.31 16.74 24.39
C GLU A 334 33.81 16.87 24.59
N MET A 335 33.03 16.45 23.60
CA MET A 335 31.57 16.50 23.68
C MET A 335 30.90 15.43 22.82
N GLU A 336 29.73 15.02 23.28
CA GLU A 336 28.86 14.03 22.66
C GLU A 336 27.60 14.77 22.19
N ILE A 337 27.20 14.57 20.92
CA ILE A 337 26.01 15.25 20.37
C ILE A 337 25.26 14.33 19.40
N GLY A 338 23.94 14.31 19.50
CA GLY A 338 23.10 13.49 18.66
C GLY A 338 22.49 14.26 17.50
N PHE A 339 22.38 13.63 16.34
CA PHE A 339 21.78 14.24 15.15
C PHE A 339 20.99 13.25 14.35
N ASN A 340 19.99 13.75 13.64
CA ASN A 340 19.27 12.95 12.66
C ASN A 340 20.25 12.92 11.48
N VAL A 341 20.76 11.73 11.14
CA VAL A 341 21.78 11.53 10.08
C VAL A 341 21.30 12.02 8.69
N SER A 342 19.99 11.95 8.40
CA SER A 342 19.44 12.43 7.11
C SER A 342 19.64 13.92 6.94
N TYR A 343 19.43 14.70 8.01
CA TYR A 343 19.62 16.15 7.99
C TYR A 343 21.07 16.51 7.75
N VAL A 344 22.00 15.72 8.32
CA VAL A 344 23.44 15.94 8.18
C VAL A 344 23.85 15.62 6.75
N LEU A 345 23.36 14.48 6.22
CA LEU A 345 23.64 14.03 4.85
C LEU A 345 23.10 15.01 3.82
N ASP A 346 21.91 15.57 4.09
CA ASP A 346 21.28 16.58 3.19
C ASP A 346 22.19 17.78 3.07
N VAL A 347 22.76 18.26 4.20
CA VAL A 347 23.70 19.40 4.22
C VAL A 347 24.97 19.05 3.44
N LEU A 348 25.59 17.91 3.76
CA LEU A 348 26.84 17.50 3.11
C LEU A 348 26.67 17.30 1.60
N ASN A 349 25.52 16.78 1.19
CA ASN A 349 25.17 16.65 -0.22
C ASN A 349 24.96 18.02 -0.89
N ALA A 350 24.41 18.99 -0.15
CA ALA A 350 24.20 20.35 -0.67
C ALA A 350 25.51 21.12 -0.80
N LEU A 351 26.49 20.84 0.07
CA LEU A 351 27.80 21.49 0.04
C LEU A 351 28.66 20.75 -0.97
N LYS A 352 28.86 21.34 -2.11
CA LYS A 352 29.68 20.71 -3.16
C LYS A 352 31.08 21.28 -2.97
N CYS A 353 31.77 20.81 -1.92
CA CYS A 353 33.08 21.32 -1.56
C CYS A 353 34.03 20.24 -1.05
N GLU A 354 35.28 20.63 -0.77
CA GLU A 354 36.32 19.73 -0.30
C GLU A 354 36.30 19.60 1.22
N ASN A 355 36.22 20.74 1.94
CA ASN A 355 36.22 20.76 3.41
C ASN A 355 34.99 21.42 3.98
N VAL A 356 34.56 20.93 5.14
CA VAL A 356 33.39 21.39 5.85
C VAL A 356 33.78 21.84 7.25
N ARG A 357 33.16 22.94 7.71
CA ARG A 357 33.33 23.46 9.07
C ARG A 357 32.02 23.26 9.84
N MET A 358 32.13 22.87 11.11
CA MET A 358 31.01 22.66 12.02
C MET A 358 31.28 23.47 13.26
N MET A 359 30.36 24.37 13.61
CA MET A 359 30.47 25.23 14.78
C MET A 359 29.45 24.78 15.82
N LEU A 360 29.96 24.38 16.98
CA LEU A 360 29.15 23.84 18.08
C LEU A 360 29.37 24.59 19.38
N THR A 361 28.42 24.44 20.31
CA THR A 361 28.52 24.99 21.67
C THR A 361 28.43 23.79 22.62
N ASP A 362 27.23 23.20 22.78
CA ASP A 362 27.01 22.05 23.65
C ASP A 362 26.07 21.03 23.00
N SER A 363 25.78 19.94 23.72
CA SER A 363 24.95 18.82 23.26
C SER A 363 23.48 19.15 23.03
N VAL A 364 23.00 20.29 23.54
CA VAL A 364 21.58 20.66 23.41
C VAL A 364 21.36 21.88 22.52
N SER A 365 22.43 22.43 21.95
CA SER A 365 22.32 23.64 21.15
C SER A 365 22.54 23.40 19.66
N SER A 366 21.98 24.29 18.83
CA SER A 366 22.06 24.24 17.37
C SER A 366 23.52 24.21 16.88
N VAL A 367 23.74 23.59 15.71
CA VAL A 367 25.06 23.49 15.12
C VAL A 367 25.03 24.11 13.76
N GLN A 368 26.04 24.93 13.44
CA GLN A 368 26.15 25.55 12.13
C GLN A 368 27.17 24.80 11.29
N ILE A 369 26.78 24.47 10.07
CA ILE A 369 27.61 23.76 9.11
C ILE A 369 27.74 24.61 7.85
N GLU A 370 28.96 24.74 7.34
CA GLU A 370 29.26 25.50 6.12
C GLU A 370 30.55 25.03 5.47
N ASP A 371 30.77 25.44 4.22
CA ASP A 371 31.99 25.14 3.47
C ASP A 371 33.10 25.88 4.22
N ALA A 372 34.17 25.17 4.59
CA ALA A 372 35.27 25.76 5.36
C ALA A 372 35.95 26.91 4.58
N ALA A 373 35.76 26.93 3.26
CA ALA A 373 36.31 27.90 2.33
C ALA A 373 35.33 29.00 1.85
N SER A 374 34.03 28.86 2.11
CA SER A 374 33.05 29.87 1.66
C SER A 374 31.95 30.10 2.69
N GLN A 375 31.54 31.35 2.88
CA GLN A 375 30.49 31.70 3.84
C GLN A 375 29.17 32.07 3.14
N SER A 376 29.13 31.88 1.81
CA SER A 376 27.97 32.16 0.99
C SER A 376 26.68 31.50 1.55
N ALA A 377 26.73 30.18 1.83
CA ALA A 377 25.61 29.43 2.37
C ALA A 377 25.92 28.88 3.76
N ALA A 378 24.94 28.88 4.66
CA ALA A 378 25.07 28.39 6.03
C ALA A 378 23.91 27.44 6.33
N TYR A 379 24.20 26.41 7.11
CA TYR A 379 23.21 25.40 7.45
C TYR A 379 23.14 25.23 8.94
N VAL A 380 21.93 25.19 9.49
CA VAL A 380 21.80 25.02 10.93
C VAL A 380 20.96 23.80 11.19
N VAL A 381 21.50 22.84 11.99
CA VAL A 381 20.80 21.62 12.35
C VAL A 381 20.63 21.60 13.87
N MET A 382 19.40 21.37 14.33
CA MET A 382 19.16 21.25 15.76
C MET A 382 19.45 19.81 16.14
N PRO A 383 20.19 19.56 17.26
CA PRO A 383 20.49 18.17 17.63
C PRO A 383 19.31 17.38 18.19
N MET A 384 19.52 16.08 18.40
CA MET A 384 18.58 15.17 19.05
C MET A 384 19.14 14.86 20.44
N ARG A 385 18.30 14.75 21.46
CA ARG A 385 18.77 14.39 22.79
C ARG A 385 19.22 12.93 22.76
N LEU A 386 20.37 12.65 23.37
CA LEU A 386 20.96 11.32 23.41
C LEU A 386 20.40 10.54 24.59
N SER B 19 29.03 -21.34 16.58
CA SER B 19 29.82 -21.19 15.35
C SER B 19 30.90 -20.12 15.50
N HIS B 20 32.06 -20.37 14.86
CA HIS B 20 33.22 -19.48 14.84
C HIS B 20 33.60 -19.15 13.39
N MET B 21 32.60 -18.95 12.54
CA MET B 21 32.81 -18.59 11.16
C MET B 21 33.63 -17.29 11.11
N LYS B 22 34.68 -17.27 10.29
CA LYS B 22 35.52 -16.11 10.12
C LYS B 22 36.05 -16.10 8.71
N PHE B 23 36.00 -14.94 8.03
CA PHE B 23 36.60 -14.77 6.69
C PHE B 23 37.01 -13.32 6.48
N THR B 24 37.99 -13.10 5.60
CA THR B 24 38.45 -11.78 5.19
C THR B 24 38.52 -11.83 3.66
N VAL B 25 37.76 -10.96 2.99
CA VAL B 25 37.68 -10.89 1.51
C VAL B 25 37.73 -9.45 1.04
N GLU B 26 38.11 -9.27 -0.21
CA GLU B 26 38.13 -7.97 -0.86
C GLU B 26 36.69 -7.62 -1.23
N ARG B 27 36.31 -6.35 -1.02
CA ARG B 27 35.01 -5.79 -1.39
C ARG B 27 34.70 -6.12 -2.86
N GLU B 28 35.68 -5.96 -3.74
CA GLU B 28 35.57 -6.20 -5.18
C GLU B 28 35.26 -7.64 -5.55
N HIS B 29 35.59 -8.62 -4.69
CA HIS B 29 35.29 -10.02 -4.95
C HIS B 29 33.95 -10.43 -4.32
N LEU B 30 33.39 -9.55 -3.48
CA LEU B 30 32.17 -9.81 -2.73
C LEU B 30 30.93 -9.12 -3.25
N LEU B 31 31.05 -7.92 -3.82
CA LEU B 31 29.93 -7.12 -4.32
C LEU B 31 29.02 -7.80 -5.35
N LYS B 32 29.57 -8.34 -6.47
CA LYS B 32 28.77 -9.04 -7.49
C LYS B 32 28.11 -10.28 -6.87
N PRO B 33 28.84 -11.18 -6.13
CA PRO B 33 28.15 -12.30 -5.47
C PRO B 33 26.99 -11.89 -4.56
N LEU B 34 27.14 -10.81 -3.76
CA LEU B 34 26.05 -10.32 -2.86
C LEU B 34 24.83 -9.89 -3.65
N GLN B 35 25.03 -9.06 -4.70
CA GLN B 35 23.96 -8.57 -5.56
C GLN B 35 23.19 -9.75 -6.19
N GLN B 36 23.94 -10.73 -6.73
CA GLN B 36 23.38 -11.92 -7.36
C GLN B 36 22.55 -12.78 -6.43
N VAL B 37 23.05 -13.09 -5.23
CA VAL B 37 22.32 -13.96 -4.28
C VAL B 37 21.16 -13.21 -3.61
N SER B 38 21.16 -11.87 -3.67
CA SER B 38 20.04 -11.10 -3.12
C SER B 38 18.83 -11.07 -4.11
N GLY B 39 19.03 -11.58 -5.33
CA GLY B 39 18.02 -11.69 -6.38
C GLY B 39 16.68 -12.28 -5.95
N PRO B 40 16.63 -13.46 -5.27
CA PRO B 40 15.32 -14.01 -4.87
C PRO B 40 14.60 -13.31 -3.72
N LEU B 41 15.20 -12.25 -3.17
CA LEU B 41 14.68 -11.57 -1.99
C LEU B 41 13.61 -10.51 -2.26
N GLY B 42 13.22 -10.34 -3.52
CA GLY B 42 12.09 -9.50 -3.90
C GLY B 42 10.77 -10.13 -3.43
N GLY B 43 9.67 -9.41 -3.58
CA GLY B 43 8.36 -9.93 -3.18
C GLY B 43 7.98 -9.80 -1.72
N ARG B 44 8.74 -9.01 -0.92
CA ARG B 44 8.49 -8.73 0.50
C ARG B 44 8.07 -10.01 1.33
N PRO B 45 9.00 -10.96 1.61
CA PRO B 45 8.61 -12.18 2.35
C PRO B 45 8.24 -11.92 3.83
N THR B 46 7.36 -12.76 4.41
CA THR B 46 6.90 -12.58 5.78
C THR B 46 7.83 -13.21 6.83
N LEU B 47 8.35 -14.43 6.57
CA LEU B 47 9.29 -15.13 7.44
C LEU B 47 10.64 -14.31 7.49
N PRO B 48 11.01 -13.73 8.66
CA PRO B 48 12.22 -12.88 8.74
C PRO B 48 13.53 -13.42 8.13
N ILE B 49 13.81 -14.74 8.28
CA ILE B 49 15.05 -15.34 7.75
C ILE B 49 15.13 -15.24 6.22
N LEU B 50 14.00 -15.14 5.54
CA LEU B 50 13.95 -15.00 4.08
C LEU B 50 14.58 -13.69 3.59
N GLY B 51 14.69 -12.70 4.48
CA GLY B 51 15.37 -11.44 4.19
C GLY B 51 16.87 -11.55 4.45
N ASN B 52 17.34 -12.72 4.93
CA ASN B 52 18.75 -12.94 5.23
C ASN B 52 19.45 -13.78 4.18
N LEU B 53 20.79 -13.66 4.13
CA LEU B 53 21.56 -14.52 3.25
C LEU B 53 22.24 -15.53 4.15
N LEU B 54 22.34 -16.79 3.70
CA LEU B 54 23.09 -17.81 4.40
C LEU B 54 24.56 -17.67 3.98
N LEU B 55 25.46 -17.60 4.97
CA LEU B 55 26.89 -17.51 4.72
C LEU B 55 27.52 -18.79 5.27
N GLN B 56 28.31 -19.49 4.46
CA GLN B 56 28.96 -20.73 4.88
C GLN B 56 30.44 -20.72 4.51
N VAL B 57 31.30 -21.06 5.46
CA VAL B 57 32.74 -21.17 5.22
C VAL B 57 33.06 -22.64 5.39
N ALA B 58 33.67 -23.25 4.36
CA ALA B 58 34.08 -24.66 4.37
C ALA B 58 35.00 -24.91 3.18
N ASP B 59 36.02 -25.76 3.38
CA ASP B 59 36.99 -26.17 2.35
C ASP B 59 37.59 -24.98 1.57
N GLY B 60 37.99 -23.89 2.26
CA GLY B 60 38.58 -22.70 1.62
C GLY B 60 37.65 -21.90 0.71
N THR B 61 36.33 -22.09 0.86
CA THR B 61 35.31 -21.41 0.04
C THR B 61 34.26 -20.73 0.90
N LEU B 62 33.83 -19.54 0.50
CA LEU B 62 32.70 -18.84 1.12
C LEU B 62 31.52 -19.04 0.18
N SER B 63 30.43 -19.60 0.69
CA SER B 63 29.20 -19.76 -0.07
C SER B 63 28.15 -18.79 0.49
N LEU B 64 27.43 -18.14 -0.40
CA LEU B 64 26.37 -17.20 -0.06
C LEU B 64 25.12 -17.72 -0.74
N THR B 65 24.00 -17.78 0.02
CA THR B 65 22.73 -18.27 -0.52
C THR B 65 21.59 -17.35 -0.16
N GLY B 66 20.80 -17.02 -1.17
CA GLY B 66 19.55 -16.27 -1.04
C GLY B 66 18.40 -17.15 -1.51
N THR B 67 17.27 -17.15 -0.77
CA THR B 67 16.10 -17.95 -1.16
C THR B 67 14.76 -17.24 -0.93
N ASP B 68 13.68 -17.74 -1.58
CA ASP B 68 12.30 -17.27 -1.42
C ASP B 68 11.35 -18.47 -1.20
N LEU B 69 11.92 -19.69 -0.94
CA LEU B 69 11.30 -21.01 -0.73
C LEU B 69 11.09 -21.80 -2.01
N GLU B 70 11.00 -21.10 -3.13
CA GLU B 70 10.74 -21.64 -4.46
C GLU B 70 12.04 -21.77 -5.25
N MET B 71 12.92 -20.76 -5.14
CA MET B 71 14.19 -20.71 -5.84
C MET B 71 15.32 -20.39 -4.88
N GLU B 72 16.55 -20.79 -5.24
CA GLU B 72 17.77 -20.55 -4.48
C GLU B 72 18.81 -19.96 -5.42
N MET B 73 19.56 -18.96 -4.96
CA MET B 73 20.68 -18.41 -5.73
C MET B 73 21.90 -18.56 -4.87
N VAL B 74 22.93 -19.23 -5.38
CA VAL B 74 24.17 -19.52 -4.67
C VAL B 74 25.36 -18.91 -5.40
N ALA B 75 26.29 -18.34 -4.63
CA ALA B 75 27.55 -17.80 -5.15
C ALA B 75 28.70 -18.37 -4.31
N ARG B 76 29.80 -18.73 -4.96
CA ARG B 76 30.98 -19.26 -4.28
C ARG B 76 32.15 -18.31 -4.48
N VAL B 77 32.81 -17.95 -3.37
CA VAL B 77 33.95 -17.04 -3.32
C VAL B 77 35.16 -17.78 -2.74
N ALA B 78 36.28 -17.81 -3.47
CA ALA B 78 37.50 -18.47 -3.01
C ALA B 78 38.08 -17.66 -1.86
N LEU B 79 38.52 -18.35 -0.79
CA LEU B 79 39.12 -17.68 0.36
C LEU B 79 40.59 -17.97 0.37
N VAL B 80 41.42 -16.93 0.26
CA VAL B 80 42.89 -17.08 0.27
C VAL B 80 43.51 -16.57 1.57
N GLN B 81 42.78 -15.68 2.27
CA GLN B 81 43.22 -15.10 3.53
CA GLN B 81 43.22 -15.10 3.54
C GLN B 81 42.79 -16.00 4.70
N PRO B 82 43.44 -15.93 5.90
CA PRO B 82 43.01 -16.80 7.02
C PRO B 82 41.51 -16.79 7.25
N HIS B 83 40.96 -17.98 7.50
CA HIS B 83 39.52 -18.14 7.68
C HIS B 83 39.25 -19.31 8.60
N GLU B 84 38.06 -19.30 9.20
CA GLU B 84 37.61 -20.36 10.09
C GLU B 84 36.23 -20.84 9.64
N PRO B 85 36.04 -22.17 9.52
CA PRO B 85 34.76 -22.68 9.02
C PRO B 85 33.59 -22.39 9.94
N GLY B 86 32.40 -22.33 9.38
CA GLY B 86 31.18 -22.09 10.14
C GLY B 86 30.09 -21.55 9.24
N ALA B 87 28.91 -21.26 9.83
CA ALA B 87 27.78 -20.74 9.07
C ALA B 87 26.88 -19.88 9.93
N THR B 88 26.19 -18.94 9.28
CA THR B 88 25.23 -18.02 9.89
C THR B 88 24.36 -17.41 8.80
N THR B 89 23.37 -16.62 9.18
CA THR B 89 22.54 -15.89 8.22
C THR B 89 22.58 -14.43 8.65
N VAL B 90 22.61 -13.51 7.69
CA VAL B 90 22.73 -12.08 7.96
C VAL B 90 21.70 -11.25 7.12
N PRO B 91 21.13 -10.11 7.61
CA PRO B 91 20.22 -9.32 6.75
C PRO B 91 20.92 -8.93 5.46
N ALA B 92 20.34 -9.34 4.31
CA ALA B 92 20.93 -9.15 2.98
C ALA B 92 21.15 -7.69 2.59
N ARG B 93 20.09 -6.87 2.73
CA ARG B 93 20.09 -5.46 2.38
C ARG B 93 21.14 -4.68 3.18
N LYS B 94 21.14 -4.85 4.52
CA LYS B 94 22.10 -4.16 5.37
C LYS B 94 23.53 -4.56 5.08
N PHE B 95 23.79 -5.88 4.93
CA PHE B 95 25.14 -6.36 4.62
C PHE B 95 25.61 -5.85 3.26
N PHE B 96 24.73 -5.87 2.24
CA PHE B 96 25.08 -5.35 0.91
C PHE B 96 25.37 -3.86 0.99
N ASP B 97 24.48 -3.07 1.62
CA ASP B 97 24.69 -1.61 1.75
C ASP B 97 25.99 -1.25 2.44
N ILE B 98 26.38 -2.01 3.50
CA ILE B 98 27.62 -1.79 4.22
C ILE B 98 28.80 -1.99 3.27
N CYS B 99 28.86 -3.15 2.58
CA CYS B 99 29.94 -3.49 1.65
C CYS B 99 30.00 -2.50 0.49
N ARG B 100 28.83 -2.14 -0.06
CA ARG B 100 28.73 -1.18 -1.17
C ARG B 100 29.21 0.21 -0.73
N GLY B 101 28.89 0.58 0.53
CA GLY B 101 29.24 1.88 1.09
C GLY B 101 30.72 2.06 1.41
N LEU B 102 31.45 0.95 1.57
CA LEU B 102 32.87 0.97 1.88
C LEU B 102 33.69 1.40 0.64
N PRO B 103 34.90 1.96 0.81
CA PRO B 103 35.64 2.45 -0.36
C PRO B 103 36.17 1.36 -1.28
N GLU B 104 36.45 1.73 -2.54
CA GLU B 104 36.99 0.81 -3.55
C GLU B 104 38.29 0.19 -3.02
N GLY B 105 38.42 -1.12 -3.17
CA GLY B 105 39.59 -1.86 -2.71
C GLY B 105 39.62 -2.20 -1.24
N ALA B 106 38.50 -1.95 -0.51
CA ALA B 106 38.43 -2.25 0.93
C ALA B 106 38.48 -3.75 1.17
N GLU B 107 39.10 -4.10 2.28
CA GLU B 107 39.20 -5.46 2.76
C GLU B 107 38.07 -5.59 3.83
N ILE B 108 37.23 -6.60 3.70
CA ILE B 108 36.11 -6.82 4.61
C ILE B 108 36.38 -8.04 5.51
N ALA B 109 36.58 -7.80 6.82
CA ALA B 109 36.87 -8.85 7.79
C ALA B 109 35.59 -9.16 8.55
N VAL B 110 35.11 -10.40 8.43
CA VAL B 110 33.87 -10.86 9.05
C VAL B 110 34.17 -11.92 10.11
N GLN B 111 33.51 -11.82 11.27
CA GLN B 111 33.58 -12.83 12.32
C GLN B 111 32.29 -12.88 13.12
N LEU B 112 31.99 -14.03 13.66
CA LEU B 112 30.79 -14.21 14.47
C LEU B 112 31.12 -14.07 15.93
N GLU B 113 30.26 -13.39 16.67
CA GLU B 113 30.34 -13.22 18.12
C GLU B 113 28.93 -13.50 18.61
N GLY B 114 28.75 -14.70 19.15
CA GLY B 114 27.47 -15.15 19.66
C GLY B 114 26.42 -15.05 18.60
N GLU B 115 25.42 -14.18 18.82
CA GLU B 115 24.31 -13.97 17.90
C GLU B 115 24.50 -12.76 16.98
N ARG B 116 25.70 -12.19 16.94
CA ARG B 116 26.01 -11.01 16.13
C ARG B 116 27.11 -11.33 15.15
N MET B 117 27.04 -10.70 13.97
CA MET B 117 28.06 -10.82 12.95
C MET B 117 28.83 -9.52 12.92
N LEU B 118 30.14 -9.58 13.16
CA LEU B 118 30.98 -8.39 13.16
C LEU B 118 31.65 -8.19 11.83
N VAL B 119 31.55 -6.99 11.30
CA VAL B 119 32.13 -6.58 10.01
C VAL B 119 33.10 -5.45 10.36
N ARG B 120 34.41 -5.64 10.04
CA ARG B 120 35.48 -4.67 10.22
C ARG B 120 36.11 -4.35 8.83
N SER B 121 36.34 -3.06 8.55
CA SER B 121 37.04 -2.57 7.36
C SER B 121 37.58 -1.20 7.71
N GLY B 122 38.90 -1.04 7.63
CA GLY B 122 39.56 0.21 7.99
C GLY B 122 39.20 0.62 9.40
N ARG B 123 38.57 1.78 9.59
CA ARG B 123 38.11 2.21 10.92
C ARG B 123 36.58 2.19 11.01
N SER B 124 35.95 1.31 10.22
CA SER B 124 34.50 1.13 10.19
C SER B 124 34.21 -0.22 10.81
N ARG B 125 33.21 -0.26 11.69
CA ARG B 125 32.82 -1.47 12.39
C ARG B 125 31.31 -1.56 12.41
N PHE B 126 30.80 -2.77 12.21
CA PHE B 126 29.37 -3.02 12.12
C PHE B 126 29.06 -4.33 12.82
N SER B 127 28.03 -4.32 13.66
CA SER B 127 27.59 -5.51 14.36
C SER B 127 26.18 -5.77 13.87
N LEU B 128 25.98 -6.89 13.17
CA LEU B 128 24.69 -7.25 12.59
C LEU B 128 23.99 -8.36 13.33
N SER B 129 22.66 -8.30 13.43
CA SER B 129 21.92 -9.37 14.11
C SER B 129 21.86 -10.56 13.15
N THR B 130 21.93 -11.77 13.67
CA THR B 130 21.90 -12.96 12.81
C THR B 130 20.70 -13.81 13.15
N LEU B 131 20.44 -14.83 12.32
CA LEU B 131 19.45 -15.88 12.59
C LEU B 131 20.16 -17.22 12.32
N PRO B 132 19.92 -18.29 13.11
CA PRO B 132 20.71 -19.53 12.92
C PRO B 132 20.69 -20.10 11.52
N ALA B 133 21.87 -20.55 11.05
CA ALA B 133 22.02 -21.21 9.74
C ALA B 133 21.13 -22.47 9.68
N ALA B 134 20.92 -23.14 10.83
CA ALA B 134 20.08 -24.33 10.95
C ALA B 134 18.61 -24.04 10.63
N ASP B 135 18.19 -22.75 10.73
CA ASP B 135 16.79 -22.39 10.40
C ASP B 135 16.62 -22.00 8.94
N PHE B 136 17.75 -21.81 8.18
CA PHE B 136 17.69 -21.38 6.79
C PHE B 136 17.01 -22.42 5.94
N PRO B 137 15.92 -22.06 5.24
CA PRO B 137 15.24 -23.07 4.42
C PRO B 137 16.08 -23.49 3.23
N ASN B 138 15.95 -24.77 2.83
CA ASN B 138 16.63 -25.30 1.66
C ASN B 138 15.72 -26.22 0.85
N LEU B 139 16.00 -26.32 -0.45
CA LEU B 139 15.24 -27.16 -1.34
C LEU B 139 15.63 -28.62 -1.14
N ASP B 140 14.70 -29.54 -1.32
CA ASP B 140 14.97 -30.97 -1.16
C ASP B 140 15.97 -31.46 -2.21
N ASP B 141 16.73 -32.52 -1.89
CA ASP B 141 17.69 -33.12 -2.83
C ASP B 141 16.90 -33.73 -3.97
N TRP B 142 17.45 -33.68 -5.18
CA TRP B 142 16.78 -34.17 -6.38
C TRP B 142 17.78 -34.68 -7.38
N GLN B 143 17.31 -35.39 -8.41
CA GLN B 143 18.17 -35.98 -9.42
C GLN B 143 17.99 -35.31 -10.78
N SER B 144 19.10 -34.99 -11.48
CA SER B 144 18.94 -34.46 -12.83
C SER B 144 18.65 -35.60 -13.79
N GLU B 145 17.74 -35.38 -14.71
CA GLU B 145 17.31 -36.36 -15.72
C GLU B 145 17.68 -35.92 -17.13
N VAL B 146 17.84 -34.60 -17.34
CA VAL B 146 18.21 -33.99 -18.60
C VAL B 146 19.33 -32.99 -18.31
N GLU B 147 20.41 -33.05 -19.08
CA GLU B 147 21.56 -32.18 -18.89
C GLU B 147 22.08 -31.70 -20.22
N PHE B 148 22.46 -30.42 -20.29
CA PHE B 148 23.06 -29.84 -21.49
C PHE B 148 23.83 -28.57 -21.15
N THR B 149 24.72 -28.15 -22.05
CA THR B 149 25.52 -26.94 -21.95
C THR B 149 25.22 -26.07 -23.15
N LEU B 150 25.08 -24.75 -22.93
CA LEU B 150 24.81 -23.79 -24.01
C LEU B 150 25.42 -22.44 -23.65
N PRO B 151 25.70 -21.54 -24.64
CA PRO B 151 26.23 -20.21 -24.28
C PRO B 151 25.21 -19.40 -23.48
N GLN B 152 25.69 -18.57 -22.53
CA GLN B 152 24.89 -17.68 -21.70
C GLN B 152 23.97 -16.82 -22.56
N ALA B 153 24.54 -16.26 -23.66
CA ALA B 153 23.83 -15.37 -24.58
C ALA B 153 22.67 -16.05 -25.26
N THR B 154 22.79 -17.37 -25.51
CA THR B 154 21.72 -18.16 -26.14
C THR B 154 20.55 -18.28 -25.15
N MET B 155 20.83 -18.62 -23.89
CA MET B 155 19.81 -18.72 -22.83
C MET B 155 19.14 -17.37 -22.59
N LYS B 156 19.93 -16.27 -22.51
CA LYS B 156 19.42 -14.92 -22.33
C LYS B 156 18.47 -14.52 -23.48
N ARG B 157 18.88 -14.78 -24.73
CA ARG B 157 18.08 -14.48 -25.92
C ARG B 157 16.72 -15.21 -25.85
N LEU B 158 16.73 -16.52 -25.53
CA LEU B 158 15.52 -17.34 -25.41
C LEU B 158 14.52 -16.77 -24.38
N ILE B 159 15.03 -16.32 -23.23
CA ILE B 159 14.24 -15.72 -22.15
C ILE B 159 13.75 -14.31 -22.52
N GLU B 160 14.67 -13.41 -22.95
CA GLU B 160 14.37 -12.00 -23.31
C GLU B 160 13.36 -11.90 -24.43
N ALA B 161 13.44 -12.82 -25.41
CA ALA B 161 12.53 -12.83 -26.54
C ALA B 161 11.08 -13.18 -26.13
N THR B 162 10.88 -13.86 -24.99
CA THR B 162 9.53 -14.33 -24.66
C THR B 162 8.95 -13.91 -23.31
N GLN B 163 9.78 -13.48 -22.34
CA GLN B 163 9.36 -13.24 -20.95
C GLN B 163 8.19 -12.26 -20.76
N PHE B 164 8.10 -11.21 -21.61
CA PHE B 164 7.01 -10.21 -21.50
C PHE B 164 5.64 -10.85 -21.74
N SER B 165 5.59 -12.03 -22.41
CA SER B 165 4.34 -12.73 -22.69
C SER B 165 3.86 -13.64 -21.59
N MET B 166 4.66 -13.80 -20.51
CA MET B 166 4.24 -14.64 -19.38
C MET B 166 3.08 -13.97 -18.65
N ALA B 167 2.14 -14.77 -18.13
CA ALA B 167 1.06 -14.26 -17.28
C ALA B 167 1.72 -13.84 -15.93
N HIS B 168 1.05 -12.94 -15.20
CA HIS B 168 1.56 -12.41 -13.94
C HIS B 168 0.97 -13.13 -12.74
N GLN B 169 -0.34 -13.07 -12.54
CA GLN B 169 -0.96 -13.74 -11.39
C GLN B 169 -2.25 -14.46 -11.80
N ASP B 170 -2.18 -15.18 -12.93
CA ASP B 170 -3.32 -15.88 -13.49
C ASP B 170 -3.69 -17.05 -12.62
N VAL B 171 -5.00 -17.40 -12.57
CA VAL B 171 -5.48 -18.57 -11.83
C VAL B 171 -4.94 -19.84 -12.48
N ARG B 172 -4.68 -19.79 -13.79
CA ARG B 172 -4.05 -20.89 -14.55
C ARG B 172 -2.58 -20.74 -14.20
N TYR B 173 -2.20 -21.24 -13.00
CA TYR B 173 -0.87 -21.15 -12.38
C TYR B 173 0.27 -21.53 -13.34
N TYR B 174 0.04 -22.53 -14.22
CA TYR B 174 1.02 -23.01 -15.21
C TYR B 174 1.38 -21.93 -16.26
N LEU B 175 0.62 -20.80 -16.34
CA LEU B 175 0.91 -19.71 -17.28
C LEU B 175 1.83 -18.64 -16.64
N ASN B 176 1.93 -18.64 -15.28
CA ASN B 176 2.75 -17.68 -14.53
C ASN B 176 4.19 -18.17 -14.52
N GLY B 177 4.73 -18.31 -15.72
CA GLY B 177 6.04 -18.86 -15.92
C GLY B 177 6.34 -19.11 -17.38
N MET B 178 7.43 -19.84 -17.61
CA MET B 178 7.96 -20.09 -18.95
C MET B 178 8.21 -21.56 -19.24
N LEU B 179 7.80 -22.00 -20.41
CA LEU B 179 8.04 -23.35 -20.86
C LEU B 179 9.46 -23.39 -21.44
N PHE B 180 10.26 -24.39 -21.00
CA PHE B 180 11.59 -24.70 -21.51
C PHE B 180 11.46 -26.10 -22.10
N GLU B 181 11.59 -26.19 -23.41
CA GLU B 181 11.40 -27.43 -24.12
C GLU B 181 12.59 -27.80 -24.99
N THR B 182 13.08 -29.03 -24.82
CA THR B 182 14.18 -29.59 -25.60
C THR B 182 13.54 -30.47 -26.68
N GLU B 183 14.01 -30.32 -27.93
CA GLU B 183 13.55 -31.09 -29.08
C GLU B 183 14.66 -31.13 -30.11
N GLY B 184 15.13 -32.35 -30.43
CA GLY B 184 16.22 -32.56 -31.37
C GLY B 184 17.49 -31.92 -30.84
N GLU B 185 18.01 -30.93 -31.57
CA GLU B 185 19.19 -30.17 -31.16
C GLU B 185 18.81 -28.76 -30.69
N GLU B 186 17.49 -28.51 -30.52
CA GLU B 186 16.98 -27.20 -30.15
C GLU B 186 16.46 -27.08 -28.74
N LEU B 187 16.60 -25.89 -28.18
CA LEU B 187 16.01 -25.49 -26.92
C LEU B 187 14.98 -24.39 -27.29
N ARG B 188 13.76 -24.57 -26.81
CA ARG B 188 12.64 -23.69 -27.09
C ARG B 188 12.04 -23.11 -25.82
N THR B 189 11.67 -21.82 -25.87
CA THR B 189 10.96 -21.17 -24.77
C THR B 189 9.59 -20.74 -25.29
N VAL B 190 8.56 -20.91 -24.44
CA VAL B 190 7.19 -20.51 -24.74
C VAL B 190 6.61 -19.76 -23.54
N ALA B 191 5.96 -18.62 -23.79
CA ALA B 191 5.30 -17.83 -22.75
C ALA B 191 3.97 -17.30 -23.30
N THR B 192 2.88 -17.43 -22.50
CA THR B 192 1.56 -16.91 -22.89
C THR B 192 0.74 -16.49 -21.67
N ASP B 193 -0.14 -15.50 -21.85
CA ASP B 193 -1.03 -15.01 -20.80
C ASP B 193 -2.49 -15.27 -21.19
N GLY B 194 -2.68 -16.01 -22.29
CA GLY B 194 -4.01 -16.33 -22.77
C GLY B 194 -4.54 -15.36 -23.82
N HIS B 195 -3.85 -14.21 -24.06
CA HIS B 195 -4.23 -13.22 -25.08
C HIS B 195 -3.16 -13.13 -26.13
N ARG B 196 -1.90 -13.27 -25.69
CA ARG B 196 -0.76 -13.21 -26.58
C ARG B 196 0.27 -14.26 -26.18
N LEU B 197 1.02 -14.75 -27.15
CA LEU B 197 2.02 -15.79 -26.98
C LEU B 197 3.33 -15.41 -27.68
N ALA B 198 4.44 -15.86 -27.10
CA ALA B 198 5.79 -15.67 -27.62
C ALA B 198 6.49 -17.02 -27.61
N VAL B 199 7.17 -17.36 -28.71
CA VAL B 199 7.91 -18.62 -28.87
C VAL B 199 9.24 -18.36 -29.56
N CYS B 200 10.35 -18.83 -28.98
CA CYS B 200 11.68 -18.70 -29.52
C CYS B 200 12.39 -20.07 -29.45
N SER B 201 13.09 -20.47 -30.52
CA SER B 201 13.84 -21.73 -30.62
C SER B 201 15.26 -21.42 -31.04
N MET B 202 16.24 -22.06 -30.40
CA MET B 202 17.66 -21.87 -30.72
C MET B 202 18.38 -23.22 -30.84
N PRO B 203 19.26 -23.41 -31.86
CA PRO B 203 20.05 -24.66 -31.91
C PRO B 203 21.12 -24.63 -30.82
N ILE B 204 21.35 -25.75 -30.13
CA ILE B 204 22.40 -25.81 -29.10
C ILE B 204 23.44 -26.94 -29.40
N GLY B 205 23.58 -27.31 -30.69
CA GLY B 205 24.54 -28.28 -31.22
C GLY B 205 24.84 -29.49 -30.36
N GLN B 206 23.77 -30.16 -29.92
CA GLN B 206 23.82 -31.33 -29.05
C GLN B 206 22.45 -32.01 -29.16
N SER B 207 22.44 -33.33 -29.36
CA SER B 207 21.20 -34.11 -29.44
C SER B 207 20.58 -34.19 -28.06
N LEU B 208 19.27 -33.94 -27.94
CA LEU B 208 18.60 -33.93 -26.63
C LEU B 208 17.36 -34.80 -26.62
N PRO B 209 16.99 -35.38 -25.46
CA PRO B 209 15.70 -36.11 -25.41
C PRO B 209 14.55 -35.09 -25.39
N SER B 210 13.37 -35.50 -25.86
CA SER B 210 12.21 -34.60 -25.85
C SER B 210 11.72 -34.42 -24.42
N HIS B 211 11.80 -33.19 -23.92
CA HIS B 211 11.44 -32.85 -22.55
C HIS B 211 10.91 -31.42 -22.48
N SER B 212 9.94 -31.18 -21.58
CA SER B 212 9.38 -29.84 -21.39
C SER B 212 9.05 -29.63 -19.93
N VAL B 213 9.46 -28.46 -19.41
CA VAL B 213 9.26 -28.05 -18.01
C VAL B 213 8.85 -26.59 -17.94
N ILE B 214 8.18 -26.21 -16.85
CA ILE B 214 7.72 -24.85 -16.61
C ILE B 214 8.51 -24.26 -15.45
N VAL B 215 9.24 -23.18 -15.73
CA VAL B 215 10.01 -22.46 -14.73
C VAL B 215 9.11 -21.32 -14.22
N PRO B 216 8.91 -21.17 -12.88
CA PRO B 216 8.08 -20.04 -12.37
C PRO B 216 8.62 -18.69 -12.84
N ARG B 217 7.72 -17.72 -13.07
CA ARG B 217 8.09 -16.40 -13.61
C ARG B 217 9.17 -15.70 -12.80
N LYS B 218 9.08 -15.74 -11.45
CA LYS B 218 10.06 -15.11 -10.57
C LYS B 218 11.47 -15.64 -10.82
N GLY B 219 11.59 -16.95 -10.95
CA GLY B 219 12.84 -17.65 -11.29
C GLY B 219 13.32 -17.36 -12.69
N VAL B 220 12.40 -17.24 -13.65
CA VAL B 220 12.74 -16.91 -15.06
C VAL B 220 13.46 -15.55 -15.08
N ILE B 221 12.92 -14.57 -14.36
CA ILE B 221 13.46 -13.20 -14.29
C ILE B 221 14.86 -13.22 -13.64
N GLU B 222 14.99 -13.88 -12.47
CA GLU B 222 16.26 -13.98 -11.77
C GLU B 222 17.32 -14.71 -12.60
N LEU B 223 16.95 -15.80 -13.31
CA LEU B 223 17.90 -16.50 -14.19
C LEU B 223 18.40 -15.55 -15.31
N MET B 224 17.47 -14.82 -15.97
CA MET B 224 17.80 -13.86 -17.04
C MET B 224 18.80 -12.79 -16.53
N ARG B 225 18.59 -12.24 -15.31
CA ARG B 225 19.46 -11.26 -14.67
C ARG B 225 20.82 -11.87 -14.25
N MET B 226 20.86 -13.19 -14.04
CA MET B 226 22.11 -13.87 -13.70
C MET B 226 23.05 -13.94 -14.92
N LEU B 227 22.48 -14.06 -16.13
CA LEU B 227 23.24 -14.16 -17.37
C LEU B 227 23.67 -12.73 -17.77
N ASP B 228 24.95 -12.41 -17.54
CA ASP B 228 25.54 -11.08 -17.78
C ASP B 228 26.92 -11.19 -18.46
N GLY B 229 27.55 -12.35 -18.29
CA GLY B 229 28.83 -12.65 -18.90
C GLY B 229 28.67 -13.04 -20.36
N GLY B 230 29.79 -13.06 -21.07
CA GLY B 230 29.81 -13.40 -22.49
C GLY B 230 29.93 -14.87 -22.75
N ASP B 231 30.93 -15.25 -23.56
CA ASP B 231 31.26 -16.59 -24.02
C ASP B 231 30.91 -17.71 -23.03
N ASN B 232 31.26 -17.49 -21.74
CA ASN B 232 31.13 -18.41 -20.58
C ASN B 232 29.90 -19.32 -20.67
N PRO B 233 30.14 -20.65 -20.67
CA PRO B 233 29.02 -21.60 -20.84
C PRO B 233 28.10 -21.75 -19.64
N LEU B 234 26.85 -22.09 -19.93
CA LEU B 234 25.85 -22.33 -18.92
C LEU B 234 25.52 -23.82 -18.91
N ARG B 235 25.68 -24.46 -17.75
CA ARG B 235 25.35 -25.87 -17.62
C ARG B 235 23.94 -25.93 -17.02
N VAL B 236 23.03 -26.62 -17.71
CA VAL B 236 21.64 -26.76 -17.26
C VAL B 236 21.37 -28.21 -16.86
N GLN B 237 20.73 -28.41 -15.71
CA GLN B 237 20.32 -29.71 -15.20
C GLN B 237 18.83 -29.63 -14.87
N ILE B 238 18.06 -30.52 -15.49
CA ILE B 238 16.61 -30.56 -15.29
C ILE B 238 16.23 -31.85 -14.63
N GLY B 239 15.53 -31.75 -13.51
CA GLY B 239 15.01 -32.90 -12.79
C GLY B 239 13.51 -33.02 -13.00
N SER B 240 12.85 -33.93 -12.27
CA SER B 240 11.40 -34.10 -12.39
C SER B 240 10.63 -32.89 -11.81
N ASN B 241 11.18 -32.28 -10.73
CA ASN B 241 10.52 -31.13 -10.10
C ASN B 241 11.41 -29.90 -9.92
N ASN B 242 12.60 -29.89 -10.51
CA ASN B 242 13.54 -28.78 -10.32
C ASN B 242 14.35 -28.53 -11.56
N ILE B 243 14.96 -27.35 -11.63
CA ILE B 243 15.88 -26.94 -12.68
C ILE B 243 17.06 -26.23 -12.01
N ARG B 244 18.25 -26.45 -12.54
CA ARG B 244 19.46 -25.82 -12.06
C ARG B 244 20.24 -25.28 -13.25
N ALA B 245 20.77 -24.09 -13.12
CA ALA B 245 21.64 -23.51 -14.12
C ALA B 245 22.92 -23.01 -13.43
N HIS B 246 24.10 -23.44 -13.92
CA HIS B 246 25.39 -23.02 -13.34
C HIS B 246 26.22 -22.31 -14.38
N VAL B 247 26.71 -21.10 -14.02
CA VAL B 247 27.64 -20.27 -14.80
C VAL B 247 28.69 -19.69 -13.84
N GLY B 248 29.96 -20.00 -14.11
CA GLY B 248 31.09 -19.59 -13.29
C GLY B 248 30.93 -20.00 -11.84
N ASP B 249 30.91 -19.02 -10.92
CA ASP B 249 30.76 -19.27 -9.48
C ASP B 249 29.32 -19.16 -9.00
N PHE B 250 28.37 -19.02 -9.93
CA PHE B 250 26.95 -18.87 -9.61
C PHE B 250 26.10 -20.09 -9.92
N ILE B 251 25.18 -20.40 -9.01
CA ILE B 251 24.25 -21.50 -9.20
C ILE B 251 22.84 -21.02 -8.94
N PHE B 252 21.97 -21.14 -9.96
CA PHE B 252 20.55 -20.84 -9.86
C PHE B 252 19.79 -22.18 -9.75
N THR B 253 18.93 -22.33 -8.75
CA THR B 253 18.08 -23.52 -8.62
C THR B 253 16.65 -23.08 -8.40
N SER B 254 15.70 -23.77 -9.02
CA SER B 254 14.29 -23.48 -8.78
C SER B 254 13.46 -24.72 -8.85
N LYS B 255 12.38 -24.72 -8.08
CA LYS B 255 11.35 -25.73 -8.14
C LYS B 255 10.65 -25.46 -9.48
N LEU B 256 10.05 -26.47 -10.09
CA LEU B 256 9.33 -26.25 -11.34
C LEU B 256 7.84 -26.07 -11.01
N VAL B 257 7.08 -25.51 -11.96
CA VAL B 257 5.65 -25.38 -11.83
C VAL B 257 5.09 -26.75 -12.24
N ASP B 258 4.39 -27.40 -11.34
CA ASP B 258 3.84 -28.73 -11.57
C ASP B 258 2.50 -28.64 -12.28
N GLY B 259 2.56 -28.56 -13.60
CA GLY B 259 1.38 -28.46 -14.45
C GLY B 259 1.67 -28.78 -15.90
N ARG B 260 0.62 -28.75 -16.73
CA ARG B 260 0.70 -29.04 -18.16
C ARG B 260 0.55 -27.74 -18.93
N PHE B 261 1.59 -27.38 -19.69
CA PHE B 261 1.62 -26.15 -20.46
C PHE B 261 0.89 -26.35 -21.80
N PRO B 262 0.12 -25.35 -22.28
CA PRO B 262 -0.53 -25.52 -23.61
C PRO B 262 0.47 -25.67 -24.75
N ASP B 263 0.01 -26.32 -25.82
CA ASP B 263 0.80 -26.53 -27.04
C ASP B 263 0.70 -25.26 -27.87
N TYR B 264 1.83 -24.55 -28.03
CA TYR B 264 1.89 -23.31 -28.81
C TYR B 264 1.39 -23.45 -30.26
N ARG B 265 1.56 -24.66 -30.85
CA ARG B 265 1.16 -24.95 -32.22
C ARG B 265 -0.34 -24.73 -32.47
N ARG B 266 -1.17 -24.86 -31.41
CA ARG B 266 -2.62 -24.63 -31.45
C ARG B 266 -2.99 -23.16 -31.76
N VAL B 267 -2.08 -22.22 -31.46
CA VAL B 267 -2.40 -20.80 -31.63
C VAL B 267 -1.93 -20.23 -32.96
N LEU B 268 -0.98 -20.91 -33.60
CA LEU B 268 -0.42 -20.49 -34.90
C LEU B 268 -1.49 -20.41 -35.99
N PRO B 269 -1.55 -19.30 -36.78
CA PRO B 269 -2.53 -19.25 -37.88
C PRO B 269 -2.33 -20.46 -38.81
N LYS B 270 -3.41 -21.22 -39.07
CA LYS B 270 -3.33 -22.45 -39.87
C LYS B 270 -2.84 -22.17 -41.30
N ASN B 271 -3.60 -21.42 -42.10
CA ASN B 271 -3.18 -21.11 -43.46
C ASN B 271 -3.34 -19.60 -43.66
N PRO B 272 -2.39 -18.74 -43.18
CA PRO B 272 -2.57 -17.29 -43.37
C PRO B 272 -2.48 -16.87 -44.85
N ASP B 273 -3.54 -16.21 -45.35
CA ASP B 273 -3.62 -15.78 -46.74
C ASP B 273 -3.19 -14.32 -46.92
N LYS B 274 -3.00 -13.59 -45.80
CA LYS B 274 -2.63 -12.18 -45.85
C LYS B 274 -1.29 -11.94 -45.18
N HIS B 275 -0.34 -11.37 -45.94
CA HIS B 275 1.01 -11.11 -45.44
C HIS B 275 1.35 -9.63 -45.57
N LEU B 276 1.65 -8.99 -44.43
CA LEU B 276 2.02 -7.57 -44.38
C LEU B 276 3.46 -7.45 -43.94
N GLU B 277 4.22 -6.62 -44.64
CA GLU B 277 5.62 -6.36 -44.29
C GLU B 277 5.83 -4.86 -44.15
N ALA B 278 6.49 -4.41 -43.08
CA ALA B 278 6.71 -3.00 -42.81
C ALA B 278 7.94 -2.80 -41.96
N GLY B 279 8.51 -1.59 -42.00
CA GLY B 279 9.66 -1.22 -41.18
C GLY B 279 9.25 -1.27 -39.73
N CYS B 280 10.05 -1.96 -38.90
CA CYS B 280 9.76 -2.17 -37.49
C CYS B 280 9.63 -0.87 -36.72
N ASP B 281 10.61 0.04 -36.85
CA ASP B 281 10.57 1.32 -36.11
C ASP B 281 9.41 2.21 -36.56
N LEU B 282 9.15 2.23 -37.87
CA LEU B 282 8.06 3.01 -38.45
C LEU B 282 6.69 2.56 -37.91
N LEU B 283 6.49 1.23 -37.79
CA LEU B 283 5.28 0.64 -37.22
C LEU B 283 5.17 0.97 -35.75
N LYS B 284 6.29 0.82 -35.03
CA LYS B 284 6.37 1.04 -33.60
C LYS B 284 5.99 2.47 -33.23
N GLN B 285 6.58 3.47 -33.93
CA GLN B 285 6.31 4.88 -33.65
C GLN B 285 4.87 5.29 -33.97
N ALA B 286 4.27 4.67 -35.00
CA ALA B 286 2.89 4.94 -35.43
C ALA B 286 1.91 4.37 -34.39
N PHE B 287 2.16 3.13 -33.90
CA PHE B 287 1.32 2.54 -32.86
C PHE B 287 1.48 3.30 -31.54
N ALA B 288 2.70 3.75 -31.20
CA ALA B 288 2.96 4.51 -29.97
C ALA B 288 2.21 5.85 -29.96
N ARG B 289 2.17 6.55 -31.10
CA ARG B 289 1.43 7.83 -31.21
C ARG B 289 -0.07 7.56 -31.18
N ALA B 290 -0.54 6.52 -31.93
CA ALA B 290 -1.97 6.21 -31.99
C ALA B 290 -2.51 5.81 -30.60
N ALA B 291 -1.69 5.09 -29.79
CA ALA B 291 -2.01 4.68 -28.41
C ALA B 291 -2.43 5.82 -27.49
N ILE B 292 -1.88 7.03 -27.71
CA ILE B 292 -2.21 8.22 -26.91
C ILE B 292 -3.72 8.49 -26.88
N LEU B 293 -4.38 8.26 -28.01
CA LEU B 293 -5.80 8.55 -28.10
C LEU B 293 -6.67 7.28 -28.10
N SER B 294 -6.12 6.18 -27.61
CA SER B 294 -6.85 4.92 -27.46
C SER B 294 -7.52 4.93 -26.09
N ASN B 295 -8.56 4.13 -25.93
CA ASN B 295 -9.27 3.98 -24.66
C ASN B 295 -8.27 3.55 -23.59
N GLU B 296 -8.25 4.25 -22.44
CA GLU B 296 -7.33 3.97 -21.33
C GLU B 296 -7.45 2.58 -20.74
N LYS B 297 -8.67 2.01 -20.78
CA LYS B 297 -8.93 0.68 -20.21
C LYS B 297 -8.69 -0.43 -21.25
N PHE B 298 -9.33 -0.32 -22.44
CA PHE B 298 -9.28 -1.35 -23.47
C PHE B 298 -8.07 -1.27 -24.43
N ARG B 299 -7.50 -0.05 -24.63
CA ARG B 299 -6.29 0.16 -25.46
C ARG B 299 -6.41 -0.31 -26.91
N GLY B 300 -7.64 -0.31 -27.41
CA GLY B 300 -7.95 -0.75 -28.75
C GLY B 300 -7.51 0.18 -29.85
N VAL B 301 -6.88 -0.40 -30.88
CA VAL B 301 -6.50 0.27 -32.12
C VAL B 301 -7.06 -0.55 -33.26
N ARG B 302 -7.46 0.13 -34.34
CA ARG B 302 -8.01 -0.51 -35.52
C ARG B 302 -6.97 -0.40 -36.65
N LEU B 303 -6.69 -1.53 -37.30
CA LEU B 303 -5.76 -1.63 -38.43
C LEU B 303 -6.58 -1.83 -39.71
N TYR B 304 -6.29 -1.01 -40.74
CA TYR B 304 -6.97 -1.04 -42.04
C TYR B 304 -5.89 -1.39 -43.05
N VAL B 305 -5.94 -2.60 -43.58
CA VAL B 305 -4.91 -3.05 -44.52
C VAL B 305 -5.44 -3.08 -45.94
N SER B 306 -4.72 -2.44 -46.87
CA SER B 306 -5.05 -2.36 -48.30
C SER B 306 -3.74 -2.42 -49.10
N GLU B 307 -3.83 -2.43 -50.44
CA GLU B 307 -2.66 -2.50 -51.31
C GLU B 307 -1.56 -1.51 -50.93
N ASN B 308 -0.47 -2.06 -50.35
CA ASN B 308 0.74 -1.37 -49.92
C ASN B 308 0.52 -0.23 -48.91
N GLN B 309 -0.60 -0.28 -48.15
CA GLN B 309 -0.90 0.73 -47.15
C GLN B 309 -1.53 0.18 -45.86
N LEU B 310 -1.09 0.73 -44.72
CA LEU B 310 -1.63 0.40 -43.42
C LEU B 310 -2.11 1.70 -42.77
N LYS B 311 -3.37 1.69 -42.34
CA LYS B 311 -3.96 2.80 -41.61
C LYS B 311 -4.24 2.33 -40.19
N ILE B 312 -3.72 3.07 -39.21
CA ILE B 312 -3.95 2.76 -37.80
C ILE B 312 -4.81 3.88 -37.23
N THR B 313 -5.94 3.52 -36.61
CA THR B 313 -6.80 4.51 -35.97
C THR B 313 -7.06 4.14 -34.51
N ALA B 314 -7.19 5.17 -33.65
CA ALA B 314 -7.51 5.00 -32.24
C ALA B 314 -8.51 6.07 -31.84
N ASN B 315 -9.55 5.65 -31.09
N ASN B 315 -9.55 5.69 -31.10
CA ASN B 315 -10.61 6.51 -30.57
CA ASN B 315 -10.53 6.63 -30.59
C ASN B 315 -10.77 6.29 -29.08
C ASN B 315 -10.85 6.29 -29.13
N ASN B 316 -11.22 7.32 -28.35
CA ASN B 316 -11.47 7.18 -26.92
C ASN B 316 -12.90 7.64 -26.60
N PRO B 317 -13.39 7.50 -25.34
CA PRO B 317 -14.76 7.95 -25.04
C PRO B 317 -14.99 9.47 -25.23
N GLU B 318 -13.92 10.28 -25.13
CA GLU B 318 -13.91 11.74 -25.32
C GLU B 318 -14.05 12.11 -26.80
N GLN B 319 -14.17 11.09 -27.67
CA GLN B 319 -14.33 11.19 -29.12
C GLN B 319 -13.09 11.80 -29.80
N GLU B 320 -11.91 11.66 -29.15
CA GLU B 320 -10.65 12.11 -29.74
C GLU B 320 -10.21 11.00 -30.67
N GLU B 321 -9.44 11.34 -31.71
CA GLU B 321 -9.04 10.33 -32.69
C GLU B 321 -7.63 10.53 -33.20
N ALA B 322 -6.90 9.41 -33.31
CA ALA B 322 -5.57 9.40 -33.89
C ALA B 322 -5.65 8.58 -35.17
N GLU B 323 -4.94 9.01 -36.19
CA GLU B 323 -4.87 8.28 -37.43
C GLU B 323 -3.45 8.35 -37.96
N GLU B 324 -2.91 7.18 -38.33
CA GLU B 324 -1.56 7.04 -38.85
C GLU B 324 -1.64 6.27 -40.14
N ILE B 325 -0.99 6.77 -41.20
CA ILE B 325 -0.96 6.10 -42.49
C ILE B 325 0.49 5.75 -42.83
N LEU B 326 0.74 4.47 -43.17
CA LEU B 326 2.08 3.98 -43.49
C LEU B 326 2.12 3.27 -44.83
N ASP B 327 3.25 3.41 -45.53
CA ASP B 327 3.56 2.67 -46.76
C ASP B 327 4.11 1.36 -46.26
N VAL B 328 3.47 0.27 -46.65
CA VAL B 328 3.87 -1.08 -46.27
C VAL B 328 3.89 -1.96 -47.51
N THR B 329 4.38 -3.22 -47.38
CA THR B 329 4.35 -4.19 -48.45
C THR B 329 3.20 -5.14 -48.20
N TYR B 330 2.11 -4.95 -48.96
CA TYR B 330 0.92 -5.76 -48.84
C TYR B 330 0.21 -5.88 -50.18
N SER B 331 -0.09 -7.13 -50.53
CA SER B 331 -0.82 -7.53 -51.73
C SER B 331 -1.75 -8.61 -51.23
N GLY B 332 -3.02 -8.25 -51.07
CA GLY B 332 -4.05 -9.15 -50.55
C GLY B 332 -5.42 -8.52 -50.48
N ALA B 333 -6.39 -9.21 -49.85
CA ALA B 333 -7.71 -8.60 -49.77
C ALA B 333 -7.75 -7.60 -48.62
N GLU B 334 -8.45 -6.48 -48.83
CA GLU B 334 -8.60 -5.44 -47.83
C GLU B 334 -9.29 -5.98 -46.58
N MET B 335 -8.79 -5.61 -45.39
CA MET B 335 -9.39 -6.05 -44.13
C MET B 335 -9.12 -5.07 -42.98
N GLU B 336 -10.04 -5.07 -42.02
CA GLU B 336 -9.98 -4.29 -40.79
C GLU B 336 -9.83 -5.26 -39.62
N ILE B 337 -8.93 -4.95 -38.67
CA ILE B 337 -8.69 -5.81 -37.49
C ILE B 337 -8.34 -4.97 -36.27
N GLY B 338 -8.88 -5.35 -35.10
CA GLY B 338 -8.67 -4.67 -33.84
C GLY B 338 -7.63 -5.35 -32.96
N PHE B 339 -6.79 -4.56 -32.31
CA PHE B 339 -5.78 -5.07 -31.39
C PHE B 339 -5.64 -4.19 -30.19
N ASN B 340 -5.19 -4.78 -29.08
CA ASN B 340 -4.80 -4.05 -27.89
C ASN B 340 -3.40 -3.55 -28.30
N VAL B 341 -3.24 -2.23 -28.40
CA VAL B 341 -1.99 -1.59 -28.86
C VAL B 341 -0.77 -1.93 -27.97
N SER B 342 -0.97 -2.17 -26.65
CA SER B 342 0.12 -2.54 -25.72
C SER B 342 0.75 -3.89 -26.13
N TYR B 343 -0.09 -4.87 -26.50
CA TYR B 343 0.39 -6.18 -26.94
C TYR B 343 1.21 -6.08 -28.21
N VAL B 344 0.79 -5.20 -29.13
CA VAL B 344 1.49 -5.01 -30.40
C VAL B 344 2.83 -4.33 -30.14
N LEU B 345 2.83 -3.28 -29.30
CA LEU B 345 4.03 -2.54 -28.93
C LEU B 345 5.04 -3.44 -28.21
N ASP B 346 4.55 -4.33 -27.33
CA ASP B 346 5.41 -5.29 -26.60
C ASP B 346 6.18 -6.15 -27.60
N VAL B 347 5.48 -6.66 -28.64
CA VAL B 347 6.09 -7.48 -29.70
C VAL B 347 7.11 -6.67 -30.49
N LEU B 348 6.72 -5.48 -30.98
CA LEU B 348 7.61 -4.64 -31.79
C LEU B 348 8.86 -4.23 -31.00
N ASN B 349 8.71 -3.96 -29.70
CA ASN B 349 9.84 -3.67 -28.81
C ASN B 349 10.75 -4.88 -28.61
N ALA B 350 10.16 -6.09 -28.60
CA ALA B 350 10.94 -7.34 -28.45
C ALA B 350 11.69 -7.69 -29.73
N LEU B 351 11.15 -7.30 -30.89
CA LEU B 351 11.79 -7.55 -32.18
C LEU B 351 12.79 -6.43 -32.44
N LYS B 352 14.06 -6.75 -32.28
CA LYS B 352 15.12 -5.78 -32.52
C LYS B 352 15.58 -6.01 -33.94
N CYS B 353 14.75 -5.56 -34.90
CA CYS B 353 15.00 -5.75 -36.32
C CYS B 353 14.62 -4.54 -37.17
N GLU B 354 14.88 -4.62 -38.48
CA GLU B 354 14.58 -3.57 -39.46
C GLU B 354 13.17 -3.72 -40.02
N ASN B 355 12.80 -4.93 -40.45
CA ASN B 355 11.47 -5.20 -41.00
C ASN B 355 10.69 -6.25 -40.23
N VAL B 356 9.37 -6.09 -40.21
CA VAL B 356 8.45 -6.95 -39.50
C VAL B 356 7.44 -7.54 -40.47
N ARG B 357 7.11 -8.82 -40.28
CA ARG B 357 6.11 -9.52 -41.06
C ARG B 357 4.91 -9.82 -40.17
N MET B 358 3.69 -9.66 -40.70
CA MET B 358 2.46 -9.94 -40.01
C MET B 358 1.66 -10.88 -40.91
N MET B 359 1.29 -12.04 -40.38
CA MET B 359 0.52 -13.06 -41.09
C MET B 359 -0.88 -13.08 -40.50
N LEU B 360 -1.85 -12.77 -41.34
CA LEU B 360 -3.26 -12.66 -40.94
C LEU B 360 -4.15 -13.54 -41.80
N THR B 361 -5.35 -13.81 -41.30
CA THR B 361 -6.39 -14.54 -41.98
C THR B 361 -7.58 -13.60 -42.05
N ASP B 362 -8.29 -13.42 -40.92
CA ASP B 362 -9.47 -12.54 -40.87
C ASP B 362 -9.49 -11.73 -39.58
N SER B 363 -10.52 -10.91 -39.39
CA SER B 363 -10.68 -10.00 -38.28
C SER B 363 -10.91 -10.67 -36.92
N VAL B 364 -11.22 -11.98 -36.89
CA VAL B 364 -11.51 -12.70 -35.65
C VAL B 364 -10.45 -13.76 -35.33
N SER B 365 -9.42 -13.88 -36.16
CA SER B 365 -8.41 -14.91 -35.96
C SER B 365 -7.07 -14.35 -35.53
N SER B 366 -6.25 -15.20 -34.88
CA SER B 366 -4.92 -14.86 -34.35
C SER B 366 -4.00 -14.32 -35.45
N VAL B 367 -3.05 -13.48 -35.07
CA VAL B 367 -2.10 -12.90 -36.02
C VAL B 367 -0.71 -13.25 -35.56
N GLN B 368 0.12 -13.68 -36.50
CA GLN B 368 1.50 -14.02 -36.20
C GLN B 368 2.39 -12.87 -36.65
N ILE B 369 3.26 -12.43 -35.74
CA ILE B 369 4.20 -11.34 -35.98
C ILE B 369 5.61 -11.89 -35.78
N GLU B 370 6.46 -11.67 -36.78
CA GLU B 370 7.86 -12.13 -36.80
C GLU B 370 8.75 -11.10 -37.44
N ASP B 371 10.07 -11.27 -37.26
CA ASP B 371 11.08 -10.50 -37.97
C ASP B 371 10.96 -11.05 -39.41
N ALA B 372 10.80 -10.15 -40.40
CA ALA B 372 10.62 -10.53 -41.80
C ALA B 372 11.81 -11.33 -42.35
N ALA B 373 12.94 -11.17 -41.68
CA ALA B 373 14.21 -11.77 -42.04
C ALA B 373 14.58 -13.03 -41.21
N SER B 374 13.94 -13.27 -40.05
CA SER B 374 14.25 -14.42 -39.21
C SER B 374 13.00 -15.12 -38.65
N GLN B 375 13.04 -16.47 -38.58
CA GLN B 375 11.93 -17.27 -38.07
C GLN B 375 12.20 -17.86 -36.68
N SER B 376 13.32 -17.45 -36.03
CA SER B 376 13.75 -17.93 -34.72
CA SER B 376 13.76 -17.91 -34.72
C SER B 376 12.74 -17.64 -33.60
N ALA B 377 12.06 -16.48 -33.66
CA ALA B 377 11.07 -16.06 -32.66
C ALA B 377 9.72 -15.64 -33.27
N ALA B 378 8.64 -16.39 -32.98
CA ALA B 378 7.29 -16.04 -33.48
C ALA B 378 6.38 -15.52 -32.37
N TYR B 379 5.58 -14.50 -32.67
CA TYR B 379 4.69 -13.87 -31.69
C TYR B 379 3.28 -13.98 -32.18
N VAL B 380 2.37 -14.40 -31.31
CA VAL B 380 0.98 -14.54 -31.71
C VAL B 380 0.12 -13.65 -30.82
N VAL B 381 -0.66 -12.75 -31.45
CA VAL B 381 -1.56 -11.85 -30.73
C VAL B 381 -2.99 -12.13 -31.17
N MET B 382 -3.87 -12.34 -30.21
CA MET B 382 -5.28 -12.54 -30.54
C MET B 382 -5.91 -11.17 -30.70
N PRO B 383 -6.73 -10.94 -31.75
CA PRO B 383 -7.34 -9.61 -31.92
C PRO B 383 -8.44 -9.30 -30.91
N MET B 384 -8.92 -8.06 -30.94
CA MET B 384 -10.05 -7.65 -30.15
C MET B 384 -11.19 -7.30 -31.10
N ARG B 385 -12.42 -7.59 -30.66
CA ARG B 385 -13.63 -7.25 -31.42
C ARG B 385 -13.71 -5.72 -31.28
N LEU B 386 -13.36 -5.22 -30.07
CA LEU B 386 -13.26 -3.83 -29.58
C LEU B 386 -14.34 -3.54 -28.53
N SER C 19 -28.60 29.06 -11.01
CA SER C 19 -29.25 28.23 -10.00
C SER C 19 -28.56 28.29 -8.61
N HIS C 20 -29.37 28.26 -7.55
CA HIS C 20 -28.94 28.29 -6.16
C HIS C 20 -29.71 27.19 -5.41
N MET C 21 -29.36 25.93 -5.68
CA MET C 21 -29.98 24.76 -5.09
C MET C 21 -30.18 24.89 -3.60
N LYS C 22 -31.37 24.50 -3.11
CA LYS C 22 -31.70 24.55 -1.70
C LYS C 22 -32.73 23.48 -1.37
N PHE C 23 -32.53 22.76 -0.28
CA PHE C 23 -33.48 21.80 0.24
C PHE C 23 -33.33 21.65 1.75
N THR C 24 -34.42 21.26 2.42
CA THR C 24 -34.45 20.97 3.84
C THR C 24 -35.14 19.60 3.97
N VAL C 25 -34.46 18.64 4.59
CA VAL C 25 -34.92 17.27 4.77
C VAL C 25 -34.60 16.77 6.18
N GLU C 26 -35.37 15.78 6.63
CA GLU C 26 -35.12 15.13 7.90
C GLU C 26 -33.95 14.17 7.70
N ARG C 27 -33.03 14.13 8.68
CA ARG C 27 -31.89 13.22 8.73
C ARG C 27 -32.36 11.76 8.48
N GLU C 28 -33.49 11.38 9.09
CA GLU C 28 -34.09 10.04 9.00
C GLU C 28 -34.53 9.66 7.59
N HIS C 29 -34.81 10.64 6.73
CA HIS C 29 -35.21 10.37 5.36
C HIS C 29 -33.99 10.40 4.42
N LEU C 30 -32.82 10.87 4.91
CA LEU C 30 -31.64 11.04 4.07
C LEU C 30 -30.53 10.04 4.33
N LEU C 31 -30.44 9.51 5.57
CA LEU C 31 -29.38 8.57 5.94
C LEU C 31 -29.21 7.33 5.07
N LYS C 32 -30.28 6.50 4.91
CA LYS C 32 -30.19 5.30 4.09
C LYS C 32 -29.89 5.68 2.63
N PRO C 33 -30.59 6.68 2.00
CA PRO C 33 -30.25 7.08 0.62
C PRO C 33 -28.79 7.45 0.44
N LEU C 34 -28.21 8.26 1.37
CA LEU C 34 -26.78 8.60 1.34
C LEU C 34 -25.87 7.38 1.46
N GLN C 35 -26.28 6.40 2.29
CA GLN C 35 -25.51 5.17 2.49
C GLN C 35 -25.46 4.37 1.21
N GLN C 36 -26.60 4.19 0.58
CA GLN C 36 -26.72 3.48 -0.68
C GLN C 36 -25.94 4.11 -1.83
N VAL C 37 -26.13 5.42 -2.11
CA VAL C 37 -25.47 6.10 -3.24
C VAL C 37 -23.93 6.15 -3.14
N SER C 38 -23.40 6.01 -1.94
CA SER C 38 -21.96 5.96 -1.77
C SER C 38 -21.37 4.55 -2.19
N GLY C 39 -22.24 3.57 -2.43
CA GLY C 39 -21.88 2.23 -2.88
C GLY C 39 -20.81 2.15 -3.97
N PRO C 40 -21.02 2.74 -5.19
CA PRO C 40 -19.95 2.69 -6.24
C PRO C 40 -18.62 3.39 -5.90
N LEU C 41 -18.54 4.06 -4.75
CA LEU C 41 -17.33 4.77 -4.34
C LEU C 41 -16.35 3.85 -3.60
N GLY C 42 -15.10 4.28 -3.49
CA GLY C 42 -14.06 3.51 -2.82
C GLY C 42 -12.70 4.18 -2.75
N GLY C 43 -12.38 4.73 -1.57
CA GLY C 43 -11.13 5.40 -1.26
C GLY C 43 -10.82 6.62 -2.11
N ARG C 44 -9.57 6.71 -2.61
CA ARG C 44 -9.07 7.80 -3.45
C ARG C 44 -9.17 7.38 -4.94
N PRO C 45 -10.20 7.85 -5.69
CA PRO C 45 -10.31 7.44 -7.10
C PRO C 45 -9.33 8.24 -7.96
N THR C 46 -9.30 7.97 -9.26
CA THR C 46 -8.44 8.74 -10.15
C THR C 46 -9.02 10.16 -10.27
N LEU C 47 -10.22 10.32 -10.92
CA LEU C 47 -10.90 11.61 -11.07
C LEU C 47 -11.46 12.05 -9.70
N PRO C 48 -11.03 13.21 -9.14
CA PRO C 48 -11.58 13.67 -7.87
C PRO C 48 -13.10 13.68 -7.73
N ILE C 49 -13.82 14.05 -8.80
CA ILE C 49 -15.30 14.13 -8.80
C ILE C 49 -15.96 12.74 -8.55
N LEU C 50 -15.23 11.64 -8.79
CA LEU C 50 -15.75 10.28 -8.55
C LEU C 50 -15.90 10.01 -7.03
N GLY C 51 -15.24 10.83 -6.22
CA GLY C 51 -15.37 10.80 -4.77
C GLY C 51 -16.56 11.64 -4.31
N ASN C 52 -17.23 12.34 -5.25
CA ASN C 52 -18.38 13.18 -4.94
C ASN C 52 -19.73 12.55 -5.31
N LEU C 53 -20.80 13.03 -4.67
CA LEU C 53 -22.15 12.62 -5.04
C LEU C 53 -22.76 13.78 -5.79
N LEU C 54 -23.56 13.48 -6.80
CA LEU C 54 -24.31 14.50 -7.53
C LEU C 54 -25.64 14.72 -6.78
N LEU C 55 -25.94 15.98 -6.45
CA LEU C 55 -27.20 16.36 -5.80
C LEU C 55 -28.00 17.17 -6.79
N GLN C 56 -29.27 16.79 -7.01
CA GLN C 56 -30.15 17.50 -7.94
C GLN C 56 -31.50 17.74 -7.31
N VAL C 57 -31.94 19.00 -7.34
CA VAL C 57 -33.24 19.39 -6.81
C VAL C 57 -34.06 19.83 -8.00
N ALA C 58 -35.24 19.21 -8.16
CA ALA C 58 -36.20 19.56 -9.21
C ALA C 58 -37.57 19.00 -8.85
N ASP C 59 -38.60 19.87 -8.88
CA ASP C 59 -40.01 19.59 -8.67
C ASP C 59 -40.36 18.53 -7.57
N GLY C 60 -40.20 18.95 -6.33
CA GLY C 60 -40.47 18.14 -5.16
C GLY C 60 -39.54 16.96 -4.96
N THR C 61 -38.43 16.81 -5.77
CA THR C 61 -37.57 15.65 -5.56
C THR C 61 -36.09 15.98 -5.44
N LEU C 62 -35.42 15.35 -4.47
CA LEU C 62 -33.97 15.42 -4.34
C LEU C 62 -33.43 14.09 -4.89
N SER C 63 -32.53 14.16 -5.88
CA SER C 63 -31.86 12.98 -6.42
C SER C 63 -30.40 13.02 -5.99
N LEU C 64 -29.89 11.87 -5.54
CA LEU C 64 -28.50 11.71 -5.16
C LEU C 64 -27.93 10.62 -6.06
N THR C 65 -26.75 10.87 -6.67
CA THR C 65 -26.11 9.91 -7.56
C THR C 65 -24.64 9.72 -7.22
N GLY C 66 -24.21 8.48 -7.17
CA GLY C 66 -22.81 8.11 -7.02
C GLY C 66 -22.44 7.25 -8.21
N THR C 67 -21.20 7.38 -8.72
CA THR C 67 -20.75 6.61 -9.90
C THR C 67 -19.27 6.24 -9.82
N ASP C 68 -18.82 5.35 -10.72
CA ASP C 68 -17.42 4.92 -10.84
C ASP C 68 -17.04 4.78 -12.32
N LEU C 69 -17.90 5.35 -13.22
CA LEU C 69 -17.80 5.33 -14.70
C LEU C 69 -18.40 4.09 -15.32
N GLU C 70 -18.56 3.01 -14.56
CA GLU C 70 -19.09 1.74 -15.06
C GLU C 70 -20.50 1.50 -14.54
N MET C 71 -20.71 1.79 -13.26
CA MET C 71 -22.02 1.65 -12.62
C MET C 71 -22.44 2.98 -12.02
N GLU C 72 -23.72 3.12 -11.77
CA GLU C 72 -24.25 4.28 -11.06
C GLU C 72 -25.39 3.85 -10.14
N MET C 73 -25.49 4.55 -9.00
CA MET C 73 -26.50 4.29 -7.98
C MET C 73 -27.20 5.62 -7.70
N VAL C 74 -28.53 5.60 -7.76
CA VAL C 74 -29.38 6.76 -7.61
C VAL C 74 -30.40 6.53 -6.49
N ALA C 75 -30.65 7.56 -5.69
CA ALA C 75 -31.67 7.55 -4.65
C ALA C 75 -32.53 8.81 -4.83
N ARG C 76 -33.86 8.68 -4.68
CA ARG C 76 -34.79 9.81 -4.79
C ARG C 76 -35.44 10.04 -3.44
N VAL C 77 -35.43 11.30 -2.99
CA VAL C 77 -35.99 11.73 -1.70
C VAL C 77 -37.06 12.79 -1.98
N ALA C 78 -38.28 12.58 -1.48
CA ALA C 78 -39.38 13.52 -1.65
C ALA C 78 -39.10 14.78 -0.82
N LEU C 79 -39.35 15.95 -1.40
CA LEU C 79 -39.15 17.22 -0.72
C LEU C 79 -40.50 17.86 -0.46
N VAL C 80 -40.85 18.02 0.82
CA VAL C 80 -42.12 18.62 1.21
C VAL C 80 -41.93 20.04 1.76
N GLN C 81 -40.71 20.36 2.20
CA GLN C 81 -40.41 21.67 2.74
C GLN C 81 -39.93 22.59 1.61
N PRO C 82 -39.99 23.95 1.78
CA PRO C 82 -39.53 24.83 0.69
C PRO C 82 -38.16 24.45 0.15
N HIS C 83 -38.03 24.53 -1.18
CA HIS C 83 -36.81 24.14 -1.87
C HIS C 83 -36.66 24.93 -3.15
N GLU C 84 -35.42 25.06 -3.62
CA GLU C 84 -35.07 25.77 -4.82
C GLU C 84 -34.30 24.85 -5.75
N PRO C 85 -34.67 24.81 -7.04
CA PRO C 85 -34.02 23.86 -7.97
C PRO C 85 -32.55 24.14 -8.22
N GLY C 86 -31.84 23.12 -8.64
CA GLY C 86 -30.43 23.24 -8.98
C GLY C 86 -29.67 21.97 -8.75
N ALA C 87 -28.36 21.98 -9.07
CA ALA C 87 -27.50 20.83 -8.91
C ALA C 87 -26.08 21.20 -8.56
N THR C 88 -25.37 20.28 -7.88
CA THR C 88 -23.97 20.42 -7.49
C THR C 88 -23.43 19.05 -7.13
N THR C 89 -22.10 18.94 -6.87
CA THR C 89 -21.49 17.70 -6.38
C THR C 89 -20.77 18.00 -5.10
N VAL C 90 -20.82 17.04 -4.18
CA VAL C 90 -20.25 17.21 -2.86
C VAL C 90 -19.43 15.97 -2.42
N PRO C 91 -18.32 16.10 -1.65
CA PRO C 91 -17.59 14.89 -1.17
C PRO C 91 -18.54 13.95 -0.42
N ALA C 92 -18.66 12.71 -0.90
CA ALA C 92 -19.61 11.72 -0.38
C ALA C 92 -19.43 11.31 1.08
N ARG C 93 -18.21 10.92 1.42
CA ARG C 93 -17.85 10.46 2.76
C ARG C 93 -18.07 11.56 3.81
N LYS C 94 -17.58 12.79 3.54
CA LYS C 94 -17.75 13.92 4.45
C LYS C 94 -19.22 14.27 4.64
N PHE C 95 -19.99 14.36 3.55
CA PHE C 95 -21.43 14.67 3.65
C PHE C 95 -22.17 13.60 4.44
N PHE C 96 -21.88 12.30 4.17
CA PHE C 96 -22.52 11.21 4.92
C PHE C 96 -22.16 11.28 6.41
N ASP C 97 -20.85 11.44 6.73
CA ASP C 97 -20.41 11.52 8.14
C ASP C 97 -21.05 12.68 8.90
N ILE C 98 -21.24 13.83 8.22
CA ILE C 98 -21.89 14.98 8.84
C ILE C 98 -23.36 14.64 9.20
N CYS C 99 -24.12 14.11 8.24
CA CYS C 99 -25.52 13.74 8.46
C CYS C 99 -25.66 12.66 9.53
N ARG C 100 -24.75 11.68 9.50
CA ARG C 100 -24.68 10.57 10.44
C ARG C 100 -24.36 11.07 11.85
N GLY C 101 -23.47 12.06 11.94
CA GLY C 101 -23.04 12.66 13.20
C GLY C 101 -24.06 13.55 13.88
N LEU C 102 -25.06 14.03 13.14
CA LEU C 102 -26.11 14.89 13.67
C LEU C 102 -27.09 14.09 14.53
N PRO C 103 -27.81 14.71 15.51
CA PRO C 103 -28.69 13.92 16.38
C PRO C 103 -29.93 13.37 15.69
N GLU C 104 -30.52 12.32 16.28
CA GLU C 104 -31.75 11.70 15.77
C GLU C 104 -32.86 12.75 15.66
N GLY C 105 -33.56 12.74 14.53
CA GLY C 105 -34.65 13.67 14.26
C GLY C 105 -34.21 15.04 13.77
N ALA C 106 -32.91 15.24 13.50
CA ALA C 106 -32.38 16.51 13.03
C ALA C 106 -32.92 16.87 11.66
N GLU C 107 -33.14 18.15 11.46
CA GLU C 107 -33.57 18.71 10.20
C GLU C 107 -32.28 19.22 9.55
N ILE C 108 -31.99 18.79 8.31
CA ILE C 108 -30.78 19.17 7.58
C ILE C 108 -31.14 20.17 6.48
N ALA C 109 -30.68 21.42 6.63
CA ALA C 109 -30.93 22.48 5.66
C ALA C 109 -29.65 22.61 4.80
N VAL C 110 -29.81 22.39 3.51
CA VAL C 110 -28.71 22.45 2.54
C VAL C 110 -28.93 23.60 1.59
N GLN C 111 -27.88 24.37 1.31
CA GLN C 111 -27.93 25.43 0.31
C GLN C 111 -26.59 25.64 -0.34
N LEU C 112 -26.62 25.78 -1.66
CA LEU C 112 -25.46 26.10 -2.45
C LEU C 112 -25.18 27.59 -2.24
N GLU C 113 -23.92 27.93 -1.97
CA GLU C 113 -23.54 29.33 -1.75
C GLU C 113 -22.26 29.51 -2.56
N GLY C 114 -22.43 29.94 -3.80
CA GLY C 114 -21.32 30.05 -4.74
C GLY C 114 -20.80 28.67 -5.07
N GLU C 115 -19.54 28.41 -4.78
CA GLU C 115 -18.83 27.14 -4.99
C GLU C 115 -18.76 26.30 -3.68
N ARG C 116 -19.43 26.75 -2.62
CA ARG C 116 -19.51 26.06 -1.34
C ARG C 116 -20.91 25.51 -1.15
N MET C 117 -21.03 24.34 -0.49
CA MET C 117 -22.33 23.77 -0.17
C MET C 117 -22.48 23.82 1.34
N LEU C 118 -23.48 24.54 1.79
CA LEU C 118 -23.69 24.71 3.20
C LEU C 118 -24.65 23.70 3.72
N VAL C 119 -24.32 23.10 4.87
CA VAL C 119 -25.15 22.14 5.58
C VAL C 119 -25.37 22.72 6.96
N ARG C 120 -26.63 22.95 7.33
CA ARG C 120 -26.98 23.56 8.61
C ARG C 120 -28.03 22.73 9.30
N SER C 121 -27.87 22.59 10.61
CA SER C 121 -28.76 21.82 11.48
C SER C 121 -28.48 22.31 12.88
N GLY C 122 -29.51 22.79 13.60
CA GLY C 122 -29.35 23.31 14.95
C GLY C 122 -28.38 24.47 14.93
N ARG C 123 -27.28 24.38 15.69
CA ARG C 123 -26.22 25.38 15.63
C ARG C 123 -24.91 24.75 15.07
N SER C 124 -25.09 23.78 14.17
CA SER C 124 -24.01 23.09 13.48
C SER C 124 -24.06 23.63 12.07
N ARG C 125 -22.91 24.03 11.58
CA ARG C 125 -22.72 24.62 10.25
C ARG C 125 -21.54 23.93 9.59
N PHE C 126 -21.70 23.51 8.33
CA PHE C 126 -20.63 22.85 7.56
C PHE C 126 -20.61 23.43 6.17
N SER C 127 -19.45 23.88 5.74
CA SER C 127 -19.25 24.46 4.41
C SER C 127 -18.35 23.48 3.66
N LEU C 128 -18.89 22.83 2.64
CA LEU C 128 -18.19 21.81 1.85
C LEU C 128 -17.80 22.35 0.49
N SER C 129 -16.64 21.88 -0.03
CA SER C 129 -16.18 22.29 -1.35
C SER C 129 -17.00 21.53 -2.37
N THR C 130 -17.24 22.13 -3.55
CA THR C 130 -18.02 21.45 -4.56
C THR C 130 -17.22 21.30 -5.85
N LEU C 131 -17.72 20.47 -6.75
CA LEU C 131 -17.23 20.33 -8.13
C LEU C 131 -18.45 20.49 -9.05
N PRO C 132 -18.36 21.18 -10.22
CA PRO C 132 -19.58 21.42 -11.02
C PRO C 132 -20.38 20.19 -11.38
N ALA C 133 -21.73 20.26 -11.24
CA ALA C 133 -22.64 19.19 -11.64
C ALA C 133 -22.44 18.87 -13.15
N ALA C 134 -22.08 19.91 -13.96
CA ALA C 134 -21.84 19.77 -15.40
C ALA C 134 -20.64 18.83 -15.71
N ASP C 135 -19.72 18.63 -14.73
CA ASP C 135 -18.56 17.73 -14.88
C ASP C 135 -18.84 16.31 -14.41
N PHE C 136 -20.00 16.08 -13.75
CA PHE C 136 -20.33 14.77 -13.21
C PHE C 136 -20.53 13.79 -14.33
N PRO C 137 -19.75 12.70 -14.35
CA PRO C 137 -19.91 11.73 -15.45
C PRO C 137 -21.24 11.02 -15.31
N ASN C 138 -21.96 10.90 -16.40
CA ASN C 138 -23.22 10.23 -16.32
C ASN C 138 -23.21 9.19 -17.39
N LEU C 139 -23.73 8.00 -17.06
CA LEU C 139 -23.81 6.95 -18.07
C LEU C 139 -24.75 7.49 -19.12
N ASP C 140 -24.53 7.12 -20.39
CA ASP C 140 -25.42 7.59 -21.46
C ASP C 140 -26.83 7.01 -21.27
N ASP C 141 -27.87 7.74 -21.69
CA ASP C 141 -29.22 7.25 -21.59
C ASP C 141 -29.40 6.13 -22.63
N TRP C 142 -30.26 5.18 -22.34
CA TRP C 142 -30.46 3.98 -23.17
C TRP C 142 -31.90 3.49 -23.04
N GLN C 143 -32.32 2.58 -23.92
CA GLN C 143 -33.65 1.99 -23.86
C GLN C 143 -33.56 0.51 -23.57
N SER C 144 -34.52 0.01 -22.79
CA SER C 144 -34.60 -1.38 -22.36
C SER C 144 -35.20 -2.25 -23.46
N GLU C 145 -34.75 -3.50 -23.55
CA GLU C 145 -35.23 -4.49 -24.51
C GLU C 145 -35.92 -5.66 -23.82
N VAL C 146 -35.58 -5.93 -22.54
CA VAL C 146 -36.14 -7.00 -21.72
C VAL C 146 -36.49 -6.38 -20.37
N GLU C 147 -37.71 -6.65 -19.89
CA GLU C 147 -38.18 -6.14 -18.62
C GLU C 147 -38.92 -7.21 -17.85
N PHE C 148 -38.71 -7.25 -16.53
CA PHE C 148 -39.41 -8.16 -15.63
C PHE C 148 -39.35 -7.64 -14.21
N THR C 149 -40.27 -8.15 -13.39
CA THR C 149 -40.40 -7.82 -11.97
C THR C 149 -40.25 -9.12 -11.18
N LEU C 150 -39.53 -9.07 -10.08
CA LEU C 150 -39.32 -10.23 -9.21
C LEU C 150 -39.14 -9.75 -7.77
N PRO C 151 -39.39 -10.61 -6.74
CA PRO C 151 -39.16 -10.17 -5.36
C PRO C 151 -37.70 -9.86 -5.11
N GLN C 152 -37.48 -8.82 -4.32
CA GLN C 152 -36.18 -8.31 -3.90
C GLN C 152 -35.30 -9.47 -3.37
N ALA C 153 -35.89 -10.37 -2.53
CA ALA C 153 -35.27 -11.52 -1.88
C ALA C 153 -34.84 -12.62 -2.86
N THR C 154 -35.57 -12.74 -3.99
CA THR C 154 -35.26 -13.71 -5.03
C THR C 154 -33.97 -13.26 -5.73
N MET C 155 -33.87 -11.97 -6.08
CA MET C 155 -32.66 -11.43 -6.71
C MET C 155 -31.45 -11.55 -5.76
N LYS C 156 -31.61 -11.22 -4.47
CA LYS C 156 -30.56 -11.36 -3.45
C LYS C 156 -30.07 -12.82 -3.37
N ARG C 157 -31.00 -13.79 -3.28
CA ARG C 157 -30.70 -15.23 -3.20
C ARG C 157 -29.86 -15.66 -4.41
N LEU C 158 -30.29 -15.28 -5.64
CA LEU C 158 -29.57 -15.60 -6.89
C LEU C 158 -28.13 -15.09 -6.88
N ILE C 159 -27.92 -13.86 -6.39
CA ILE C 159 -26.59 -13.24 -6.31
C ILE C 159 -25.73 -13.86 -5.18
N GLU C 160 -26.27 -13.93 -3.93
CA GLU C 160 -25.58 -14.50 -2.77
C GLU C 160 -25.17 -15.94 -2.98
N ALA C 161 -26.00 -16.73 -3.65
CA ALA C 161 -25.70 -18.13 -3.92
C ALA C 161 -24.51 -18.31 -4.88
N THR C 162 -24.18 -17.30 -5.71
CA THR C 162 -23.14 -17.51 -6.72
C THR C 162 -21.95 -16.52 -6.74
N GLN C 163 -22.07 -15.34 -6.12
CA GLN C 163 -21.09 -14.26 -6.25
C GLN C 163 -19.65 -14.62 -5.86
N PHE C 164 -19.45 -15.47 -4.83
CA PHE C 164 -18.12 -15.85 -4.36
C PHE C 164 -17.33 -16.57 -5.46
N SER C 165 -18.03 -17.18 -6.45
CA SER C 165 -17.37 -17.88 -7.54
C SER C 165 -16.94 -17.00 -8.72
N MET C 166 -17.26 -15.67 -8.69
CA MET C 166 -16.85 -14.79 -9.77
C MET C 166 -15.33 -14.61 -9.75
N ALA C 167 -14.68 -14.48 -10.94
CA ALA C 167 -13.25 -14.15 -11.01
C ALA C 167 -13.08 -12.69 -10.54
N HIS C 168 -11.87 -12.31 -10.07
N HIS C 168 -11.88 -12.30 -10.10
CA HIS C 168 -11.61 -10.98 -9.53
CA HIS C 168 -11.65 -10.94 -9.61
C HIS C 168 -10.96 -10.07 -10.57
C HIS C 168 -10.99 -10.08 -10.66
N GLN C 169 -9.78 -10.43 -11.08
CA GLN C 169 -9.08 -9.61 -12.10
C GLN C 169 -8.48 -10.50 -13.17
N ASP C 170 -9.28 -11.44 -13.67
CA ASP C 170 -8.82 -12.39 -14.66
C ASP C 170 -8.66 -11.66 -16.00
N VAL C 171 -7.72 -12.12 -16.83
CA VAL C 171 -7.52 -11.56 -18.17
C VAL C 171 -8.74 -11.87 -19.03
N ARG C 172 -9.47 -12.98 -18.73
CA ARG C 172 -10.72 -13.34 -19.40
C ARG C 172 -11.74 -12.44 -18.72
N TYR C 173 -11.80 -11.16 -19.19
CA TYR C 173 -12.61 -10.07 -18.64
C TYR C 173 -14.08 -10.46 -18.41
N TYR C 174 -14.64 -11.31 -19.28
CA TYR C 174 -16.03 -11.77 -19.19
C TYR C 174 -16.30 -12.65 -17.95
N LEU C 175 -15.24 -13.10 -17.23
CA LEU C 175 -15.40 -13.90 -16.00
C LEU C 175 -15.47 -13.02 -14.76
N ASN C 176 -15.03 -11.74 -14.88
CA ASN C 176 -15.00 -10.78 -13.77
C ASN C 176 -16.38 -10.19 -13.62
N GLY C 177 -17.35 -11.06 -13.39
CA GLY C 177 -18.74 -10.66 -13.30
C GLY C 177 -19.65 -11.86 -13.22
N MET C 178 -20.96 -11.61 -13.40
CA MET C 178 -21.99 -12.64 -13.26
C MET C 178 -22.93 -12.65 -14.43
N LEU C 179 -23.25 -13.86 -14.91
CA LEU C 179 -24.23 -14.00 -15.98
C LEU C 179 -25.60 -13.95 -15.37
N PHE C 180 -26.49 -13.21 -16.01
CA PHE C 180 -27.92 -13.12 -15.66
C PHE C 180 -28.62 -13.61 -16.90
N GLU C 181 -29.31 -14.74 -16.77
CA GLU C 181 -29.96 -15.38 -17.88
C GLU C 181 -31.42 -15.69 -17.61
N THR C 182 -32.30 -15.26 -18.52
CA THR C 182 -33.73 -15.51 -18.47
C THR C 182 -34.00 -16.68 -19.39
N GLU C 183 -34.79 -17.66 -18.92
CA GLU C 183 -35.18 -18.85 -19.67
C GLU C 183 -36.49 -19.35 -19.09
N GLY C 184 -37.52 -19.41 -19.95
CA GLY C 184 -38.85 -19.84 -19.55
C GLY C 184 -39.43 -18.88 -18.52
N GLU C 185 -39.72 -19.39 -17.33
CA GLU C 185 -40.22 -18.58 -16.21
C GLU C 185 -39.11 -18.36 -15.16
N GLU C 186 -37.86 -18.74 -15.50
CA GLU C 186 -36.74 -18.69 -14.57
C GLU C 186 -35.70 -17.64 -14.86
N LEU C 187 -35.10 -17.13 -13.79
CA LEU C 187 -33.95 -16.24 -13.86
C LEU C 187 -32.79 -17.04 -13.26
N ARG C 188 -31.67 -17.08 -13.97
CA ARG C 188 -30.49 -17.84 -13.62
C ARG C 188 -29.27 -16.94 -13.49
N THR C 189 -28.44 -17.20 -12.47
CA THR C 189 -27.16 -16.54 -12.30
C THR C 189 -26.09 -17.59 -12.40
N VAL C 190 -24.99 -17.24 -13.09
CA VAL C 190 -23.81 -18.11 -13.25
C VAL C 190 -22.56 -17.29 -12.93
N ALA C 191 -21.64 -17.86 -12.12
CA ALA C 191 -20.37 -17.25 -11.81
C ALA C 191 -19.27 -18.31 -11.81
N THR C 192 -18.12 -18.01 -12.46
CA THR C 192 -16.97 -18.92 -12.50
C THR C 192 -15.65 -18.15 -12.59
N ASP C 193 -14.58 -18.74 -12.01
CA ASP C 193 -13.23 -18.17 -12.06
C ASP C 193 -12.29 -19.11 -12.82
N GLY C 194 -12.87 -20.13 -13.44
CA GLY C 194 -12.10 -21.12 -14.19
C GLY C 194 -11.66 -22.33 -13.38
N HIS C 195 -11.83 -22.34 -12.04
CA HIS C 195 -11.49 -23.46 -11.16
C HIS C 195 -12.75 -24.00 -10.52
N ARG C 196 -13.68 -23.09 -10.21
CA ARG C 196 -14.95 -23.46 -9.61
C ARG C 196 -16.08 -22.61 -10.22
N LEU C 197 -17.27 -23.16 -10.24
CA LEU C 197 -18.47 -22.55 -10.82
C LEU C 197 -19.64 -22.69 -9.85
N ALA C 198 -20.53 -21.69 -9.89
CA ALA C 198 -21.77 -21.64 -9.11
C ALA C 198 -22.90 -21.25 -10.04
N VAL C 199 -24.03 -21.97 -9.94
CA VAL C 199 -25.21 -21.73 -10.76
C VAL C 199 -26.47 -21.86 -9.91
N CYS C 200 -27.35 -20.85 -9.98
CA CYS C 200 -28.60 -20.81 -9.25
C CYS C 200 -29.71 -20.37 -10.22
N SER C 201 -30.86 -21.04 -10.17
CA SER C 201 -32.04 -20.72 -11.00
C SER C 201 -33.23 -20.60 -10.07
N MET C 202 -34.06 -19.58 -10.26
CA MET C 202 -35.26 -19.43 -9.46
C MET C 202 -36.48 -19.06 -10.30
N PRO C 203 -37.67 -19.66 -10.04
CA PRO C 203 -38.87 -19.27 -10.81
C PRO C 203 -39.30 -17.86 -10.43
N ILE C 204 -39.74 -17.04 -11.39
CA ILE C 204 -40.15 -15.68 -11.06
C ILE C 204 -41.65 -15.42 -11.45
N GLY C 205 -42.35 -16.48 -11.89
CA GLY C 205 -43.77 -16.50 -12.23
C GLY C 205 -44.21 -15.55 -13.33
N GLN C 206 -43.50 -15.57 -14.46
CA GLN C 206 -43.71 -14.71 -15.61
C GLN C 206 -42.92 -15.36 -16.75
N SER C 207 -43.54 -15.50 -17.93
CA SER C 207 -42.88 -16.04 -19.11
C SER C 207 -41.88 -14.99 -19.60
N LEU C 208 -40.66 -15.40 -19.95
CA LEU C 208 -39.62 -14.46 -20.37
C LEU C 208 -38.98 -14.85 -21.68
N PRO C 209 -38.49 -13.89 -22.48
CA PRO C 209 -37.73 -14.26 -23.68
C PRO C 209 -36.33 -14.75 -23.26
N SER C 210 -35.70 -15.62 -24.07
CA SER C 210 -34.36 -16.10 -23.74
C SER C 210 -33.36 -14.98 -23.96
N HIS C 211 -32.70 -14.59 -22.87
CA HIS C 211 -31.74 -13.50 -22.86
C HIS C 211 -30.66 -13.76 -21.83
N SER C 212 -29.41 -13.36 -22.14
CA SER C 212 -28.29 -13.51 -21.22
C SER C 212 -27.35 -12.35 -21.33
N VAL C 213 -26.95 -11.80 -20.18
CA VAL C 213 -26.05 -10.63 -20.06
C VAL C 213 -25.07 -10.84 -18.91
N ILE C 214 -23.93 -10.16 -18.98
CA ILE C 214 -22.91 -10.21 -17.94
C ILE C 214 -22.85 -8.87 -17.22
N VAL C 215 -23.07 -8.90 -15.91
CA VAL C 215 -23.01 -7.73 -15.04
C VAL C 215 -21.60 -7.71 -14.43
N PRO C 216 -20.84 -6.59 -14.51
CA PRO C 216 -19.49 -6.54 -13.90
C PRO C 216 -19.55 -6.84 -12.41
N ARG C 217 -18.49 -7.50 -11.89
CA ARG C 217 -18.44 -7.93 -10.48
C ARG C 217 -18.71 -6.80 -9.49
N LYS C 218 -18.09 -5.63 -9.67
CA LYS C 218 -18.28 -4.47 -8.79
C LYS C 218 -19.75 -4.09 -8.66
N GLY C 219 -20.45 -4.07 -9.79
CA GLY C 219 -21.89 -3.81 -9.85
C GLY C 219 -22.72 -4.92 -9.23
N VAL C 220 -22.32 -6.19 -9.42
CA VAL C 220 -23.01 -7.34 -8.81
C VAL C 220 -23.02 -7.18 -7.28
N ILE C 221 -21.88 -6.81 -6.71
CA ILE C 221 -21.72 -6.60 -5.26
C ILE C 221 -22.60 -5.45 -4.76
N GLU C 222 -22.57 -4.30 -5.44
CA GLU C 222 -23.40 -3.17 -5.03
C GLU C 222 -24.88 -3.48 -5.15
N LEU C 223 -25.31 -4.16 -6.24
CA LEU C 223 -26.71 -4.56 -6.39
C LEU C 223 -27.14 -5.45 -5.20
N MET C 224 -26.31 -6.46 -4.86
CA MET C 224 -26.55 -7.36 -3.73
C MET C 224 -26.79 -6.57 -2.43
N ARG C 225 -25.89 -5.61 -2.15
CA ARG C 225 -25.97 -4.74 -0.96
C ARG C 225 -27.23 -3.86 -0.97
N MET C 226 -27.71 -3.44 -2.15
CA MET C 226 -28.92 -2.62 -2.32
C MET C 226 -30.19 -3.35 -1.86
N LEU C 227 -30.29 -4.65 -2.18
CA LEU C 227 -31.43 -5.48 -1.79
C LEU C 227 -31.23 -5.91 -0.35
N ASP C 228 -32.15 -5.50 0.52
CA ASP C 228 -32.12 -5.82 1.95
C ASP C 228 -33.28 -6.76 2.28
N GLY C 229 -33.82 -7.40 1.24
CA GLY C 229 -34.97 -8.29 1.35
C GLY C 229 -36.26 -7.51 1.47
N GLY C 230 -37.28 -8.16 2.00
CA GLY C 230 -38.61 -7.56 2.16
C GLY C 230 -39.44 -7.70 0.90
N ASP C 231 -40.78 -7.74 1.07
CA ASP C 231 -41.79 -7.91 0.00
C ASP C 231 -41.46 -7.16 -1.29
N ASN C 232 -41.19 -5.83 -1.17
CA ASN C 232 -40.97 -4.83 -2.22
C ASN C 232 -40.44 -5.40 -3.53
N PRO C 233 -41.16 -5.19 -4.65
CA PRO C 233 -40.69 -5.77 -5.90
C PRO C 233 -39.50 -5.06 -6.53
N LEU C 234 -38.72 -5.80 -7.29
CA LEU C 234 -37.59 -5.26 -7.99
C LEU C 234 -37.91 -5.28 -9.48
N ARG C 235 -37.89 -4.13 -10.13
CA ARG C 235 -38.11 -4.06 -11.57
C ARG C 235 -36.74 -4.02 -12.24
N VAL C 236 -36.50 -4.96 -13.14
CA VAL C 236 -35.26 -5.10 -13.89
C VAL C 236 -35.50 -4.74 -15.34
N GLN C 237 -34.61 -3.91 -15.90
CA GLN C 237 -34.64 -3.50 -17.29
C GLN C 237 -33.27 -3.79 -17.88
N ILE C 238 -33.26 -4.56 -18.96
CA ILE C 238 -32.02 -4.96 -19.64
C ILE C 238 -32.00 -4.36 -21.02
N GLY C 239 -30.94 -3.60 -21.31
CA GLY C 239 -30.70 -3.00 -22.61
C GLY C 239 -29.64 -3.78 -23.37
N SER C 240 -29.22 -3.26 -24.52
CA SER C 240 -28.16 -3.92 -25.30
C SER C 240 -26.78 -3.82 -24.61
N ASN C 241 -26.52 -2.71 -23.90
CA ASN C 241 -25.24 -2.52 -23.24
C ASN C 241 -25.34 -2.17 -21.75
N ASN C 242 -26.55 -2.21 -21.18
CA ASN C 242 -26.76 -1.80 -19.80
C ASN C 242 -27.82 -2.64 -19.11
N ILE C 243 -27.81 -2.59 -17.76
CA ILE C 243 -28.81 -3.20 -16.89
C ILE C 243 -29.23 -2.14 -15.87
N ARG C 244 -30.50 -2.18 -15.46
CA ARG C 244 -31.04 -1.28 -14.46
CA ARG C 244 -31.07 -1.27 -14.47
C ARG C 244 -31.95 -2.05 -13.52
N ALA C 245 -31.77 -1.83 -12.21
CA ALA C 245 -32.59 -2.48 -11.20
C ALA C 245 -33.21 -1.39 -10.30
N HIS C 246 -34.53 -1.37 -10.24
CA HIS C 246 -35.29 -0.36 -9.51
C HIS C 246 -36.09 -0.99 -8.36
N VAL C 247 -35.79 -0.57 -7.12
CA VAL C 247 -36.51 -1.00 -5.91
C VAL C 247 -36.78 0.23 -5.04
N GLY C 248 -38.06 0.47 -4.78
CA GLY C 248 -38.53 1.63 -4.03
C GLY C 248 -37.98 2.92 -4.64
N ASP C 249 -37.22 3.68 -3.85
CA ASP C 249 -36.64 4.97 -4.31
C ASP C 249 -35.20 4.82 -4.79
N PHE C 250 -34.71 3.57 -4.92
CA PHE C 250 -33.35 3.28 -5.36
C PHE C 250 -33.24 2.74 -6.76
N ILE C 251 -32.24 3.23 -7.50
CA ILE C 251 -32.01 2.77 -8.87
C ILE C 251 -30.56 2.43 -9.04
N PHE C 252 -30.30 1.18 -9.43
CA PHE C 252 -28.96 0.70 -9.74
C PHE C 252 -28.85 0.61 -11.25
N THR C 253 -27.79 1.18 -11.83
CA THR C 253 -27.54 1.06 -13.27
C THR C 253 -26.10 0.62 -13.48
N SER C 254 -25.88 -0.22 -14.47
CA SER C 254 -24.53 -0.61 -14.81
C SER C 254 -24.40 -0.89 -16.27
N LYS C 255 -23.21 -0.62 -16.80
CA LYS C 255 -22.83 -1.01 -18.16
C LYS C 255 -22.70 -2.54 -18.08
N LEU C 256 -22.89 -3.23 -19.19
CA LEU C 256 -22.72 -4.68 -19.18
C LEU C 256 -21.29 -5.01 -19.64
N VAL C 257 -20.82 -6.23 -19.34
CA VAL C 257 -19.53 -6.69 -19.82
C VAL C 257 -19.80 -7.21 -21.22
N ASP C 258 -19.16 -6.62 -22.22
CA ASP C 258 -19.41 -6.99 -23.63
C ASP C 258 -18.54 -8.17 -24.02
N GLY C 259 -19.05 -9.36 -23.77
CA GLY C 259 -18.38 -10.62 -24.07
C GLY C 259 -19.31 -11.81 -24.04
N ARG C 260 -18.77 -12.99 -24.39
CA ARG C 260 -19.54 -14.24 -24.39
C ARG C 260 -19.13 -15.09 -23.17
N PHE C 261 -20.11 -15.36 -22.31
CA PHE C 261 -19.92 -16.12 -21.10
C PHE C 261 -19.93 -17.63 -21.42
N PRO C 262 -19.08 -18.45 -20.74
CA PRO C 262 -19.12 -19.89 -21.02
C PRO C 262 -20.44 -20.55 -20.62
N ASP C 263 -20.76 -21.68 -21.27
CA ASP C 263 -21.95 -22.45 -21.00
C ASP C 263 -21.66 -23.36 -19.80
N TYR C 264 -22.34 -23.08 -18.69
CA TYR C 264 -22.17 -23.84 -17.43
C TYR C 264 -22.37 -25.35 -17.60
N ARG C 265 -23.25 -25.74 -18.54
CA ARG C 265 -23.57 -27.15 -18.81
C ARG C 265 -22.33 -27.98 -19.19
N ARG C 266 -21.28 -27.34 -19.76
CA ARG C 266 -20.01 -27.96 -20.13
C ARG C 266 -19.21 -28.49 -18.92
N VAL C 267 -19.45 -27.93 -17.73
CA VAL C 267 -18.66 -28.28 -16.55
C VAL C 267 -19.34 -29.35 -15.70
N LEU C 268 -20.66 -29.54 -15.87
CA LEU C 268 -21.44 -30.51 -15.12
C LEU C 268 -20.97 -31.94 -15.37
N PRO C 269 -20.77 -32.77 -14.32
CA PRO C 269 -20.36 -34.18 -14.54
C PRO C 269 -21.36 -34.91 -15.44
N LYS C 270 -20.82 -35.71 -16.39
CA LYS C 270 -21.60 -36.51 -17.32
C LYS C 270 -21.81 -37.86 -16.68
N ASN C 271 -23.06 -38.12 -16.27
CA ASN C 271 -23.49 -39.34 -15.60
C ASN C 271 -22.56 -39.72 -14.41
N PRO C 272 -22.59 -38.93 -13.29
CA PRO C 272 -21.75 -39.28 -12.14
C PRO C 272 -22.18 -40.63 -11.55
N ASP C 273 -21.21 -41.55 -11.40
CA ASP C 273 -21.48 -42.89 -10.88
C ASP C 273 -21.30 -42.98 -9.36
N LYS C 274 -20.73 -41.93 -8.75
CA LYS C 274 -20.47 -41.91 -7.31
C LYS C 274 -21.24 -40.79 -6.64
N HIS C 275 -22.07 -41.13 -5.66
CA HIS C 275 -22.89 -40.17 -4.93
C HIS C 275 -22.63 -40.25 -3.44
N LEU C 276 -22.23 -39.11 -2.85
CA LEU C 276 -21.95 -39.00 -1.42
C LEU C 276 -22.93 -38.04 -0.80
N GLU C 277 -23.50 -38.42 0.35
CA GLU C 277 -24.42 -37.56 1.09
C GLU C 277 -23.94 -37.48 2.54
N ALA C 278 -23.87 -36.26 3.08
CA ALA C 278 -23.37 -36.01 4.44
C ALA C 278 -23.97 -34.75 5.01
N GLY C 279 -23.95 -34.63 6.33
CA GLY C 279 -24.43 -33.43 7.03
C GLY C 279 -23.55 -32.27 6.65
N CYS C 280 -24.16 -31.15 6.20
CA CYS C 280 -23.45 -29.94 5.76
C CYS C 280 -22.53 -29.36 6.81
N ASP C 281 -23.04 -29.16 8.05
CA ASP C 281 -22.21 -28.56 9.10
C ASP C 281 -21.07 -29.47 9.53
N LEU C 282 -21.33 -30.77 9.58
CA LEU C 282 -20.33 -31.79 9.93
C LEU C 282 -19.19 -31.80 8.89
N LEU C 283 -19.53 -31.69 7.59
CA LEU C 283 -18.54 -31.63 6.50
C LEU C 283 -17.76 -30.33 6.59
N LYS C 284 -18.47 -29.21 6.82
CA LYS C 284 -17.89 -27.89 6.90
C LYS C 284 -16.85 -27.78 7.99
N GLN C 285 -17.21 -28.22 9.20
CA GLN C 285 -16.31 -28.17 10.36
C GLN C 285 -15.10 -29.06 10.20
N ALA C 286 -15.25 -30.20 9.50
CA ALA C 286 -14.17 -31.17 9.26
C ALA C 286 -13.18 -30.59 8.26
N PHE C 287 -13.69 -29.95 7.17
CA PHE C 287 -12.81 -29.30 6.21
C PHE C 287 -12.10 -28.08 6.84
N ALA C 288 -12.82 -27.30 7.69
CA ALA C 288 -12.26 -26.12 8.34
C ALA C 288 -11.11 -26.49 9.28
N ARG C 289 -11.23 -27.60 10.02
CA ARG C 289 -10.17 -28.06 10.91
C ARG C 289 -9.03 -28.64 10.07
N ALA C 290 -9.33 -29.43 9.04
CA ALA C 290 -8.30 -30.03 8.18
C ALA C 290 -7.47 -28.97 7.49
N ALA C 291 -8.10 -27.85 7.06
CA ALA C 291 -7.44 -26.69 6.41
C ALA C 291 -6.28 -26.10 7.21
N ILE C 292 -6.36 -26.15 8.54
CA ILE C 292 -5.31 -25.62 9.42
C ILE C 292 -3.94 -26.21 9.09
N LEU C 293 -3.92 -27.51 8.76
CA LEU C 293 -2.66 -28.17 8.49
C LEU C 293 -2.42 -28.42 7.01
N SER C 294 -3.17 -27.70 6.16
CA SER C 294 -3.01 -27.78 4.71
C SER C 294 -1.91 -26.78 4.31
N ASN C 295 -1.31 -26.97 3.14
CA ASN C 295 -0.28 -26.09 2.59
C ASN C 295 -0.86 -24.66 2.43
N GLU C 296 -0.15 -23.65 2.95
CA GLU C 296 -0.59 -22.25 2.93
C GLU C 296 -0.81 -21.68 1.53
N LYS C 297 -0.02 -22.16 0.57
CA LYS C 297 -0.10 -21.68 -0.82
C LYS C 297 -1.13 -22.47 -1.64
N PHE C 298 -1.02 -23.81 -1.67
CA PHE C 298 -1.87 -24.67 -2.49
C PHE C 298 -3.20 -25.09 -1.84
N ARG C 299 -3.28 -25.13 -0.50
CA ARG C 299 -4.53 -25.42 0.24
C ARG C 299 -5.17 -26.78 -0.10
N GLY C 300 -4.34 -27.72 -0.51
CA GLY C 300 -4.79 -29.06 -0.90
C GLY C 300 -5.22 -29.94 0.27
N VAL C 301 -6.36 -30.60 0.08
CA VAL C 301 -6.88 -31.62 1.00
C VAL C 301 -7.19 -32.87 0.18
N ARG C 302 -7.01 -34.06 0.78
CA ARG C 302 -7.32 -35.34 0.16
C ARG C 302 -8.61 -35.89 0.73
N LEU C 303 -9.50 -36.32 -0.14
CA LEU C 303 -10.76 -36.97 0.25
C LEU C 303 -10.65 -38.43 -0.11
N TYR C 304 -10.91 -39.30 0.85
CA TYR C 304 -10.92 -40.73 0.59
C TYR C 304 -12.30 -41.23 0.92
N VAL C 305 -13.03 -41.62 -0.13
CA VAL C 305 -14.40 -42.14 0.00
C VAL C 305 -14.38 -43.67 -0.07
N SER C 306 -14.87 -44.30 0.98
CA SER C 306 -14.97 -45.75 1.13
C SER C 306 -16.42 -46.01 1.52
N GLU C 307 -16.79 -47.27 1.79
CA GLU C 307 -18.19 -47.56 2.10
C GLU C 307 -18.66 -46.93 3.42
N ASN C 308 -19.62 -45.99 3.25
CA ASN C 308 -20.29 -45.22 4.28
C ASN C 308 -19.34 -44.34 5.11
N GLN C 309 -18.18 -44.02 4.53
CA GLN C 309 -17.17 -43.24 5.22
C GLN C 309 -16.41 -42.27 4.33
N LEU C 310 -16.12 -41.09 4.88
CA LEU C 310 -15.30 -40.06 4.23
C LEU C 310 -14.15 -39.73 5.15
N LYS C 311 -12.94 -39.81 4.61
CA LYS C 311 -11.73 -39.45 5.33
C LYS C 311 -11.11 -38.25 4.65
N ILE C 312 -10.89 -37.18 5.42
CA ILE C 312 -10.28 -35.94 4.90
C ILE C 312 -8.91 -35.82 5.53
N THR C 313 -7.87 -35.67 4.70
CA THR C 313 -6.50 -35.50 5.20
C THR C 313 -5.86 -34.25 4.60
N ALA C 314 -5.05 -33.56 5.42
CA ALA C 314 -4.28 -32.40 5.01
C ALA C 314 -2.88 -32.50 5.54
N ASN C 315 -1.89 -32.19 4.68
N ASN C 315 -1.88 -32.20 4.70
CA ASN C 315 -0.46 -32.19 5.01
CA ASN C 315 -0.49 -32.19 5.14
C ASN C 315 0.16 -30.88 4.57
C ASN C 315 0.22 -30.96 4.56
N ASN C 316 1.23 -30.46 5.26
CA ASN C 316 1.92 -29.23 4.86
C ASN C 316 3.43 -29.47 4.70
N PRO C 317 4.25 -28.45 4.34
CA PRO C 317 5.69 -28.69 4.18
C PRO C 317 6.39 -29.12 5.47
N GLU C 318 5.87 -28.72 6.64
CA GLU C 318 6.41 -29.09 7.96
C GLU C 318 6.08 -30.54 8.31
N GLN C 319 5.37 -31.25 7.41
CA GLN C 319 4.95 -32.64 7.54
C GLN C 319 3.95 -32.86 8.72
N GLU C 320 3.20 -31.80 9.06
CA GLU C 320 2.12 -31.88 10.03
C GLU C 320 0.93 -32.46 9.29
N GLU C 321 0.01 -33.12 10.01
CA GLU C 321 -1.11 -33.76 9.34
C GLU C 321 -2.40 -33.65 10.11
N ALA C 322 -3.47 -33.38 9.40
CA ALA C 322 -4.81 -33.37 9.98
C ALA C 322 -5.59 -34.49 9.31
N GLU C 323 -6.42 -35.18 10.07
CA GLU C 323 -7.25 -36.23 9.55
C GLU C 323 -8.61 -36.16 10.21
N GLU C 324 -9.65 -36.21 9.39
CA GLU C 324 -11.05 -36.18 9.82
C GLU C 324 -11.77 -37.35 9.23
N ILE C 325 -12.52 -38.09 10.03
CA ILE C 325 -13.29 -39.24 9.59
C ILE C 325 -14.76 -38.95 9.86
N LEU C 326 -15.60 -39.11 8.84
CA LEU C 326 -17.04 -38.87 8.94
C LEU C 326 -17.85 -40.06 8.46
N ASP C 327 -18.99 -40.30 9.12
CA ASP C 327 -19.97 -41.29 8.71
C ASP C 327 -20.79 -40.57 7.67
N VAL C 328 -20.85 -41.12 6.46
CA VAL C 328 -21.59 -40.51 5.34
C VAL C 328 -22.41 -41.61 4.66
N THR C 329 -23.29 -41.23 3.75
CA THR C 329 -24.00 -42.19 2.94
C THR C 329 -23.24 -42.20 1.62
N TYR C 330 -22.60 -43.33 1.28
CA TYR C 330 -21.82 -43.35 0.05
C TYR C 330 -22.09 -44.59 -0.81
N SER C 331 -22.38 -44.34 -2.12
CA SER C 331 -22.65 -45.35 -3.14
C SER C 331 -21.62 -45.41 -4.29
N GLY C 332 -20.74 -46.42 -4.25
CA GLY C 332 -19.75 -46.59 -5.30
C GLY C 332 -18.42 -47.15 -4.89
N ALA C 333 -17.53 -47.26 -5.87
CA ALA C 333 -16.17 -47.75 -5.71
C ALA C 333 -15.32 -46.76 -4.91
N GLU C 334 -14.35 -47.28 -4.15
CA GLU C 334 -13.42 -46.48 -3.36
C GLU C 334 -12.62 -45.56 -4.27
N MET C 335 -12.44 -44.29 -3.83
CA MET C 335 -11.66 -43.33 -4.61
C MET C 335 -11.06 -42.26 -3.72
N GLU C 336 -9.90 -41.75 -4.18
CA GLU C 336 -9.12 -40.70 -3.57
C GLU C 336 -9.19 -39.47 -4.50
N ILE C 337 -9.55 -38.28 -3.97
CA ILE C 337 -9.64 -37.06 -4.79
C ILE C 337 -9.11 -35.85 -4.02
N GLY C 338 -8.34 -35.01 -4.72
CA GLY C 338 -7.77 -33.80 -4.14
C GLY C 338 -8.56 -32.55 -4.47
N PHE C 339 -8.67 -31.64 -3.51
CA PHE C 339 -9.37 -30.37 -3.68
C PHE C 339 -8.67 -29.25 -2.96
N ASN C 340 -8.84 -28.02 -3.48
CA ASN C 340 -8.40 -26.83 -2.79
C ASN C 340 -9.51 -26.67 -1.72
N VAL C 341 -9.15 -26.79 -0.43
CA VAL C 341 -10.11 -26.75 0.69
C VAL C 341 -10.90 -25.41 0.77
N SER C 342 -10.30 -24.29 0.35
CA SER C 342 -11.00 -22.98 0.34
C SER C 342 -12.20 -23.00 -0.59
N TYR C 343 -12.05 -23.62 -1.77
CA TYR C 343 -13.17 -23.73 -2.74
C TYR C 343 -14.31 -24.57 -2.19
N VAL C 344 -13.97 -25.61 -1.42
CA VAL C 344 -14.97 -26.51 -0.84
C VAL C 344 -15.69 -25.78 0.28
N LEU C 345 -14.93 -25.09 1.14
CA LEU C 345 -15.47 -24.32 2.27
C LEU C 345 -16.39 -23.20 1.77
N ASP C 346 -16.01 -22.53 0.67
CA ASP C 346 -16.83 -21.47 0.05
C ASP C 346 -18.19 -22.01 -0.31
N VAL C 347 -18.24 -23.21 -0.93
CA VAL C 347 -19.48 -23.88 -1.32
C VAL C 347 -20.31 -24.24 -0.10
N LEU C 348 -19.71 -24.92 0.88
CA LEU C 348 -20.41 -25.34 2.10
C LEU C 348 -20.96 -24.16 2.88
N ASN C 349 -20.22 -23.04 2.91
CA ASN C 349 -20.69 -21.80 3.53
C ASN C 349 -21.85 -21.17 2.76
N ALA C 350 -21.87 -21.33 1.43
CA ALA C 350 -22.95 -20.82 0.60
C ALA C 350 -24.22 -21.67 0.73
N LEU C 351 -24.06 -22.98 0.99
CA LEU C 351 -25.19 -23.89 1.15
C LEU C 351 -25.66 -23.80 2.59
N LYS C 352 -26.78 -23.13 2.80
CA LYS C 352 -27.34 -23.01 4.13
C LYS C 352 -28.38 -24.12 4.23
N CYS C 353 -27.90 -25.36 4.44
CA CYS C 353 -28.74 -26.54 4.52
C CYS C 353 -28.27 -27.55 5.56
N GLU C 354 -29.05 -28.63 5.72
CA GLU C 354 -28.75 -29.71 6.67
C GLU C 354 -27.88 -30.79 6.03
N ASN C 355 -28.24 -31.25 4.82
CA ASN C 355 -27.49 -32.28 4.11
C ASN C 355 -26.98 -31.83 2.75
N VAL C 356 -25.82 -32.36 2.37
CA VAL C 356 -25.13 -32.02 1.14
C VAL C 356 -24.91 -33.27 0.33
N ARG C 357 -25.07 -33.14 -1.01
CA ARG C 357 -24.82 -34.22 -1.96
C ARG C 357 -23.59 -33.83 -2.79
N MET C 358 -22.74 -34.82 -3.05
CA MET C 358 -21.54 -34.68 -3.87
C MET C 358 -21.60 -35.77 -4.94
N MET C 359 -21.54 -35.35 -6.20
CA MET C 359 -21.58 -36.25 -7.35
C MET C 359 -20.20 -36.27 -7.98
N LEU C 360 -19.59 -37.44 -8.01
CA LEU C 360 -18.24 -37.65 -8.51
C LEU C 360 -18.19 -38.73 -9.60
N THR C 361 -17.10 -38.72 -10.37
CA THR C 361 -16.83 -39.73 -11.38
C THR C 361 -15.49 -40.34 -10.99
N ASP C 362 -14.38 -39.63 -11.22
CA ASP C 362 -13.03 -40.10 -10.86
C ASP C 362 -12.19 -38.98 -10.27
N SER C 363 -10.92 -39.27 -9.92
CA SER C 363 -9.99 -38.35 -9.29
C SER C 363 -9.55 -37.15 -10.14
N VAL C 364 -9.80 -37.18 -11.46
CA VAL C 364 -9.37 -36.11 -12.35
C VAL C 364 -10.55 -35.33 -12.94
N SER C 365 -11.77 -35.68 -12.55
CA SER C 365 -12.95 -35.02 -13.12
C SER C 365 -13.68 -34.13 -12.14
N SER C 366 -14.44 -33.14 -12.67
CA SER C 366 -15.20 -32.17 -11.88
C SER C 366 -16.18 -32.83 -10.91
N VAL C 367 -16.47 -32.16 -9.79
CA VAL C 367 -17.38 -32.68 -8.80
C VAL C 367 -18.48 -31.68 -8.61
N GLN C 368 -19.72 -32.17 -8.56
CA GLN C 368 -20.88 -31.32 -8.35
C GLN C 368 -21.33 -31.44 -6.92
N ILE C 369 -21.52 -30.30 -6.28
CA ILE C 369 -21.95 -30.20 -4.89
C ILE C 369 -23.25 -29.40 -4.85
N GLU C 370 -24.25 -29.90 -4.15
CA GLU C 370 -25.53 -29.23 -4.00
C GLU C 370 -26.22 -29.68 -2.73
N ASP C 371 -27.28 -28.95 -2.36
CA ASP C 371 -28.12 -29.35 -1.24
C ASP C 371 -28.67 -30.71 -1.66
N ALA C 372 -28.70 -31.67 -0.73
CA ALA C 372 -29.24 -33.00 -1.02
C ALA C 372 -30.73 -32.95 -1.24
N ALA C 373 -31.36 -31.88 -0.74
CA ALA C 373 -32.79 -31.66 -0.78
C ALA C 373 -33.28 -30.84 -1.99
N SER C 374 -32.48 -29.85 -2.43
CA SER C 374 -32.80 -28.92 -3.51
C SER C 374 -31.88 -29.06 -4.74
N GLN C 375 -32.38 -28.63 -5.90
CA GLN C 375 -31.61 -28.59 -7.14
C GLN C 375 -31.58 -27.15 -7.71
N SER C 376 -32.05 -26.16 -6.90
CA SER C 376 -32.05 -24.73 -7.23
C SER C 376 -30.64 -24.19 -7.45
N ALA C 377 -29.65 -24.68 -6.69
CA ALA C 377 -28.27 -24.25 -6.84
C ALA C 377 -27.30 -25.42 -6.89
N ALA C 378 -26.42 -25.44 -7.89
CA ALA C 378 -25.40 -26.46 -8.08
C ALA C 378 -24.04 -25.76 -8.12
N TYR C 379 -23.04 -26.42 -7.56
CA TYR C 379 -21.69 -25.91 -7.45
C TYR C 379 -20.76 -26.91 -8.05
N VAL C 380 -19.82 -26.46 -8.87
CA VAL C 380 -18.90 -27.38 -9.51
C VAL C 380 -17.49 -26.96 -9.14
N VAL C 381 -16.71 -27.91 -8.56
CA VAL C 381 -15.32 -27.66 -8.20
C VAL C 381 -14.44 -28.62 -8.98
N MET C 382 -13.42 -28.09 -9.64
CA MET C 382 -12.48 -28.93 -10.36
C MET C 382 -11.46 -29.42 -9.33
N PRO C 383 -11.09 -30.72 -9.35
CA PRO C 383 -10.11 -31.21 -8.36
C PRO C 383 -8.67 -30.77 -8.63
N MET C 384 -7.77 -31.10 -7.69
CA MET C 384 -6.33 -30.87 -7.79
C MET C 384 -5.67 -32.26 -7.93
N ARG C 385 -4.56 -32.34 -8.68
CA ARG C 385 -3.78 -33.57 -8.85
C ARG C 385 -3.08 -33.91 -7.55
N LEU C 386 -3.25 -35.16 -7.09
CA LEU C 386 -2.69 -35.72 -5.86
C LEU C 386 -1.24 -36.17 -6.06
N SER D 19 9.17 -37.88 29.28
CA SER D 19 9.42 -37.95 27.84
C SER D 19 8.15 -38.16 27.02
N HIS D 20 7.05 -38.57 27.66
CA HIS D 20 5.78 -38.81 26.93
C HIS D 20 4.61 -38.10 27.61
N MET D 21 4.73 -36.76 27.69
CA MET D 21 3.69 -35.89 28.20
C MET D 21 2.33 -36.33 27.64
N LYS D 22 1.30 -36.40 28.49
CA LYS D 22 -0.01 -36.79 28.06
C LYS D 22 -1.04 -36.12 28.97
N PHE D 23 -2.10 -35.56 28.39
CA PHE D 23 -3.22 -34.99 29.15
C PHE D 23 -4.49 -35.04 28.33
N THR D 24 -5.62 -34.98 29.02
CA THR D 24 -6.94 -34.93 28.42
C THR D 24 -7.73 -33.91 29.18
N VAL D 25 -8.28 -32.93 28.47
CA VAL D 25 -9.05 -31.82 29.04
C VAL D 25 -10.24 -31.50 28.13
N GLU D 26 -11.26 -30.88 28.71
CA GLU D 26 -12.41 -30.37 28.00
C GLU D 26 -12.00 -29.13 27.25
N ARG D 27 -12.44 -29.00 25.97
CA ARG D 27 -12.22 -27.83 25.13
C ARG D 27 -12.57 -26.55 25.90
N GLU D 28 -13.71 -26.58 26.62
CA GLU D 28 -14.20 -25.41 27.37
C GLU D 28 -13.24 -24.94 28.48
N HIS D 29 -12.37 -25.84 29.00
CA HIS D 29 -11.42 -25.47 30.04
C HIS D 29 -10.06 -25.08 29.45
N LEU D 30 -9.89 -25.32 28.15
CA LEU D 30 -8.65 -25.05 27.46
C LEU D 30 -8.63 -23.76 26.59
N LEU D 31 -9.79 -23.36 26.06
CA LEU D 31 -9.92 -22.21 25.16
C LEU D 31 -9.45 -20.84 25.71
N LYS D 32 -9.94 -20.40 26.89
CA LYS D 32 -9.51 -19.13 27.53
C LYS D 32 -8.00 -19.17 27.82
N PRO D 33 -7.45 -20.22 28.51
CA PRO D 33 -5.99 -20.26 28.71
C PRO D 33 -5.22 -20.11 27.40
N LEU D 34 -5.64 -20.83 26.35
CA LEU D 34 -4.98 -20.77 25.04
C LEU D 34 -4.91 -19.38 24.45
N GLN D 35 -6.04 -18.67 24.48
CA GLN D 35 -6.16 -17.29 23.97
C GLN D 35 -5.27 -16.34 24.78
N GLN D 36 -5.29 -16.46 26.12
CA GLN D 36 -4.48 -15.64 27.02
C GLN D 36 -2.96 -15.78 26.78
N VAL D 37 -2.45 -17.02 26.73
CA VAL D 37 -1.01 -17.25 26.55
C VAL D 37 -0.54 -16.89 25.16
N SER D 38 -1.45 -16.91 24.18
CA SER D 38 -1.08 -16.52 22.83
C SER D 38 -0.88 -15.00 22.65
N GLY D 39 -1.41 -14.21 23.59
CA GLY D 39 -1.29 -12.75 23.65
C GLY D 39 0.08 -12.18 23.28
N PRO D 40 1.19 -12.54 23.96
CA PRO D 40 2.50 -11.94 23.59
C PRO D 40 3.09 -12.31 22.23
N LEU D 41 2.49 -13.27 21.53
CA LEU D 41 3.04 -13.77 20.28
C LEU D 41 2.81 -12.86 19.09
N GLY D 42 3.91 -12.53 18.41
CA GLY D 42 3.90 -11.71 17.21
C GLY D 42 3.44 -12.52 16.01
N GLY D 43 3.01 -11.84 14.96
CA GLY D 43 2.57 -12.50 13.74
C GLY D 43 3.69 -13.18 12.96
N ARG D 44 4.91 -12.61 13.00
CA ARG D 44 6.05 -13.15 12.25
C ARG D 44 7.30 -13.37 13.15
N PRO D 45 7.36 -14.54 13.85
CA PRO D 45 8.50 -14.80 14.74
C PRO D 45 9.84 -14.92 14.01
N THR D 46 10.89 -14.29 14.57
CA THR D 46 12.25 -14.32 13.98
C THR D 46 12.86 -15.70 14.16
N LEU D 47 12.49 -16.36 15.26
CA LEU D 47 12.92 -17.71 15.63
C LEU D 47 11.69 -18.59 15.70
N PRO D 48 11.72 -19.80 15.09
CA PRO D 48 10.52 -20.65 15.13
C PRO D 48 10.00 -20.90 16.56
N ILE D 49 10.85 -21.06 17.59
CA ILE D 49 10.43 -21.34 18.97
C ILE D 49 9.49 -20.25 19.53
N LEU D 50 9.68 -18.99 19.12
CA LEU D 50 8.88 -17.87 19.59
C LEU D 50 7.44 -17.89 19.06
N GLY D 51 7.19 -18.73 18.06
CA GLY D 51 5.85 -18.96 17.55
C GLY D 51 5.15 -20.08 18.31
N ASN D 52 5.87 -20.73 19.24
CA ASN D 52 5.34 -21.87 19.97
C ASN D 52 4.91 -21.57 21.39
N LEU D 53 4.04 -22.43 21.95
CA LEU D 53 3.66 -22.35 23.36
C LEU D 53 4.36 -23.49 24.04
N LEU D 54 4.82 -23.27 25.26
CA LEU D 54 5.42 -24.33 26.09
C LEU D 54 4.27 -25.00 26.85
N LEU D 55 4.19 -26.34 26.75
CA LEU D 55 3.19 -27.14 27.46
C LEU D 55 3.93 -27.99 28.48
N GLN D 56 3.49 -27.97 29.74
CA GLN D 56 4.12 -28.75 30.81
C GLN D 56 3.08 -29.43 31.66
N VAL D 57 3.23 -30.77 31.86
CA VAL D 57 2.34 -31.56 32.72
C VAL D 57 3.17 -32.00 33.94
N ALA D 58 2.72 -31.64 35.13
CA ALA D 58 3.37 -32.01 36.39
C ALA D 58 2.38 -31.86 37.52
N ASP D 59 2.34 -32.84 38.44
CA ASP D 59 1.54 -32.83 39.67
C ASP D 59 0.08 -32.35 39.49
N GLY D 60 -0.67 -33.03 38.62
CA GLY D 60 -2.07 -32.71 38.35
C GLY D 60 -2.36 -31.37 37.68
N THR D 61 -1.34 -30.69 37.14
CA THR D 61 -1.50 -29.39 36.50
C THR D 61 -0.91 -29.33 35.09
N LEU D 62 -1.65 -28.69 34.16
CA LEU D 62 -1.13 -28.38 32.83
C LEU D 62 -0.78 -26.89 32.85
N SER D 63 0.47 -26.56 32.52
CA SER D 63 0.91 -25.17 32.38
C SER D 63 1.15 -24.85 30.89
N LEU D 64 0.64 -23.71 30.45
CA LEU D 64 0.83 -23.21 29.08
C LEU D 64 1.58 -21.88 29.20
N THR D 65 2.65 -21.70 28.41
CA THR D 65 3.44 -20.48 28.44
C THR D 65 3.69 -19.93 27.04
N GLY D 66 3.45 -18.63 26.88
CA GLY D 66 3.72 -17.84 25.68
C GLY D 66 4.66 -16.71 26.03
N THR D 67 5.64 -16.41 25.18
CA THR D 67 6.64 -15.34 25.42
C THR D 67 7.05 -14.58 24.12
N ASP D 68 7.60 -13.37 24.30
CA ASP D 68 8.16 -12.56 23.18
C ASP D 68 9.55 -12.08 23.59
N LEU D 69 10.10 -12.66 24.69
CA LEU D 69 11.40 -12.35 25.32
C LEU D 69 11.32 -11.15 26.30
N GLU D 70 10.34 -10.26 26.14
CA GLU D 70 10.16 -9.07 27.01
C GLU D 70 9.14 -9.39 28.10
N MET D 71 8.05 -10.04 27.68
CA MET D 71 6.97 -10.45 28.57
C MET D 71 6.66 -11.94 28.41
N GLU D 72 5.91 -12.49 29.39
CA GLU D 72 5.53 -13.88 29.41
C GLU D 72 4.16 -13.96 29.99
N MET D 73 3.37 -14.89 29.47
CA MET D 73 2.03 -15.14 29.97
C MET D 73 1.93 -16.66 30.20
N VAL D 74 1.55 -17.03 31.43
CA VAL D 74 1.41 -18.39 31.92
C VAL D 74 -0.03 -18.63 32.34
N ALA D 75 -0.58 -19.79 31.96
CA ALA D 75 -1.92 -20.23 32.38
C ALA D 75 -1.81 -21.64 32.95
N ARG D 76 -2.52 -21.92 34.05
CA ARG D 76 -2.52 -23.23 34.70
C ARG D 76 -3.92 -23.83 34.58
N VAL D 77 -3.99 -25.10 34.19
CA VAL D 77 -5.24 -25.85 34.02
C VAL D 77 -5.15 -27.08 34.91
N ALA D 78 -6.15 -27.29 35.81
CA ALA D 78 -6.19 -28.46 36.67
C ALA D 78 -6.51 -29.69 35.82
N LEU D 79 -5.81 -30.79 36.06
CA LEU D 79 -6.01 -32.03 35.32
C LEU D 79 -6.69 -33.05 36.21
N VAL D 80 -7.88 -33.50 35.82
CA VAL D 80 -8.67 -34.45 36.60
C VAL D 80 -8.67 -35.83 35.95
N GLN D 81 -8.40 -35.90 34.65
CA GLN D 81 -8.35 -37.16 33.93
C GLN D 81 -6.91 -37.71 33.94
N PRO D 82 -6.70 -39.05 33.72
CA PRO D 82 -5.34 -39.58 33.70
C PRO D 82 -4.38 -38.77 32.82
N HIS D 83 -3.17 -38.54 33.32
CA HIS D 83 -2.16 -37.73 32.65
C HIS D 83 -0.77 -38.24 33.00
N GLU D 84 0.18 -37.93 32.14
CA GLU D 84 1.56 -38.34 32.27
C GLU D 84 2.46 -37.11 32.18
N PRO D 85 3.42 -36.96 33.13
CA PRO D 85 4.23 -35.74 33.16
C PRO D 85 5.19 -35.59 31.97
N GLY D 86 5.68 -34.38 31.78
CA GLY D 86 6.60 -34.05 30.69
C GLY D 86 6.30 -32.69 30.08
N ALA D 87 7.01 -32.36 28.99
CA ALA D 87 6.92 -31.05 28.39
C ALA D 87 7.33 -31.03 26.94
N THR D 88 6.77 -30.07 26.19
CA THR D 88 7.09 -29.87 24.77
C THR D 88 6.66 -28.46 24.37
N THR D 89 6.97 -28.06 23.13
CA THR D 89 6.51 -26.78 22.60
C THR D 89 5.78 -27.06 21.32
N VAL D 90 4.70 -26.34 21.09
CA VAL D 90 3.85 -26.57 19.93
C VAL D 90 3.49 -25.24 19.21
N PRO D 91 3.33 -25.20 17.85
CA PRO D 91 2.88 -23.95 17.22
C PRO D 91 1.59 -23.44 17.83
N ALA D 92 1.62 -22.20 18.36
CA ALA D 92 0.50 -21.59 19.09
C ALA D 92 -0.77 -21.39 18.27
N ARG D 93 -0.64 -20.76 17.09
CA ARG D 93 -1.75 -20.44 16.21
C ARG D 93 -2.48 -21.71 15.77
N LYS D 94 -1.73 -22.72 15.29
CA LYS D 94 -2.29 -23.98 14.82
C LYS D 94 -2.99 -24.73 15.94
N PHE D 95 -2.35 -24.83 17.13
CA PHE D 95 -2.94 -25.52 18.26
C PHE D 95 -4.21 -24.82 18.74
N PHE D 96 -4.19 -23.47 18.83
CA PHE D 96 -5.40 -22.72 19.22
C PHE D 96 -6.52 -22.93 18.19
N ASP D 97 -6.21 -22.78 16.88
CA ASP D 97 -7.22 -22.95 15.81
C ASP D 97 -7.87 -24.34 15.84
N ILE D 98 -7.06 -25.39 16.10
CA ILE D 98 -7.55 -26.78 16.18
C ILE D 98 -8.56 -26.88 17.34
N CYS D 99 -8.18 -26.43 18.54
CA CYS D 99 -9.05 -26.51 19.72
C CYS D 99 -10.31 -25.68 19.54
N ARG D 100 -10.16 -24.45 18.97
CA ARG D 100 -11.28 -23.55 18.68
C ARG D 100 -12.24 -24.17 17.64
N GLY D 101 -11.66 -24.84 16.64
CA GLY D 101 -12.40 -25.46 15.55
C GLY D 101 -13.16 -26.72 15.92
N LEU D 102 -12.80 -27.35 17.04
CA LEU D 102 -13.48 -28.55 17.51
C LEU D 102 -14.85 -28.21 18.06
N PRO D 103 -15.84 -29.14 18.04
CA PRO D 103 -17.19 -28.78 18.49
C PRO D 103 -17.32 -28.49 19.98
N GLU D 104 -18.37 -27.75 20.35
CA GLU D 104 -18.65 -27.44 21.75
C GLU D 104 -18.78 -28.73 22.55
N GLY D 105 -18.15 -28.77 23.73
CA GLY D 105 -18.18 -29.94 24.58
C GLY D 105 -17.17 -31.01 24.23
N ALA D 106 -16.26 -30.75 23.26
CA ALA D 106 -15.26 -31.73 22.86
C ALA D 106 -14.24 -31.99 23.97
N GLU D 107 -13.80 -33.24 24.03
CA GLU D 107 -12.74 -33.68 24.93
C GLU D 107 -11.47 -33.71 24.06
N ILE D 108 -10.41 -33.05 24.51
CA ILE D 108 -9.15 -32.95 23.78
C ILE D 108 -8.08 -33.84 24.45
N ALA D 109 -7.65 -34.88 23.75
CA ALA D 109 -6.62 -35.81 24.24
C ALA D 109 -5.33 -35.45 23.54
N VAL D 110 -4.33 -35.09 24.33
CA VAL D 110 -3.02 -34.66 23.81
C VAL D 110 -1.95 -35.67 24.25
N GLN D 111 -1.02 -35.97 23.36
CA GLN D 111 0.02 -36.95 23.66
C GLN D 111 1.29 -36.62 22.86
N LEU D 112 2.43 -36.53 23.52
CA LEU D 112 3.69 -36.38 22.79
C LEU D 112 4.04 -37.80 22.28
N GLU D 113 4.34 -37.91 20.97
CA GLU D 113 4.71 -39.17 20.31
C GLU D 113 6.01 -38.89 19.57
N GLY D 114 7.14 -39.12 20.22
CA GLY D 114 8.44 -38.81 19.61
C GLY D 114 8.63 -37.30 19.49
N GLU D 115 8.77 -36.79 18.27
CA GLU D 115 8.96 -35.34 17.97
C GLU D 115 7.67 -34.68 17.50
N ARG D 116 6.56 -35.42 17.59
CA ARG D 116 5.27 -34.91 17.18
C ARG D 116 4.33 -34.88 18.37
N MET D 117 3.46 -33.86 18.43
CA MET D 117 2.45 -33.80 19.47
C MET D 117 1.13 -34.13 18.77
N LEU D 118 0.42 -35.09 19.32
CA LEU D 118 -0.84 -35.55 18.76
C LEU D 118 -1.98 -34.98 19.52
N VAL D 119 -2.98 -34.49 18.77
CA VAL D 119 -4.21 -33.94 19.35
C VAL D 119 -5.34 -34.79 18.78
N ARG D 120 -6.10 -35.44 19.66
CA ARG D 120 -7.21 -36.30 19.27
C ARG D 120 -8.47 -35.87 19.98
N SER D 121 -9.56 -35.88 19.25
CA SER D 121 -10.90 -35.54 19.73
C SER D 121 -11.85 -36.20 18.78
N GLY D 122 -12.74 -37.05 19.28
CA GLY D 122 -13.69 -37.79 18.46
C GLY D 122 -12.94 -38.59 17.41
N ARG D 123 -13.21 -38.34 16.13
CA ARG D 123 -12.43 -38.99 15.05
C ARG D 123 -11.60 -37.93 14.27
N SER D 124 -11.18 -36.89 14.98
CA SER D 124 -10.32 -35.84 14.45
C SER D 124 -8.96 -36.12 15.07
N ARG D 125 -7.93 -36.13 14.25
CA ARG D 125 -6.54 -36.41 14.61
C ARG D 125 -5.64 -35.32 14.02
N PHE D 126 -4.73 -34.77 14.83
CA PHE D 126 -3.82 -33.71 14.37
C PHE D 126 -2.43 -34.00 14.90
N SER D 127 -1.47 -34.07 13.99
CA SER D 127 -0.07 -34.30 14.32
C SER D 127 0.68 -33.01 14.08
N LEU D 128 1.22 -32.43 15.15
CA LEU D 128 1.93 -31.15 15.11
C LEU D 128 3.42 -31.32 15.29
N SER D 129 4.22 -30.49 14.63
CA SER D 129 5.68 -30.52 14.80
C SER D 129 5.99 -29.87 16.15
N THR D 130 7.07 -30.30 16.80
CA THR D 130 7.40 -29.72 18.09
C THR D 130 8.82 -29.17 18.05
N LEU D 131 9.19 -28.43 19.10
CA LEU D 131 10.57 -28.00 19.34
C LEU D 131 10.85 -28.33 20.84
N PRO D 132 12.07 -28.77 21.22
CA PRO D 132 12.31 -29.16 22.63
C PRO D 132 11.93 -28.10 23.67
N ALA D 133 11.27 -28.54 24.75
CA ALA D 133 10.90 -27.69 25.89
C ALA D 133 12.20 -27.06 26.49
N ALA D 134 13.33 -27.77 26.43
CA ALA D 134 14.64 -27.29 26.90
C ALA D 134 15.10 -26.04 26.17
N ASP D 135 14.62 -25.81 24.94
CA ASP D 135 14.99 -24.67 24.10
C ASP D 135 14.12 -23.47 24.31
N PHE D 136 12.94 -23.66 24.96
CA PHE D 136 12.00 -22.58 25.25
C PHE D 136 12.64 -21.51 26.14
N PRO D 137 12.52 -20.21 25.80
CA PRO D 137 13.13 -19.19 26.67
C PRO D 137 12.64 -19.29 28.11
N ASN D 138 13.58 -19.45 29.06
CA ASN D 138 13.29 -19.56 30.49
C ASN D 138 13.40 -18.17 31.10
N LEU D 139 12.47 -17.84 32.00
CA LEU D 139 12.48 -16.57 32.73
C LEU D 139 13.06 -16.78 34.12
N ASP D 140 14.09 -15.96 34.42
CA ASP D 140 14.83 -15.99 35.68
C ASP D 140 13.96 -15.69 36.88
N ASP D 141 14.10 -16.51 37.92
CA ASP D 141 13.36 -16.30 39.16
C ASP D 141 13.94 -15.06 39.83
N TRP D 142 13.07 -14.26 40.46
CA TRP D 142 13.48 -13.04 41.17
C TRP D 142 12.60 -12.84 42.38
N GLN D 143 13.09 -12.12 43.36
CA GLN D 143 12.30 -11.85 44.55
C GLN D 143 11.70 -10.46 44.48
N SER D 144 10.53 -10.33 45.09
CA SER D 144 9.78 -9.10 45.11
CA SER D 144 9.76 -9.10 45.12
C SER D 144 10.45 -8.06 45.99
N GLU D 145 10.22 -6.80 45.70
CA GLU D 145 10.72 -5.67 46.47
C GLU D 145 9.47 -5.03 47.02
N VAL D 146 8.37 -5.13 46.25
CA VAL D 146 7.08 -4.55 46.56
C VAL D 146 6.00 -5.54 46.17
N GLU D 147 5.07 -5.80 47.10
CA GLU D 147 3.95 -6.68 46.86
C GLU D 147 2.66 -6.09 47.35
N PHE D 148 1.59 -6.27 46.58
CA PHE D 148 0.26 -5.79 46.97
C PHE D 148 -0.82 -6.53 46.20
N THR D 149 -2.03 -6.51 46.74
CA THR D 149 -3.21 -7.13 46.18
C THR D 149 -4.25 -6.04 45.98
N LEU D 150 -4.95 -6.10 44.86
CA LEU D 150 -6.00 -5.15 44.53
C LEU D 150 -7.06 -5.83 43.66
N PRO D 151 -8.32 -5.35 43.64
CA PRO D 151 -9.32 -5.96 42.76
C PRO D 151 -8.96 -5.72 41.28
N GLN D 152 -9.36 -6.65 40.42
CA GLN D 152 -9.17 -6.54 38.97
C GLN D 152 -9.80 -5.24 38.45
N ALA D 153 -11.01 -4.89 38.95
CA ALA D 153 -11.78 -3.72 38.53
C ALA D 153 -11.04 -2.42 38.78
N THR D 154 -10.26 -2.36 39.87
CA THR D 154 -9.44 -1.22 40.21
C THR D 154 -8.26 -1.12 39.22
N MET D 155 -7.52 -2.22 38.99
CA MET D 155 -6.39 -2.26 38.05
C MET D 155 -6.87 -1.97 36.63
N LYS D 156 -8.04 -2.51 36.25
CA LYS D 156 -8.66 -2.30 34.92
C LYS D 156 -8.93 -0.81 34.75
N ARG D 157 -9.61 -0.20 35.74
CA ARG D 157 -9.93 1.22 35.73
C ARG D 157 -8.66 2.06 35.59
N LEU D 158 -7.60 1.76 36.38
CA LEU D 158 -6.31 2.47 36.31
C LEU D 158 -5.68 2.43 34.94
N ILE D 159 -5.76 1.27 34.27
CA ILE D 159 -5.12 1.09 32.98
C ILE D 159 -5.98 1.68 31.86
N GLU D 160 -7.27 1.33 31.84
CA GLU D 160 -8.23 1.82 30.85
C GLU D 160 -8.31 3.33 30.84
N ALA D 161 -8.23 3.95 32.01
CA ALA D 161 -8.31 5.40 32.12
C ALA D 161 -7.09 6.09 31.52
N THR D 162 -5.94 5.41 31.39
CA THR D 162 -4.72 6.11 30.95
C THR D 162 -4.00 5.57 29.72
N GLN D 163 -4.21 4.29 29.36
CA GLN D 163 -3.42 3.59 28.32
C GLN D 163 -3.39 4.28 26.95
N PHE D 164 -4.51 4.91 26.52
CA PHE D 164 -4.58 5.58 25.22
C PHE D 164 -3.56 6.74 25.13
N SER D 165 -3.11 7.29 26.27
CA SER D 165 -2.12 8.37 26.26
C SER D 165 -0.69 7.90 26.18
N MET D 166 -0.42 6.58 26.22
CA MET D 166 0.96 6.08 26.12
C MET D 166 1.49 6.38 24.75
N ALA D 167 2.78 6.65 24.64
CA ALA D 167 3.40 6.80 23.33
C ALA D 167 3.47 5.40 22.68
N HIS D 168 3.51 5.35 21.33
N HIS D 168 3.55 5.35 21.34
CA HIS D 168 3.59 4.10 20.58
CA HIS D 168 3.65 4.06 20.64
C HIS D 168 5.03 3.75 20.20
C HIS D 168 5.10 3.78 20.27
N GLN D 169 5.72 4.64 19.46
CA GLN D 169 7.11 4.44 19.03
C GLN D 169 7.86 5.75 19.17
N ASP D 170 7.79 6.36 20.36
CA ASP D 170 8.50 7.62 20.60
C ASP D 170 9.97 7.31 20.79
N VAL D 171 10.83 8.26 20.41
CA VAL D 171 12.29 8.16 20.55
C VAL D 171 12.65 8.08 22.06
N ARG D 172 11.83 8.74 22.89
CA ARG D 172 11.96 8.73 24.34
C ARG D 172 11.31 7.42 24.74
N TYR D 173 12.09 6.32 24.64
CA TYR D 173 11.68 4.93 24.91
C TYR D 173 10.89 4.75 26.24
N TYR D 174 11.25 5.52 27.29
CA TYR D 174 10.58 5.47 28.60
C TYR D 174 9.10 5.96 28.54
N LEU D 175 8.66 6.55 27.42
CA LEU D 175 7.27 6.98 27.22
C LEU D 175 6.41 5.91 26.56
N ASN D 176 7.06 4.88 25.95
CA ASN D 176 6.39 3.75 25.26
C ASN D 176 6.00 2.74 26.31
N GLY D 177 5.21 3.20 27.24
CA GLY D 177 4.80 2.43 28.40
C GLY D 177 4.05 3.24 29.42
N MET D 178 3.85 2.67 30.59
CA MET D 178 3.05 3.28 31.63
C MET D 178 3.78 3.25 32.95
N LEU D 179 3.72 4.38 33.66
CA LEU D 179 4.33 4.44 34.97
C LEU D 179 3.32 3.91 35.98
N PHE D 180 3.78 3.04 36.87
CA PHE D 180 3.00 2.47 37.96
C PHE D 180 3.71 2.94 39.21
N GLU D 181 3.00 3.73 40.01
CA GLU D 181 3.58 4.34 41.19
C GLU D 181 2.75 4.08 42.41
N THR D 182 3.41 3.57 43.47
CA THR D 182 2.81 3.33 44.78
C THR D 182 3.19 4.51 45.67
N GLU D 183 2.21 5.06 46.38
CA GLU D 183 2.40 6.20 47.29
C GLU D 183 1.29 6.13 48.36
N GLY D 184 1.70 5.99 49.61
CA GLY D 184 0.80 5.86 50.74
C GLY D 184 -0.04 4.61 50.59
N GLU D 185 -1.38 4.79 50.46
CA GLU D 185 -2.34 3.71 50.24
C GLU D 185 -2.84 3.72 48.80
N GLU D 186 -2.17 4.49 47.92
CA GLU D 186 -2.61 4.62 46.53
C GLU D 186 -1.70 4.01 45.51
N LEU D 187 -2.30 3.56 44.41
CA LEU D 187 -1.61 3.10 43.23
C LEU D 187 -2.01 4.09 42.14
N ARG D 188 -1.01 4.62 41.47
CA ARG D 188 -1.15 5.61 40.41
C ARG D 188 -0.58 5.14 39.09
N THR D 189 -1.32 5.42 38.00
CA THR D 189 -0.85 5.16 36.63
C THR D 189 -0.69 6.49 35.91
N VAL D 190 0.41 6.63 35.16
CA VAL D 190 0.70 7.81 34.38
C VAL D 190 1.13 7.35 32.98
N ALA D 191 0.53 7.97 31.97
CA ALA D 191 0.86 7.71 30.57
C ALA D 191 0.89 9.03 29.83
N THR D 192 1.95 9.24 29.03
CA THR D 192 2.09 10.44 28.21
C THR D 192 2.87 10.14 26.93
N ASP D 193 2.58 10.90 25.88
CA ASP D 193 3.28 10.78 24.60
C ASP D 193 4.00 12.08 24.31
N GLY D 194 4.03 13.00 25.27
CA GLY D 194 4.66 14.29 25.09
C GLY D 194 3.76 15.40 24.58
N HIS D 195 2.53 15.07 24.12
CA HIS D 195 1.55 16.05 23.65
C HIS D 195 0.37 16.03 24.63
N ARG D 196 0.03 14.84 25.14
CA ARG D 196 -1.07 14.69 26.09
C ARG D 196 -0.69 13.68 27.17
N LEU D 197 -1.32 13.80 28.33
CA LEU D 197 -1.03 13.01 29.51
C LEU D 197 -2.35 12.57 30.15
N ALA D 198 -2.37 11.36 30.71
CA ALA D 198 -3.47 10.82 31.49
C ALA D 198 -2.87 10.33 32.81
N VAL D 199 -3.56 10.60 33.93
CA VAL D 199 -3.15 10.19 35.29
C VAL D 199 -4.38 9.74 36.06
N CYS D 200 -4.29 8.55 36.69
CA CYS D 200 -5.36 7.99 37.49
C CYS D 200 -4.76 7.43 38.80
N SER D 201 -5.41 7.69 39.93
CA SER D 201 -4.99 7.23 41.26
C SER D 201 -6.15 6.52 41.92
N MET D 202 -5.89 5.35 42.54
CA MET D 202 -6.91 4.56 43.23
C MET D 202 -6.41 4.11 44.60
N PRO D 203 -7.25 4.08 45.66
CA PRO D 203 -6.82 3.53 46.95
C PRO D 203 -6.72 2.00 46.84
N ILE D 204 -5.77 1.38 47.54
CA ILE D 204 -5.64 -0.07 47.48
C ILE D 204 -5.76 -0.72 48.89
N GLY D 205 -6.04 0.08 49.91
CA GLY D 205 -6.21 -0.46 51.26
C GLY D 205 -5.07 -1.31 51.79
N GLN D 206 -3.87 -0.72 51.81
CA GLN D 206 -2.62 -1.31 52.26
C GLN D 206 -1.63 -0.18 52.18
N SER D 207 -0.84 0.00 53.24
CA SER D 207 0.22 0.99 53.27
C SER D 207 1.33 0.44 52.36
N LEU D 208 1.86 1.26 51.47
CA LEU D 208 2.87 0.81 50.51
C LEU D 208 4.12 1.66 50.57
N PRO D 209 5.32 1.09 50.30
CA PRO D 209 6.51 1.94 50.22
C PRO D 209 6.46 2.75 48.92
N SER D 210 7.12 3.92 48.89
CA SER D 210 7.14 4.74 47.69
C SER D 210 7.99 4.07 46.63
N HIS D 211 7.36 3.71 45.52
CA HIS D 211 8.00 3.00 44.43
C HIS D 211 7.37 3.40 43.10
N SER D 212 8.17 3.48 42.05
CA SER D 212 7.70 3.79 40.71
C SER D 212 8.47 3.01 39.68
N VAL D 213 7.75 2.37 38.74
CA VAL D 213 8.31 1.55 37.67
C VAL D 213 7.57 1.83 36.36
N ILE D 214 8.23 1.52 35.23
CA ILE D 214 7.66 1.69 33.90
C ILE D 214 7.47 0.33 33.30
N VAL D 215 6.21 0.03 32.94
CA VAL D 215 5.83 -1.24 32.31
C VAL D 215 5.77 -0.96 30.80
N PRO D 216 6.46 -1.78 29.94
CA PRO D 216 6.38 -1.54 28.48
C PRO D 216 4.93 -1.58 27.98
N ARG D 217 4.63 -0.83 26.90
CA ARG D 217 3.27 -0.71 26.38
C ARG D 217 2.64 -2.05 26.01
N LYS D 218 3.41 -2.97 25.39
CA LYS D 218 2.90 -4.29 25.00
C LYS D 218 2.38 -5.05 26.21
N GLY D 219 3.16 -5.00 27.30
CA GLY D 219 2.84 -5.62 28.58
C GLY D 219 1.63 -5.00 29.24
N VAL D 220 1.54 -3.66 29.20
CA VAL D 220 0.40 -2.91 29.75
C VAL D 220 -0.91 -3.41 29.11
N ILE D 221 -0.91 -3.55 27.78
CA ILE D 221 -2.06 -3.99 27.00
C ILE D 221 -2.42 -5.45 27.38
N GLU D 222 -1.41 -6.35 27.42
CA GLU D 222 -1.62 -7.76 27.82
C GLU D 222 -2.16 -7.92 29.23
N LEU D 223 -1.70 -7.09 30.15
CA LEU D 223 -2.19 -7.10 31.52
C LEU D 223 -3.69 -6.71 31.57
N MET D 224 -4.04 -5.61 30.88
CA MET D 224 -5.41 -5.11 30.78
C MET D 224 -6.35 -6.21 30.22
N ARG D 225 -5.91 -6.94 29.16
CA ARG D 225 -6.72 -7.98 28.50
C ARG D 225 -6.89 -9.25 29.35
N MET D 226 -5.93 -9.51 30.24
CA MET D 226 -5.92 -10.62 31.19
C MET D 226 -7.03 -10.47 32.24
N LEU D 227 -7.45 -9.22 32.54
CA LEU D 227 -8.45 -8.92 33.55
C LEU D 227 -9.88 -9.00 33.01
N ASP D 228 -10.84 -9.36 33.87
CA ASP D 228 -12.26 -9.48 33.50
C ASP D 228 -13.22 -8.81 34.51
N GLY D 229 -12.66 -8.27 35.60
CA GLY D 229 -13.42 -7.58 36.65
C GLY D 229 -14.03 -8.46 37.72
N GLY D 230 -13.81 -9.77 37.62
CA GLY D 230 -14.32 -10.77 38.54
C GLY D 230 -13.80 -10.69 39.97
N ASP D 231 -14.36 -11.55 40.83
CA ASP D 231 -14.06 -11.63 42.26
C ASP D 231 -12.63 -12.07 42.59
N ASN D 232 -11.85 -12.50 41.59
CA ASN D 232 -10.47 -12.90 41.86
C ASN D 232 -9.54 -11.71 42.01
N PRO D 233 -8.88 -11.58 43.17
CA PRO D 233 -7.97 -10.44 43.39
C PRO D 233 -6.76 -10.54 42.48
N LEU D 234 -6.11 -9.41 42.24
CA LEU D 234 -4.89 -9.40 41.45
C LEU D 234 -3.73 -9.20 42.38
N ARG D 235 -2.76 -10.11 42.33
CA ARG D 235 -1.56 -10.06 43.14
C ARG D 235 -0.44 -9.51 42.31
N VAL D 236 0.10 -8.37 42.71
CA VAL D 236 1.20 -7.70 41.99
C VAL D 236 2.50 -7.82 42.77
N GLN D 237 3.57 -8.22 42.08
CA GLN D 237 4.92 -8.33 42.66
C GLN D 237 5.85 -7.49 41.77
N ILE D 238 6.53 -6.53 42.38
CA ILE D 238 7.47 -5.67 41.65
C ILE D 238 8.88 -5.95 42.15
N GLY D 239 9.76 -6.29 41.20
CA GLY D 239 11.18 -6.54 41.45
C GLY D 239 11.97 -5.35 40.98
N SER D 240 13.30 -5.43 41.00
CA SER D 240 14.16 -4.32 40.56
C SER D 240 14.07 -4.07 39.04
N ASN D 241 13.92 -5.16 38.25
CA ASN D 241 13.86 -5.07 36.78
C ASN D 241 12.67 -5.76 36.13
N ASN D 242 11.72 -6.24 36.95
CA ASN D 242 10.57 -6.99 36.45
C ASN D 242 9.33 -6.69 37.27
N ILE D 243 8.16 -6.99 36.67
CA ILE D 243 6.85 -6.95 37.34
C ILE D 243 6.15 -8.30 37.07
N ARG D 244 5.32 -8.72 38.00
CA ARG D 244 4.52 -9.95 37.88
C ARG D 244 3.13 -9.69 38.41
N ALA D 245 2.13 -10.21 37.70
CA ALA D 245 0.74 -10.09 38.11
C ALA D 245 0.06 -11.49 38.08
N HIS D 246 -0.51 -11.91 39.22
CA HIS D 246 -1.24 -13.19 39.38
C HIS D 246 -2.72 -12.92 39.56
N VAL D 247 -3.55 -13.47 38.68
CA VAL D 247 -5.02 -13.43 38.79
C VAL D 247 -5.55 -14.79 38.41
N GLY D 248 -6.24 -15.43 39.34
CA GLY D 248 -6.78 -16.76 39.18
C GLY D 248 -5.70 -17.74 38.72
N ASP D 249 -5.88 -18.31 37.53
CA ASP D 249 -4.94 -19.28 36.98
C ASP D 249 -3.95 -18.66 36.00
N PHE D 250 -3.93 -17.32 35.91
CA PHE D 250 -3.03 -16.60 35.00
C PHE D 250 -1.90 -15.87 35.70
N ILE D 251 -0.72 -15.92 35.09
CA ILE D 251 0.46 -15.22 35.58
C ILE D 251 1.08 -14.43 34.44
N PHE D 252 1.15 -13.11 34.64
CA PHE D 252 1.75 -12.19 33.68
C PHE D 252 3.09 -11.76 34.23
N THR D 253 4.15 -11.83 33.42
CA THR D 253 5.47 -11.33 33.83
C THR D 253 6.00 -10.43 32.75
N SER D 254 6.70 -9.37 33.13
CA SER D 254 7.34 -8.50 32.15
C SER D 254 8.58 -7.87 32.71
N LYS D 255 9.52 -7.61 31.83
CA LYS D 255 10.72 -6.83 32.13
C LYS D 255 10.21 -5.40 32.29
N LEU D 256 10.91 -4.57 33.06
CA LEU D 256 10.51 -3.17 33.18
C LEU D 256 11.33 -2.32 32.20
N VAL D 257 10.84 -1.12 31.88
CA VAL D 257 11.55 -0.20 31.00
C VAL D 257 12.60 0.48 31.89
N ASP D 258 13.87 0.33 31.51
CA ASP D 258 14.97 0.88 32.27
C ASP D 258 15.22 2.34 31.88
N GLY D 259 14.48 3.23 32.53
CA GLY D 259 14.56 4.68 32.32
C GLY D 259 13.88 5.48 33.42
N ARG D 260 13.98 6.81 33.33
CA ARG D 260 13.38 7.72 34.31
C ARG D 260 12.15 8.40 33.70
N PHE D 261 10.98 8.19 34.30
CA PHE D 261 9.73 8.74 33.81
C PHE D 261 9.56 10.22 34.25
N PRO D 262 8.98 11.11 33.41
CA PRO D 262 8.77 12.49 33.86
C PRO D 262 7.73 12.62 34.98
N ASP D 263 7.81 13.73 35.73
CA ASP D 263 6.89 14.04 36.81
C ASP D 263 5.65 14.71 36.22
N TYR D 264 4.50 14.01 36.30
CA TYR D 264 3.21 14.49 35.78
C TYR D 264 2.80 15.85 36.35
N ARG D 265 3.20 16.15 37.59
CA ARG D 265 2.88 17.40 38.28
C ARG D 265 3.37 18.64 37.52
N ARG D 266 4.45 18.49 36.73
CA ARG D 266 5.03 19.57 35.91
C ARG D 266 4.07 20.04 34.80
N VAL D 267 3.13 19.17 34.36
CA VAL D 267 2.27 19.49 33.24
C VAL D 267 0.94 20.11 33.68
N LEU D 268 0.56 19.92 34.95
CA LEU D 268 -0.68 20.43 35.50
C LEU D 268 -0.76 21.96 35.47
N PRO D 269 -1.88 22.55 34.98
CA PRO D 269 -1.99 24.04 34.99
C PRO D 269 -1.76 24.60 36.40
N LYS D 270 -0.86 25.61 36.51
CA LYS D 270 -0.38 26.20 37.76
C LYS D 270 -1.51 26.78 38.65
N ASN D 271 -2.22 27.79 38.14
CA ASN D 271 -3.37 28.41 38.81
C ASN D 271 -4.38 28.72 37.68
N PRO D 272 -5.20 27.73 37.22
CA PRO D 272 -6.14 27.99 36.12
C PRO D 272 -7.21 29.03 36.49
N ASP D 273 -7.32 30.08 35.67
CA ASP D 273 -8.29 31.15 35.89
C ASP D 273 -9.58 30.95 35.08
N LYS D 274 -9.57 30.00 34.15
CA LYS D 274 -10.72 29.76 33.28
C LYS D 274 -11.26 28.35 33.47
N HIS D 275 -12.56 28.25 33.80
CA HIS D 275 -13.20 26.95 34.05
C HIS D 275 -14.42 26.78 33.18
N LEU D 276 -14.45 25.69 32.42
CA LEU D 276 -15.55 25.36 31.52
C LEU D 276 -16.18 24.05 31.96
N GLU D 277 -17.51 24.02 32.01
CA GLU D 277 -18.25 22.81 32.35
C GLU D 277 -19.32 22.59 31.28
N ALA D 278 -19.41 21.36 30.79
CA ALA D 278 -20.34 21.00 29.73
C ALA D 278 -20.66 19.52 29.79
N GLY D 279 -21.79 19.15 29.19
CA GLY D 279 -22.22 17.77 29.08
C GLY D 279 -21.20 17.01 28.24
N CYS D 280 -20.74 15.87 28.74
CA CYS D 280 -19.73 15.04 28.09
C CYS D 280 -20.13 14.60 26.68
N ASP D 281 -21.35 14.06 26.51
CA ASP D 281 -21.80 13.58 25.19
C ASP D 281 -22.01 14.71 24.21
N LEU D 282 -22.53 15.86 24.69
CA LEU D 282 -22.75 17.06 23.87
C LEU D 282 -21.42 17.59 23.30
N LEU D 283 -20.38 17.62 24.14
CA LEU D 283 -19.04 18.05 23.74
C LEU D 283 -18.46 17.06 22.76
N LYS D 284 -18.61 15.76 23.06
CA LYS D 284 -18.07 14.67 22.24
C LYS D 284 -18.64 14.69 20.84
N GLN D 285 -19.97 14.78 20.70
CA GLN D 285 -20.63 14.80 19.40
C GLN D 285 -20.30 16.03 18.57
N ALA D 286 -20.09 17.20 19.22
CA ALA D 286 -19.72 18.44 18.55
C ALA D 286 -18.30 18.37 18.03
N PHE D 287 -17.36 17.85 18.83
CA PHE D 287 -15.97 17.66 18.38
C PHE D 287 -15.89 16.60 17.28
N ALA D 288 -16.68 15.51 17.38
CA ALA D 288 -16.70 14.43 16.37
C ALA D 288 -17.20 14.95 15.03
N ARG D 289 -18.23 15.83 15.00
CA ARG D 289 -18.73 16.39 13.74
C ARG D 289 -17.72 17.42 13.20
N ALA D 290 -17.15 18.28 14.09
CA ALA D 290 -16.17 19.28 13.66
C ALA D 290 -14.92 18.63 13.06
N ALA D 291 -14.48 17.48 13.63
CA ALA D 291 -13.33 16.69 13.18
C ALA D 291 -13.39 16.28 11.71
N ILE D 292 -14.60 16.06 11.17
CA ILE D 292 -14.80 15.70 9.76
C ILE D 292 -14.11 16.70 8.83
N LEU D 293 -14.15 17.98 9.19
CA LEU D 293 -13.58 19.00 8.31
C LEU D 293 -12.27 19.57 8.83
N SER D 294 -11.59 18.82 9.70
CA SER D 294 -10.29 19.19 10.21
C SER D 294 -9.25 18.60 9.25
N ASN D 295 -8.04 19.16 9.24
CA ASN D 295 -6.92 18.64 8.45
C ASN D 295 -6.70 17.17 8.81
N GLU D 296 -6.59 16.29 7.79
CA GLU D 296 -6.43 14.84 7.99
C GLU D 296 -5.19 14.44 8.75
N LYS D 297 -4.10 15.21 8.60
CA LYS D 297 -2.84 14.91 9.28
C LYS D 297 -2.76 15.55 10.68
N PHE D 298 -3.00 16.87 10.77
CA PHE D 298 -2.85 17.65 12.00
C PHE D 298 -4.08 17.70 12.89
N ARG D 299 -5.29 17.47 12.34
CA ARG D 299 -6.54 17.34 13.13
C ARG D 299 -6.85 18.56 14.04
N GLY D 300 -6.37 19.75 13.66
CA GLY D 300 -6.57 20.95 14.46
C GLY D 300 -7.99 21.49 14.47
N VAL D 301 -8.46 21.85 15.65
CA VAL D 301 -9.74 22.51 15.89
C VAL D 301 -9.48 23.77 16.72
N ARG D 302 -10.30 24.80 16.54
CA ARG D 302 -10.22 26.04 17.32
C ARG D 302 -11.41 26.07 18.30
N LEU D 303 -11.13 26.42 19.54
CA LEU D 303 -12.14 26.59 20.58
C LEU D 303 -12.20 28.07 20.91
N TYR D 304 -13.40 28.65 20.86
CA TYR D 304 -13.56 30.03 21.27
C TYR D 304 -14.49 30.00 22.43
N VAL D 305 -13.99 30.42 23.58
CA VAL D 305 -14.78 30.43 24.81
C VAL D 305 -15.20 31.83 25.17
N SER D 306 -16.47 32.01 25.54
CA SER D 306 -17.04 33.29 25.95
C SER D 306 -18.13 33.02 26.95
N GLU D 307 -18.79 34.07 27.49
CA GLU D 307 -19.84 33.91 28.51
C GLU D 307 -20.87 32.85 28.13
N ASN D 308 -20.83 31.74 28.88
CA ASN D 308 -21.66 30.52 28.78
C ASN D 308 -21.78 29.93 27.34
N GLN D 309 -20.72 30.03 26.52
CA GLN D 309 -20.74 29.47 25.17
CA GLN D 309 -20.73 29.53 25.14
C GLN D 309 -19.38 28.97 24.72
N LEU D 310 -19.41 27.88 23.98
CA LEU D 310 -18.24 27.30 23.37
C LEU D 310 -18.50 27.22 21.86
N LYS D 311 -17.58 27.75 21.07
CA LYS D 311 -17.63 27.67 19.61
C LYS D 311 -16.45 26.84 19.15
N ILE D 312 -16.73 25.76 18.42
CA ILE D 312 -15.70 24.88 17.89
C ILE D 312 -15.67 25.04 16.39
N THR D 313 -14.49 25.31 15.82
CA THR D 313 -14.34 25.46 14.38
C THR D 313 -13.21 24.57 13.85
N ALA D 314 -13.38 24.02 12.65
CA ALA D 314 -12.37 23.19 12.00
C ALA D 314 -12.30 23.57 10.54
N ASN D 315 -11.06 23.70 10.00
N ASN D 315 -11.08 23.70 9.99
CA ASN D 315 -10.75 24.04 8.61
CA ASN D 315 -10.88 24.00 8.57
C ASN D 315 -9.77 23.03 8.04
C ASN D 315 -9.75 23.13 8.02
N ASN D 316 -9.83 22.82 6.72
CA ASN D 316 -8.90 21.90 6.07
C ASN D 316 -8.22 22.54 4.85
N PRO D 317 -7.23 21.89 4.19
CA PRO D 317 -6.58 22.55 3.03
C PRO D 317 -7.53 22.88 1.87
N GLU D 318 -8.65 22.13 1.74
CA GLU D 318 -9.68 22.37 0.70
C GLU D 318 -10.52 23.58 1.04
N GLN D 319 -10.22 24.27 2.17
CA GLN D 319 -10.91 25.45 2.69
C GLN D 319 -12.35 25.16 3.13
N GLU D 320 -12.65 23.89 3.48
CA GLU D 320 -13.95 23.50 4.02
C GLU D 320 -13.97 23.89 5.47
N GLU D 321 -15.15 24.13 6.04
CA GLU D 321 -15.23 24.57 7.44
C GLU D 321 -16.39 24.01 8.18
N ALA D 322 -16.15 23.57 9.43
CA ALA D 322 -17.18 23.11 10.34
C ALA D 322 -17.22 24.05 11.52
N GLU D 323 -18.43 24.34 12.01
CA GLU D 323 -18.62 25.20 13.15
C GLU D 323 -19.72 24.63 14.02
N GLU D 324 -19.46 24.54 15.32
CA GLU D 324 -20.38 24.03 16.35
C GLU D 324 -20.47 25.05 17.44
N ILE D 325 -21.68 25.39 17.87
CA ILE D 325 -21.90 26.31 18.98
C ILE D 325 -22.64 25.56 20.08
N LEU D 326 -22.13 25.62 21.31
CA LEU D 326 -22.71 24.92 22.44
C LEU D 326 -22.94 25.85 23.62
N ASP D 327 -24.03 25.60 24.36
CA ASP D 327 -24.32 26.28 25.60
C ASP D 327 -23.53 25.48 26.62
N VAL D 328 -22.64 26.16 27.34
CA VAL D 328 -21.80 25.54 28.38
C VAL D 328 -21.84 26.46 29.61
N THR D 329 -21.26 26.03 30.72
CA THR D 329 -21.11 26.91 31.86
C THR D 329 -19.66 27.39 31.74
N TYR D 330 -19.47 28.68 31.51
CA TYR D 330 -18.12 29.19 31.38
C TYR D 330 -17.94 30.48 32.10
N SER D 331 -16.96 30.52 32.98
CA SER D 331 -16.62 31.73 33.70
C SER D 331 -15.18 32.09 33.34
N GLY D 332 -14.99 33.34 32.95
CA GLY D 332 -13.69 33.85 32.60
C GLY D 332 -13.67 34.69 31.35
N ALA D 333 -12.50 35.25 31.06
CA ALA D 333 -12.26 36.12 29.91
C ALA D 333 -12.32 35.30 28.62
N GLU D 334 -12.77 35.95 27.54
CA GLU D 334 -12.86 35.35 26.21
C GLU D 334 -11.48 34.91 25.74
N MET D 335 -11.39 33.74 25.08
CA MET D 335 -10.12 33.15 24.67
C MET D 335 -10.35 32.23 23.50
N GLU D 336 -9.34 32.17 22.62
CA GLU D 336 -9.26 31.29 21.45
C GLU D 336 -8.09 30.31 21.72
N ILE D 337 -8.35 28.99 21.60
CA ILE D 337 -7.32 27.97 21.83
C ILE D 337 -7.45 26.84 20.82
N GLY D 338 -6.30 26.38 20.31
CA GLY D 338 -6.24 25.30 19.33
C GLY D 338 -5.90 23.96 19.94
N PHE D 339 -6.54 22.89 19.47
CA PHE D 339 -6.29 21.53 19.93
C PHE D 339 -6.33 20.52 18.82
N ASN D 340 -5.61 19.42 18.99
CA ASN D 340 -5.72 18.29 18.09
C ASN D 340 -7.01 17.63 18.58
N VAL D 341 -8.05 17.60 17.72
CA VAL D 341 -9.39 17.07 18.06
C VAL D 341 -9.36 15.59 18.49
N SER D 342 -8.41 14.79 17.95
CA SER D 342 -8.28 13.36 18.33
C SER D 342 -7.93 13.21 19.80
N TYR D 343 -7.01 14.06 20.30
CA TYR D 343 -6.60 14.03 21.72
C TYR D 343 -7.76 14.39 22.61
N VAL D 344 -8.62 15.34 22.17
CA VAL D 344 -9.78 15.78 22.94
C VAL D 344 -10.82 14.66 22.96
N LEU D 345 -11.09 14.06 21.78
CA LEU D 345 -12.03 12.94 21.63
C LEU D 345 -11.61 11.73 22.45
N ASP D 346 -10.28 11.43 22.48
CA ASP D 346 -9.72 10.32 23.26
C ASP D 346 -10.06 10.49 24.72
N VAL D 347 -9.90 11.73 25.24
CA VAL D 347 -10.22 12.06 26.63
C VAL D 347 -11.72 11.89 26.89
N LEU D 348 -12.56 12.52 26.04
CA LEU D 348 -14.02 12.46 26.21
C LEU D 348 -14.54 11.04 26.16
N ASN D 349 -13.95 10.19 25.28
CA ASN D 349 -14.29 8.77 25.20
C ASN D 349 -13.85 8.00 26.44
N ALA D 350 -12.71 8.40 27.05
CA ALA D 350 -12.21 7.75 28.26
C ALA D 350 -13.06 8.14 29.49
N LEU D 351 -13.65 9.36 29.47
CA LEU D 351 -14.50 9.82 30.57
C LEU D 351 -15.90 9.29 30.35
N LYS D 352 -16.28 8.29 31.11
CA LYS D 352 -17.62 7.72 30.96
C LYS D 352 -18.48 8.43 31.99
N CYS D 353 -18.83 9.70 31.70
CA CYS D 353 -19.59 10.52 32.64
C CYS D 353 -20.61 11.41 31.97
N GLU D 354 -21.38 12.16 32.81
CA GLU D 354 -22.42 13.07 32.35
C GLU D 354 -21.84 14.45 32.06
N ASN D 355 -21.03 15.02 32.98
CA ASN D 355 -20.43 16.35 32.83
C ASN D 355 -18.92 16.33 32.88
N VAL D 356 -18.32 17.25 32.13
CA VAL D 356 -16.88 17.38 32.01
C VAL D 356 -16.46 18.79 32.42
N ARG D 357 -15.33 18.89 33.13
CA ARG D 357 -14.72 20.17 33.52
C ARG D 357 -13.41 20.37 32.74
N MET D 358 -13.15 21.59 32.28
CA MET D 358 -11.93 21.98 31.56
C MET D 358 -11.36 23.18 32.26
N MET D 359 -10.09 23.09 32.67
CA MET D 359 -9.36 24.15 33.36
C MET D 359 -8.31 24.69 32.44
N LEU D 360 -8.39 25.97 32.13
CA LEU D 360 -7.51 26.67 31.18
C LEU D 360 -6.86 27.91 31.78
N THR D 361 -5.77 28.35 31.17
CA THR D 361 -5.08 29.59 31.56
C THR D 361 -5.07 30.48 30.30
N ASP D 362 -4.21 30.18 29.33
CA ASP D 362 -4.12 30.95 28.10
C ASP D 362 -4.00 30.04 26.87
N SER D 363 -3.91 30.65 25.67
CA SER D 363 -3.86 29.95 24.39
C SER D 363 -2.60 29.12 24.15
N VAL D 364 -1.55 29.31 24.96
CA VAL D 364 -0.28 28.58 24.76
C VAL D 364 0.01 27.59 25.89
N SER D 365 -0.88 27.49 26.88
CA SER D 365 -0.66 26.63 28.04
C SER D 365 -1.54 25.41 28.07
N SER D 366 -1.08 24.37 28.79
CA SER D 366 -1.77 23.11 28.92
C SER D 366 -3.17 23.26 29.50
N VAL D 367 -4.06 22.33 29.19
CA VAL D 367 -5.44 22.35 29.66
C VAL D 367 -5.72 21.04 30.36
N GLN D 368 -6.38 21.12 31.52
CA GLN D 368 -6.73 19.95 32.28
C GLN D 368 -8.20 19.64 32.09
N ILE D 369 -8.50 18.37 31.77
CA ILE D 369 -9.85 17.88 31.54
C ILE D 369 -10.11 16.74 32.53
N GLU D 370 -11.27 16.78 33.18
CA GLU D 370 -11.69 15.74 34.12
C GLU D 370 -13.20 15.68 34.26
N ASP D 371 -13.70 14.58 34.85
CA ASP D 371 -15.12 14.39 35.14
C ASP D 371 -15.44 15.48 36.17
N ALA D 372 -16.47 16.31 35.90
CA ALA D 372 -16.86 17.42 36.80
C ALA D 372 -17.25 16.90 38.19
N ALA D 373 -17.60 15.60 38.27
CA ALA D 373 -18.05 14.88 39.46
C ALA D 373 -16.99 13.98 40.13
N SER D 374 -15.84 13.73 39.48
CA SER D 374 -14.80 12.86 40.07
C SER D 374 -13.39 13.36 39.74
N GLN D 375 -12.48 13.26 40.72
CA GLN D 375 -11.10 13.71 40.56
C GLN D 375 -10.09 12.54 40.54
N SER D 376 -10.59 11.28 40.49
CA SER D 376 -9.69 10.10 40.45
C SER D 376 -8.82 10.04 39.18
N ALA D 377 -9.34 10.52 38.02
CA ALA D 377 -8.62 10.59 36.75
C ALA D 377 -8.50 12.03 36.30
N ALA D 378 -7.36 12.39 35.69
CA ALA D 378 -7.15 13.74 35.18
C ALA D 378 -6.43 13.62 33.87
N TYR D 379 -6.76 14.51 32.93
CA TYR D 379 -6.19 14.48 31.58
C TYR D 379 -5.61 15.81 31.25
N VAL D 380 -4.40 15.83 30.68
CA VAL D 380 -3.79 17.10 30.31
C VAL D 380 -3.47 17.07 28.83
N VAL D 381 -3.96 18.08 28.08
CA VAL D 381 -3.70 18.19 26.64
C VAL D 381 -2.98 19.48 26.37
N MET D 382 -1.86 19.40 25.66
CA MET D 382 -1.12 20.61 25.29
C MET D 382 -1.78 21.16 24.02
N PRO D 383 -2.02 22.48 23.93
CA PRO D 383 -2.67 23.03 22.74
C PRO D 383 -1.76 23.08 21.50
N MET D 384 -2.36 23.44 20.36
CA MET D 384 -1.69 23.68 19.10
C MET D 384 -1.73 25.18 18.84
N ARG D 385 -0.67 25.69 18.20
CA ARG D 385 -0.51 27.08 17.78
C ARG D 385 -1.60 27.41 16.75
N LEU D 386 -2.29 28.54 16.93
CA LEU D 386 -3.35 29.00 16.01
C LEU D 386 -2.80 29.96 14.96
N GLN E 2 14.65 14.55 18.82
CA GLN E 2 14.77 15.78 18.01
C GLN E 2 14.29 17.05 18.71
N ASP E 4 13.51 21.16 18.68
CA ASP E 4 13.00 22.13 17.72
C ASP E 4 13.94 23.31 17.65
N LEU E 5 14.06 23.90 16.45
CA LEU E 5 14.79 25.15 16.29
C LEU E 5 13.96 26.20 17.05
N LEU E 7 12.34 28.92 16.78
CA LEU E 7 11.80 29.86 15.77
C LEU E 7 10.88 30.91 16.41
N GLN F 2 -11.62 -8.25 -26.18
CA GLN F 2 -10.44 -9.12 -26.29
C GLN F 2 -10.77 -10.60 -26.40
N ASP F 4 -9.76 -14.65 -26.56
CA ASP F 4 -8.79 -15.55 -25.94
C ASP F 4 -8.05 -16.33 -27.00
N LEU F 5 -6.77 -16.60 -26.78
CA LEU F 5 -6.02 -17.53 -27.62
C LEU F 5 -6.64 -18.93 -27.34
N LEU F 7 -6.05 -21.87 -26.30
CA LEU F 7 -5.04 -22.67 -25.61
C LEU F 7 -5.58 -24.05 -25.20
N GLN G 2 -3.77 -27.77 -9.42
CA GLN G 2 -5.15 -27.37 -9.71
C GLN G 2 -5.50 -27.51 -11.19
N ASP G 4 -8.07 -26.97 -14.47
CA ASP G 4 -9.02 -25.96 -14.93
C ASP G 4 -10.35 -26.57 -15.24
N LEU G 5 -11.44 -25.82 -15.05
CA LEU G 5 -12.77 -26.24 -15.50
C LEU G 5 -12.70 -26.15 -17.05
N LEU G 7 -14.02 -24.81 -19.64
CA LEU G 7 -14.93 -23.74 -20.04
C LEU G 7 -14.92 -23.52 -21.56
N GLN H 2 1.21 21.81 17.01
CA GLN H 2 1.29 21.10 18.29
C GLN H 2 2.47 21.52 19.18
N ASP H 4 4.72 21.02 22.73
CA ASP H 4 5.15 19.92 23.59
C ASP H 4 4.79 20.18 25.02
N LEU H 5 4.43 19.11 25.75
CA LEU H 5 4.22 19.20 27.19
C LEU H 5 5.62 19.46 27.78
N LEU H 7 7.80 18.33 29.80
CA LEU H 7 8.18 17.16 30.61
C LEU H 7 9.62 17.27 31.12
#